data_3SZX
# 
_entry.id   3SZX 
# 
_audit_conform.dict_name       mmcif_pdbx.dic 
_audit_conform.dict_version    5.387 
_audit_conform.dict_location   http://mmcif.pdb.org/dictionaries/ascii/mmcif_pdbx.dic 
# 
loop_
_database_2.database_id 
_database_2.database_code 
_database_2.pdbx_database_accession 
_database_2.pdbx_DOI 
PDB   3SZX         pdb_00003szx 10.2210/pdb3szx/pdb 
NDB   NA1253       ?            ?                   
RCSB  RCSB066861   ?            ?                   
WWPDB D_1000066861 ?            ?                   
# 
loop_
_pdbx_audit_revision_history.ordinal 
_pdbx_audit_revision_history.data_content_type 
_pdbx_audit_revision_history.major_revision 
_pdbx_audit_revision_history.minor_revision 
_pdbx_audit_revision_history.revision_date 
1 'Structure model' 1 0 2012-04-25 
2 'Structure model' 1 1 2024-02-28 
# 
_pdbx_audit_revision_details.ordinal             1 
_pdbx_audit_revision_details.revision_ordinal    1 
_pdbx_audit_revision_details.data_content_type   'Structure model' 
_pdbx_audit_revision_details.provider            repository 
_pdbx_audit_revision_details.type                'Initial release' 
_pdbx_audit_revision_details.description         ? 
_pdbx_audit_revision_details.details             ? 
# 
loop_
_pdbx_audit_revision_group.ordinal 
_pdbx_audit_revision_group.revision_ordinal 
_pdbx_audit_revision_group.data_content_type 
_pdbx_audit_revision_group.group 
1 2 'Structure model' 'Data collection'     
2 2 'Structure model' 'Database references' 
# 
loop_
_pdbx_audit_revision_category.ordinal 
_pdbx_audit_revision_category.revision_ordinal 
_pdbx_audit_revision_category.data_content_type 
_pdbx_audit_revision_category.category 
1 2 'Structure model' chem_comp_atom 
2 2 'Structure model' chem_comp_bond 
3 2 'Structure model' database_2     
# 
loop_
_pdbx_audit_revision_item.ordinal 
_pdbx_audit_revision_item.revision_ordinal 
_pdbx_audit_revision_item.data_content_type 
_pdbx_audit_revision_item.item 
1 2 'Structure model' '_database_2.pdbx_DOI'                
2 2 'Structure model' '_database_2.pdbx_database_accession' 
# 
_pdbx_database_status.status_code                     REL 
_pdbx_database_status.entry_id                        3SZX 
_pdbx_database_status.recvd_initial_deposition_date   2011-07-19 
_pdbx_database_status.deposit_site                    RCSB 
_pdbx_database_status.process_site                    RCSB 
_pdbx_database_status.status_code_sf                  REL 
_pdbx_database_status.status_code_mr                  ? 
_pdbx_database_status.SG_entry                        ? 
_pdbx_database_status.status_code_cs                  ? 
_pdbx_database_status.methods_development_category    ? 
_pdbx_database_status.pdb_format_compatible           Y 
_pdbx_database_status.status_code_nmr_data            ? 
# 
_pdbx_database_related.db_name        PDB 
_pdbx_database_related.db_id          3SYW 
_pdbx_database_related.details        'The same CUG repeat RNA with different structure' 
_pdbx_database_related.content_type   unspecified 
# 
loop_
_audit_author.name 
_audit_author.pdbx_ordinal 
'Kumar, A.'     1 
'Park, H.'      2 
'Pengfei, F.'   3 
'Parkesh, R.'   4 
'Guo, M.'       5 
'Nettles, K.W.' 6 
'Disney, M.D.'  7 
# 
_citation.id                        primary 
_citation.title                     
'Crystal Structure of the Triplet Repeat in Myotonic Dystrophy Reveals Heterogeneous 1x1 Nucleotide UU Internal Loop Conformations' 
_citation.journal_abbrev            Biochemistry 
_citation.journal_volume            50 
_citation.page_first                9928 
_citation.page_last                 9935 
_citation.year                      2011 
_citation.journal_id_ASTM           BICHAW 
_citation.country                   US 
_citation.journal_id_ISSN           0006-2960 
_citation.journal_id_CSD            0033 
_citation.book_publisher            ? 
_citation.pdbx_database_id_PubMed   21988728 
_citation.pdbx_database_id_DOI      10.1021/bi2013068 
# 
loop_
_citation_author.citation_id 
_citation_author.name 
_citation_author.ordinal 
_citation_author.identifier_ORCID 
primary 'Kumar, A.'     1 ? 
primary 'Park, H.'      2 ? 
primary 'Fang, P.'      3 ? 
primary 'Parkesh, R.'   4 ? 
primary 'Guo, M.'       5 ? 
primary 'Nettles, K.W.' 6 ? 
primary 'Disney, M.D.'  7 ? 
# 
loop_
_entity.id 
_entity.type 
_entity.src_method 
_entity.pdbx_description 
_entity.formula_weight 
_entity.pdbx_number_of_molecules 
_entity.pdbx_ec 
_entity.pdbx_mutation 
_entity.pdbx_fragment 
_entity.details 
1 polymer syn 
;RNA (5'-R(P*UP*UP*GP*GP*GP*CP*CP*UP*GP*CP*UP*GP*CP*UP*GP*GP*UP*CP*C)-3')
;
6039.569 2  ? ? ? RNA 
2 water   nat water                                                                      18.015   48 ? ? ? ?   
# 
_entity_poly.entity_id                      1 
_entity_poly.type                           polyribonucleotide 
_entity_poly.nstd_linkage                   no 
_entity_poly.nstd_monomer                   no 
_entity_poly.pdbx_seq_one_letter_code       UUGGGCCUGCUGCUGGUCC 
_entity_poly.pdbx_seq_one_letter_code_can   UUGGGCCUGCUGCUGGUCC 
_entity_poly.pdbx_strand_id                 A,B 
_entity_poly.pdbx_target_identifier         ? 
# 
_pdbx_entity_nonpoly.entity_id   2 
_pdbx_entity_nonpoly.name        water 
_pdbx_entity_nonpoly.comp_id     HOH 
# 
loop_
_entity_poly_seq.entity_id 
_entity_poly_seq.num 
_entity_poly_seq.mon_id 
_entity_poly_seq.hetero 
1 1  U n 
1 2  U n 
1 3  G n 
1 4  G n 
1 5  G n 
1 6  C n 
1 7  C n 
1 8  U n 
1 9  G n 
1 10 C n 
1 11 U n 
1 12 G n 
1 13 C n 
1 14 U n 
1 15 G n 
1 16 G n 
1 17 U n 
1 18 C n 
1 19 C n 
# 
_pdbx_entity_src_syn.entity_id              1 
_pdbx_entity_src_syn.pdbx_src_id            1 
_pdbx_entity_src_syn.pdbx_alt_source_flag   sample 
_pdbx_entity_src_syn.pdbx_beg_seq_num       ? 
_pdbx_entity_src_syn.pdbx_end_seq_num       ? 
_pdbx_entity_src_syn.organism_scientific    ? 
_pdbx_entity_src_syn.organism_common_name   ? 
_pdbx_entity_src_syn.ncbi_taxonomy_id       ? 
_pdbx_entity_src_syn.details                Polyribonucleotide 
# 
loop_
_chem_comp.id 
_chem_comp.type 
_chem_comp.mon_nstd_flag 
_chem_comp.name 
_chem_comp.pdbx_synonyms 
_chem_comp.formula 
_chem_comp.formula_weight 
C   'RNA linking' y "CYTIDINE-5'-MONOPHOSPHATE"  ? 'C9 H14 N3 O8 P'  323.197 
G   'RNA linking' y "GUANOSINE-5'-MONOPHOSPHATE" ? 'C10 H14 N5 O8 P' 363.221 
HOH non-polymer   . WATER                        ? 'H2 O'            18.015  
U   'RNA linking' y "URIDINE-5'-MONOPHOSPHATE"   ? 'C9 H13 N2 O9 P'  324.181 
# 
loop_
_pdbx_poly_seq_scheme.asym_id 
_pdbx_poly_seq_scheme.entity_id 
_pdbx_poly_seq_scheme.seq_id 
_pdbx_poly_seq_scheme.mon_id 
_pdbx_poly_seq_scheme.ndb_seq_num 
_pdbx_poly_seq_scheme.pdb_seq_num 
_pdbx_poly_seq_scheme.auth_seq_num 
_pdbx_poly_seq_scheme.pdb_mon_id 
_pdbx_poly_seq_scheme.auth_mon_id 
_pdbx_poly_seq_scheme.pdb_strand_id 
_pdbx_poly_seq_scheme.pdb_ins_code 
_pdbx_poly_seq_scheme.hetero 
A 1 1  U 1  1  1  U U A . n 
A 1 2  U 2  2  2  U U A . n 
A 1 3  G 3  3  3  G G A . n 
A 1 4  G 4  4  4  G G A . n 
A 1 5  G 5  5  5  G G A . n 
A 1 6  C 6  6  6  C C A . n 
A 1 7  C 7  7  7  C C A . n 
A 1 8  U 8  8  8  U U A . n 
A 1 9  G 9  9  9  G G A . n 
A 1 10 C 10 10 10 C C A . n 
A 1 11 U 11 11 11 U U A . n 
A 1 12 G 12 12 12 G G A . n 
A 1 13 C 13 13 13 C C A . n 
A 1 14 U 14 14 14 U U A . n 
A 1 15 G 15 15 15 G G A . n 
A 1 16 G 16 16 16 G G A . n 
A 1 17 U 17 17 17 U U A . n 
A 1 18 C 18 18 18 C C A . n 
A 1 19 C 19 19 19 C C A . n 
B 1 1  U 1  1  1  U U B . n 
B 1 2  U 2  2  2  U U B . n 
B 1 3  G 3  3  3  G G B . n 
B 1 4  G 4  4  4  G G B . n 
B 1 5  G 5  5  5  G G B . n 
B 1 6  C 6  6  6  C C B . n 
B 1 7  C 7  7  7  C C B . n 
B 1 8  U 8  8  8  U U B . n 
B 1 9  G 9  9  9  G G B . n 
B 1 10 C 10 10 10 C C B . n 
B 1 11 U 11 11 11 U U B . n 
B 1 12 G 12 12 12 G G B . n 
B 1 13 C 13 13 13 C C B . n 
B 1 14 U 14 14 14 U U B . n 
B 1 15 G 15 15 15 G G B . n 
B 1 16 G 16 16 16 G G B . n 
B 1 17 U 17 17 17 U U B . n 
B 1 18 C 18 18 18 C C B . n 
B 1 19 C 19 19 19 C C B . n 
# 
loop_
_pdbx_nonpoly_scheme.asym_id 
_pdbx_nonpoly_scheme.entity_id 
_pdbx_nonpoly_scheme.mon_id 
_pdbx_nonpoly_scheme.ndb_seq_num 
_pdbx_nonpoly_scheme.pdb_seq_num 
_pdbx_nonpoly_scheme.auth_seq_num 
_pdbx_nonpoly_scheme.pdb_mon_id 
_pdbx_nonpoly_scheme.auth_mon_id 
_pdbx_nonpoly_scheme.pdb_strand_id 
_pdbx_nonpoly_scheme.pdb_ins_code 
C 2 HOH 1  20 1  HOH HOH A . 
C 2 HOH 2  21 21 HOH HOH A . 
C 2 HOH 3  22 5  HOH HOH A . 
C 2 HOH 4  23 23 HOH HOH A . 
C 2 HOH 5  24 6  HOH HOH A . 
C 2 HOH 6  25 25 HOH HOH A . 
C 2 HOH 7  26 10 HOH HOH A . 
C 2 HOH 8  27 27 HOH HOH A . 
C 2 HOH 9  28 11 HOH HOH A . 
C 2 HOH 10 29 29 HOH HOH A . 
C 2 HOH 11 30 30 HOH HOH A . 
C 2 HOH 12 31 12 HOH HOH A . 
C 2 HOH 13 32 13 HOH HOH A . 
C 2 HOH 14 33 33 HOH HOH A . 
C 2 HOH 15 34 34 HOH HOH A . 
C 2 HOH 16 35 35 HOH HOH A . 
C 2 HOH 17 36 14 HOH HOH A . 
C 2 HOH 18 37 16 HOH HOH A . 
C 2 HOH 19 38 38 HOH HOH A . 
C 2 HOH 20 39 17 HOH HOH A . 
C 2 HOH 21 41 41 HOH HOH A . 
C 2 HOH 22 42 42 HOH HOH A . 
C 2 HOH 23 44 44 HOH HOH A . 
C 2 HOH 24 45 45 HOH HOH A . 
C 2 HOH 25 46 46 HOH HOH A . 
C 2 HOH 26 47 47 HOH HOH A . 
D 2 HOH 1  20 20 HOH HOH B . 
D 2 HOH 2  21 2  HOH HOH B . 
D 2 HOH 3  22 22 HOH HOH B . 
D 2 HOH 4  23 3  HOH HOH B . 
D 2 HOH 5  24 24 HOH HOH B . 
D 2 HOH 6  25 4  HOH HOH B . 
D 2 HOH 7  26 26 HOH HOH B . 
D 2 HOH 8  27 7  HOH HOH B . 
D 2 HOH 9  28 28 HOH HOH B . 
D 2 HOH 10 29 8  HOH HOH B . 
D 2 HOH 11 30 9  HOH HOH B . 
D 2 HOH 12 31 31 HOH HOH B . 
D 2 HOH 13 32 32 HOH HOH B . 
D 2 HOH 14 33 15 HOH HOH B . 
D 2 HOH 15 34 18 HOH HOH B . 
D 2 HOH 16 35 19 HOH HOH B . 
D 2 HOH 17 36 36 HOH HOH B . 
D 2 HOH 18 37 37 HOH HOH B . 
D 2 HOH 19 39 39 HOH HOH B . 
D 2 HOH 20 40 40 HOH HOH B . 
D 2 HOH 21 43 43 HOH HOH B . 
D 2 HOH 22 48 48 HOH HOH B . 
# 
loop_
_software.name 
_software.classification 
_software.version 
_software.citation_id 
_software.pdbx_ordinal 
Blu-Ice   'data collection' .                          ? 1 
PHASER    phasing           .                          ? 2 
PHENIX    refinement        '(phenix.refine: 1.7_650)' ? 3 
HKL-2000  'data reduction'  .                          ? 4 
SCALEPACK 'data scaling'    .                          ? 5 
# 
_cell.entry_id           3SZX 
_cell.length_a           39.505 
_cell.length_b           39.505 
_cell.length_c           155.887 
_cell.angle_alpha        90.00 
_cell.angle_beta         90.00 
_cell.angle_gamma        120.00 
_cell.Z_PDB              18 
_cell.pdbx_unique_axis   ? 
_cell.length_a_esd       ? 
_cell.length_b_esd       ? 
_cell.length_c_esd       ? 
_cell.angle_alpha_esd    ? 
_cell.angle_beta_esd     ? 
_cell.angle_gamma_esd    ? 
# 
_symmetry.entry_id                         3SZX 
_symmetry.space_group_name_H-M             'H 3' 
_symmetry.pdbx_full_space_group_name_H-M   ? 
_symmetry.cell_setting                     ? 
_symmetry.Int_Tables_number                146 
_symmetry.space_group_name_Hall            ? 
# 
_exptl.entry_id          3SZX 
_exptl.method            'X-RAY DIFFRACTION' 
_exptl.crystals_number   1 
# 
_exptl_crystal.id                    1 
_exptl_crystal.density_meas          ? 
_exptl_crystal.density_Matthews      1.94 
_exptl_crystal.density_percent_sol   36.53 
_exptl_crystal.description           ? 
_exptl_crystal.F_000                 ? 
_exptl_crystal.preparation           ? 
# 
_exptl_crystal_grow.crystal_id      1 
_exptl_crystal_grow.method          'VAPOR DIFFUSION, SITTING DROP' 
_exptl_crystal_grow.temp            291 
_exptl_crystal_grow.temp_details    ? 
_exptl_crystal_grow.pH              6.0 
_exptl_crystal_grow.pdbx_details    
'10 mM magnesium sulfate, 50 mM sodium cacodylate, 1.8 M lithium sulfate , pH 6.0, VAPOR DIFFUSION, SITTING DROP, temperature 291K' 
_exptl_crystal_grow.pdbx_pH_range   ? 
# 
_diffrn.id                     1 
_diffrn.ambient_temp           100 
_diffrn.ambient_temp_details   ? 
_diffrn.crystal_id             1 
# 
_diffrn_detector.diffrn_id              1 
_diffrn_detector.detector               CCD 
_diffrn_detector.type                   'MARMOSAIC 325 mm CCD' 
_diffrn_detector.pdbx_collection_date   2011-01-09 
_diffrn_detector.details                'Rh coated flat mirror, toroidal focusing mirror' 
# 
_diffrn_radiation.diffrn_id                        1 
_diffrn_radiation.wavelength_id                    1 
_diffrn_radiation.pdbx_monochromatic_or_laue_m_l   M 
_diffrn_radiation.monochromator                    'Double crystal monochromator' 
_diffrn_radiation.pdbx_diffrn_protocol             'SINGLE WAVELENGTH' 
_diffrn_radiation.pdbx_scattering_type             x-ray 
# 
_diffrn_radiation_wavelength.id           1 
_diffrn_radiation_wavelength.wavelength   0.97855 
_diffrn_radiation_wavelength.wt           1.0 
# 
_diffrn_source.diffrn_id                   1 
_diffrn_source.source                      SYNCHROTRON 
_diffrn_source.type                        'SSRL BEAMLINE BL9-2' 
_diffrn_source.pdbx_synchrotron_site       SSRL 
_diffrn_source.pdbx_synchrotron_beamline   BL9-2 
_diffrn_source.pdbx_wavelength             ? 
_diffrn_source.pdbx_wavelength_list        0.97855 
# 
_reflns.entry_id                     3SZX 
_reflns.observed_criterion_sigma_I   0 
_reflns.observed_criterion_sigma_F   0 
_reflns.d_resolution_low             33.41 
_reflns.d_resolution_high            2.20 
_reflns.number_obs                   4571 
_reflns.number_all                   4571 
_reflns.percent_possible_obs         99.8 
_reflns.pdbx_Rmerge_I_obs            ? 
_reflns.pdbx_Rsym_value              ? 
_reflns.pdbx_netI_over_sigmaI        ? 
_reflns.B_iso_Wilson_estimate        ? 
_reflns.pdbx_redundancy              ? 
_reflns.R_free_details               ? 
_reflns.limit_h_max                  ? 
_reflns.limit_h_min                  ? 
_reflns.limit_k_max                  ? 
_reflns.limit_k_min                  ? 
_reflns.limit_l_max                  ? 
_reflns.limit_l_min                  ? 
_reflns.observed_criterion_F_max     ? 
_reflns.observed_criterion_F_min     ? 
_reflns.pdbx_chi_squared             ? 
_reflns.pdbx_scaling_rejects         ? 
_reflns.pdbx_ordinal                 1 
_reflns.pdbx_diffrn_id               1 
# 
loop_
_reflns_shell.d_res_high 
_reflns_shell.d_res_low 
_reflns_shell.percent_possible_all 
_reflns_shell.Rmerge_I_obs 
_reflns_shell.pdbx_Rsym_value 
_reflns_shell.meanI_over_sigI_obs 
_reflns_shell.pdbx_redundancy 
_reflns_shell.percent_possible_obs 
_reflns_shell.number_unique_all 
_reflns_shell.number_measured_all 
_reflns_shell.number_measured_obs 
_reflns_shell.number_unique_obs 
_reflns_shell.pdbx_chi_squared 
_reflns_shell.pdbx_ordinal 
_reflns_shell.pdbx_diffrn_id 
3.76 4.74 99.8  ? ? ? ? ? ? ? ? ? ? 1 1 
3.29 3.76 99.5  ? ? ? ? ? ? ? ? ? ? 2 1 
2.99 3.29 99.2  ? ? ? ? ? ? ? ? ? ? 3 1 
2.77 2.99 99.6  ? ? ? ? ? ? ? ? ? ? 4 1 
2.61 2.77 99.8  ? ? ? ? ? ? ? ? ? ? 5 1 
2.48 2.61 100.0 ? ? ? ? ? ? ? ? ? ? 6 1 
2.37 2.48 100.0 ? ? ? ? ? ? ? ? ? ? 7 1 
2.28 2.37 100.0 ? ? ? ? ? ? ? ? ? ? 8 1 
2.20 2.28 99.8  ? ? ? ? ? ? ? ? ? ? 9 1 
# 
_refine.entry_id                                 3SZX 
_refine.ls_number_reflns_obs                     4175 
_refine.ls_number_reflns_all                     4175 
_refine.pdbx_ls_sigma_I                          ? 
_refine.pdbx_ls_sigma_F                          0.13 
_refine.pdbx_data_cutoff_high_absF               ? 
_refine.pdbx_data_cutoff_low_absF                ? 
_refine.pdbx_data_cutoff_high_rms_absF           ? 
_refine.ls_d_res_low                             33.41 
_refine.ls_d_res_high                            2.204 
_refine.ls_percent_reflns_obs                    91.12 
_refine.ls_R_factor_obs                          0.2274 
_refine.ls_R_factor_all                          ? 
_refine.ls_R_factor_R_work                       0.2223 
_refine.ls_R_factor_R_free                       0.2708 
_refine.ls_R_factor_R_free_error                 ? 
_refine.ls_R_factor_R_free_error_details         ? 
_refine.ls_percent_reflns_R_free                 10.25 
_refine.ls_number_reflns_R_free                  428 
_refine.ls_number_parameters                     ? 
_refine.ls_number_restraints                     ? 
_refine.occupancy_min                            ? 
_refine.occupancy_max                            ? 
_refine.correlation_coeff_Fo_to_Fc               ? 
_refine.correlation_coeff_Fo_to_Fc_free          ? 
_refine.B_iso_mean                               ? 
_refine.aniso_B[1][1]                            -5.1983 
_refine.aniso_B[2][2]                            -5.1983 
_refine.aniso_B[3][3]                            10.3966 
_refine.aniso_B[1][2]                            -0.0000 
_refine.aniso_B[1][3]                            0.0000 
_refine.aniso_B[2][3]                            0.0000 
_refine.solvent_model_details                    'FLAT BULK SOLVENT MODEL' 
_refine.solvent_model_param_ksol                 0.462 
_refine.solvent_model_param_bsol                 42.097 
_refine.pdbx_solvent_vdw_probe_radii             0.30 
_refine.pdbx_solvent_ion_probe_radii             ? 
_refine.pdbx_solvent_shrinkage_radii             0.05 
_refine.pdbx_ls_cross_valid_method               ? 
_refine.details                                  ? 
_refine.pdbx_starting_model                      ? 
_refine.pdbx_method_to_determine_struct          'MOLECULAR REPLACEMENT' 
_refine.pdbx_isotropic_thermal_model             ? 
_refine.pdbx_stereochemistry_target_values       ML 
_refine.pdbx_stereochem_target_val_spec_case     ? 
_refine.pdbx_R_Free_selection_details            random 
_refine.pdbx_overall_ESU_R_Free                  ? 
_refine.overall_SU_ML                            0.32 
_refine.pdbx_overall_phase_error                 35.20 
_refine.overall_SU_B                             ? 
_refine.overall_SU_R_Cruickshank_DPI             ? 
_refine.ls_redundancy_reflns_obs                 ? 
_refine.B_iso_min                                ? 
_refine.B_iso_max                                ? 
_refine.overall_SU_R_free                        ? 
_refine.ls_wR_factor_R_free                      ? 
_refine.ls_wR_factor_R_work                      ? 
_refine.overall_FOM_free_R_set                   ? 
_refine.overall_FOM_work_R_set                   ? 
_refine.pdbx_diffrn_id                           1 
_refine.pdbx_refine_id                           'X-RAY DIFFRACTION' 
_refine.pdbx_overall_ESU_R                       ? 
_refine.pdbx_TLS_residual_ADP_flag               ? 
_refine.pdbx_overall_SU_R_free_Cruickshank_DPI   ? 
_refine.pdbx_overall_SU_R_Blow_DPI               ? 
_refine.pdbx_overall_SU_R_free_Blow_DPI          ? 
# 
_refine_hist.pdbx_refine_id                   'X-RAY DIFFRACTION' 
_refine_hist.cycle_id                         LAST 
_refine_hist.pdbx_number_atoms_protein        0 
_refine_hist.pdbx_number_atoms_nucleic_acid   802 
_refine_hist.pdbx_number_atoms_ligand         0 
_refine_hist.number_atoms_solvent             48 
_refine_hist.number_atoms_total               850 
_refine_hist.d_res_high                       2.204 
_refine_hist.d_res_low                        33.41 
# 
loop_
_refine_ls_restr.type 
_refine_ls_restr.dev_ideal 
_refine_ls_restr.dev_ideal_target 
_refine_ls_restr.weight 
_refine_ls_restr.number 
_refine_ls_restr.pdbx_restraint_function 
_refine_ls_restr.pdbx_refine_id 
f_bond_d           0.024  ? ? 890  ? 'X-RAY DIFFRACTION' 
f_angle_d          2.150  ? ? 1382 ? 'X-RAY DIFFRACTION' 
f_dihedral_angle_d 14.533 ? ? 450  ? 'X-RAY DIFFRACTION' 
f_chiral_restr     0.087  ? ? 190  ? 'X-RAY DIFFRACTION' 
f_plane_restr      0.013  ? ? 38   ? 'X-RAY DIFFRACTION' 
# 
loop_
_refine_ls_shell.pdbx_total_number_of_bins_used 
_refine_ls_shell.d_res_high 
_refine_ls_shell.d_res_low 
_refine_ls_shell.number_reflns_R_work 
_refine_ls_shell.R_factor_R_work 
_refine_ls_shell.percent_reflns_obs 
_refine_ls_shell.R_factor_R_free 
_refine_ls_shell.R_factor_R_free_error 
_refine_ls_shell.percent_reflns_R_free 
_refine_ls_shell.number_reflns_R_free 
_refine_ls_shell.number_reflns_all 
_refine_ls_shell.R_factor_all 
_refine_ls_shell.number_reflns_obs 
_refine_ls_shell.redundancy_reflns_obs 
_refine_ls_shell.pdbx_refine_id 
. 2.2043 2.5231  1132 0.2981 84.00 0.3406 . . 134 . . . . 'X-RAY DIFFRACTION' 
. 2.5231 3.1785  1282 0.2591 93.00 0.3426 . . 150 . . . . 'X-RAY DIFFRACTION' 
. 3.1785 33.4208 1333 0.1862 96.00 0.2217 . . 144 . . . . 'X-RAY DIFFRACTION' 
# 
_struct.entry_id                  3SZX 
_struct.title                     
'Crystal Structure of the Triplet Repeat in Myotonic Dystrophy Reveals Heterogeneous 1x1 Nucleotide UU Internal Loop Conformations' 
_struct.pdbx_model_details        ? 
_struct.pdbx_CASP_flag            ? 
_struct.pdbx_model_type_details   ? 
# 
_struct_keywords.entry_id        3SZX 
_struct_keywords.pdbx_keywords   RNA 
_struct_keywords.text            'CUG Repeat RNA, RNA' 
# 
loop_
_struct_asym.id 
_struct_asym.pdbx_blank_PDB_chainid_flag 
_struct_asym.pdbx_modified 
_struct_asym.entity_id 
_struct_asym.details 
A N N 1 ? 
B N N 1 ? 
C N N 2 ? 
D N N 2 ? 
# 
_struct_ref.id                         1 
_struct_ref.db_name                    PDB 
_struct_ref.db_code                    3SZX 
_struct_ref.pdbx_db_accession          3SZX 
_struct_ref.entity_id                  1 
_struct_ref.pdbx_align_begin           ? 
_struct_ref.pdbx_seq_one_letter_code   ? 
_struct_ref.pdbx_db_isoform            ? 
# 
loop_
_struct_ref_seq.align_id 
_struct_ref_seq.ref_id 
_struct_ref_seq.pdbx_PDB_id_code 
_struct_ref_seq.pdbx_strand_id 
_struct_ref_seq.seq_align_beg 
_struct_ref_seq.pdbx_seq_align_beg_ins_code 
_struct_ref_seq.seq_align_end 
_struct_ref_seq.pdbx_seq_align_end_ins_code 
_struct_ref_seq.pdbx_db_accession 
_struct_ref_seq.db_align_beg 
_struct_ref_seq.pdbx_db_align_beg_ins_code 
_struct_ref_seq.db_align_end 
_struct_ref_seq.pdbx_db_align_end_ins_code 
_struct_ref_seq.pdbx_auth_seq_align_beg 
_struct_ref_seq.pdbx_auth_seq_align_end 
1 1 3SZX A 1 ? 19 ? 3SZX 1 ? 19 ? 1 19 
2 1 3SZX B 1 ? 19 ? 3SZX 1 ? 19 ? 1 19 
# 
_pdbx_struct_assembly.id                   1 
_pdbx_struct_assembly.details              author_and_software_defined_assembly 
_pdbx_struct_assembly.method_details       PISA 
_pdbx_struct_assembly.oligomeric_details   dimeric 
_pdbx_struct_assembly.oligomeric_count     2 
# 
loop_
_pdbx_struct_assembly_prop.biol_id 
_pdbx_struct_assembly_prop.type 
_pdbx_struct_assembly_prop.value 
_pdbx_struct_assembly_prop.details 
1 'ABSA (A^2)' 1680 ? 
1 MORE         -17  ? 
1 'SSA (A^2)'  7180 ? 
# 
_pdbx_struct_assembly_gen.assembly_id       1 
_pdbx_struct_assembly_gen.oper_expression   1 
_pdbx_struct_assembly_gen.asym_id_list      A,B,C,D 
# 
_pdbx_struct_oper_list.id                   1 
_pdbx_struct_oper_list.type                 'identity operation' 
_pdbx_struct_oper_list.name                 1_555 
_pdbx_struct_oper_list.symmetry_operation   x,y,z 
_pdbx_struct_oper_list.matrix[1][1]         1.0000000000 
_pdbx_struct_oper_list.matrix[1][2]         0.0000000000 
_pdbx_struct_oper_list.matrix[1][3]         0.0000000000 
_pdbx_struct_oper_list.vector[1]            0.0000000000 
_pdbx_struct_oper_list.matrix[2][1]         0.0000000000 
_pdbx_struct_oper_list.matrix[2][2]         1.0000000000 
_pdbx_struct_oper_list.matrix[2][3]         0.0000000000 
_pdbx_struct_oper_list.vector[2]            0.0000000000 
_pdbx_struct_oper_list.matrix[3][1]         0.0000000000 
_pdbx_struct_oper_list.matrix[3][2]         0.0000000000 
_pdbx_struct_oper_list.matrix[3][3]         1.0000000000 
_pdbx_struct_oper_list.vector[3]            0.0000000000 
# 
_struct_biol.id        1 
_struct_biol.details   ? 
# 
loop_
_struct_conn.id 
_struct_conn.conn_type_id 
_struct_conn.pdbx_leaving_atom_flag 
_struct_conn.pdbx_PDB_id 
_struct_conn.ptnr1_label_asym_id 
_struct_conn.ptnr1_label_comp_id 
_struct_conn.ptnr1_label_seq_id 
_struct_conn.ptnr1_label_atom_id 
_struct_conn.pdbx_ptnr1_label_alt_id 
_struct_conn.pdbx_ptnr1_PDB_ins_code 
_struct_conn.pdbx_ptnr1_standard_comp_id 
_struct_conn.ptnr1_symmetry 
_struct_conn.ptnr2_label_asym_id 
_struct_conn.ptnr2_label_comp_id 
_struct_conn.ptnr2_label_seq_id 
_struct_conn.ptnr2_label_atom_id 
_struct_conn.pdbx_ptnr2_label_alt_id 
_struct_conn.pdbx_ptnr2_PDB_ins_code 
_struct_conn.ptnr1_auth_asym_id 
_struct_conn.ptnr1_auth_comp_id 
_struct_conn.ptnr1_auth_seq_id 
_struct_conn.ptnr2_auth_asym_id 
_struct_conn.ptnr2_auth_comp_id 
_struct_conn.ptnr2_auth_seq_id 
_struct_conn.ptnr2_symmetry 
_struct_conn.pdbx_ptnr3_label_atom_id 
_struct_conn.pdbx_ptnr3_label_seq_id 
_struct_conn.pdbx_ptnr3_label_comp_id 
_struct_conn.pdbx_ptnr3_label_asym_id 
_struct_conn.pdbx_ptnr3_label_alt_id 
_struct_conn.pdbx_ptnr3_PDB_ins_code 
_struct_conn.details 
_struct_conn.pdbx_dist_value 
_struct_conn.pdbx_value_order 
_struct_conn.pdbx_role 
hydrog1  hydrog ? ? A G 3  N1 ? ? ? 1_555 B C 19 N3 ? ? A G 3  B C 19 1_555 ? ? ? ? ? ? WATSON-CRICK  ? ? ? 
hydrog2  hydrog ? ? A G 3  N2 ? ? ? 1_555 B C 19 O2 ? ? A G 3  B C 19 1_555 ? ? ? ? ? ? WATSON-CRICK  ? ? ? 
hydrog3  hydrog ? ? A G 3  O6 ? ? ? 1_555 B C 19 N4 ? ? A G 3  B C 19 1_555 ? ? ? ? ? ? WATSON-CRICK  ? ? ? 
hydrog4  hydrog ? ? A G 4  N1 ? ? ? 1_555 B C 18 N3 ? ? A G 4  B C 18 1_555 ? ? ? ? ? ? WATSON-CRICK  ? ? ? 
hydrog5  hydrog ? ? A G 4  N2 ? ? ? 1_555 B C 18 O2 ? ? A G 4  B C 18 1_555 ? ? ? ? ? ? WATSON-CRICK  ? ? ? 
hydrog6  hydrog ? ? A G 4  O6 ? ? ? 1_555 B C 18 N4 ? ? A G 4  B C 18 1_555 ? ? ? ? ? ? WATSON-CRICK  ? ? ? 
hydrog7  hydrog ? ? A G 5  N1 ? ? ? 1_555 B U 17 O2 ? ? A G 5  B U 17 1_555 ? ? ? ? ? ? TYPE_28_PAIR  ? ? ? 
hydrog8  hydrog ? ? A G 5  O6 ? ? ? 1_555 B U 17 N3 ? ? A G 5  B U 17 1_555 ? ? ? ? ? ? TYPE_28_PAIR  ? ? ? 
hydrog9  hydrog ? ? A C 6  N3 ? ? ? 1_555 B G 16 N1 ? ? A C 6  B G 16 1_555 ? ? ? ? ? ? WATSON-CRICK  ? ? ? 
hydrog10 hydrog ? ? A C 6  N4 ? ? ? 1_555 B G 16 O6 ? ? A C 6  B G 16 1_555 ? ? ? ? ? ? WATSON-CRICK  ? ? ? 
hydrog11 hydrog ? ? A C 6  O2 ? ? ? 1_555 B G 16 N2 ? ? A C 6  B G 16 1_555 ? ? ? ? ? ? WATSON-CRICK  ? ? ? 
hydrog12 hydrog ? ? A C 7  N3 ? ? ? 1_555 B G 15 N1 ? ? A C 7  B G 15 1_555 ? ? ? ? ? ? WATSON-CRICK  ? ? ? 
hydrog13 hydrog ? ? A C 7  N4 ? ? ? 1_555 B G 15 O6 ? ? A C 7  B G 15 1_555 ? ? ? ? ? ? WATSON-CRICK  ? ? ? 
hydrog14 hydrog ? ? A C 7  O2 ? ? ? 1_555 B G 15 N2 ? ? A C 7  B G 15 1_555 ? ? ? ? ? ? WATSON-CRICK  ? ? ? 
hydrog15 hydrog ? ? A U 8  N3 ? ? ? 1_555 B U 14 O4 ? ? A U 8  B U 14 1_555 ? ? ? ? ? ? 'U-U MISPAIR' ? ? ? 
hydrog16 hydrog ? ? A G 9  N1 ? ? ? 1_555 B C 13 N3 ? ? A G 9  B C 13 1_555 ? ? ? ? ? ? WATSON-CRICK  ? ? ? 
hydrog17 hydrog ? ? A G 9  N2 ? ? ? 1_555 B C 13 O2 ? ? A G 9  B C 13 1_555 ? ? ? ? ? ? WATSON-CRICK  ? ? ? 
hydrog18 hydrog ? ? A G 9  O6 ? ? ? 1_555 B C 13 N4 ? ? A G 9  B C 13 1_555 ? ? ? ? ? ? WATSON-CRICK  ? ? ? 
hydrog19 hydrog ? ? A C 10 N3 ? ? ? 1_555 B G 12 N1 ? ? A C 10 B G 12 1_555 ? ? ? ? ? ? WATSON-CRICK  ? ? ? 
hydrog20 hydrog ? ? A C 10 N4 ? ? ? 1_555 B G 12 O6 ? ? A C 10 B G 12 1_555 ? ? ? ? ? ? WATSON-CRICK  ? ? ? 
hydrog21 hydrog ? ? A C 10 O2 ? ? ? 1_555 B G 12 N2 ? ? A C 10 B G 12 1_555 ? ? ? ? ? ? WATSON-CRICK  ? ? ? 
hydrog22 hydrog ? ? A G 12 N1 ? ? ? 1_555 B C 10 N3 ? ? A G 12 B C 10 1_555 ? ? ? ? ? ? WATSON-CRICK  ? ? ? 
hydrog23 hydrog ? ? A G 12 N2 ? ? ? 1_555 B C 10 O2 ? ? A G 12 B C 10 1_555 ? ? ? ? ? ? WATSON-CRICK  ? ? ? 
hydrog24 hydrog ? ? A G 12 O6 ? ? ? 1_555 B C 10 N4 ? ? A G 12 B C 10 1_555 ? ? ? ? ? ? WATSON-CRICK  ? ? ? 
hydrog25 hydrog ? ? A C 13 N3 ? ? ? 1_555 B G 9  N1 ? ? A C 13 B G 9  1_555 ? ? ? ? ? ? WATSON-CRICK  ? ? ? 
hydrog26 hydrog ? ? A C 13 N4 ? ? ? 1_555 B G 9  O6 ? ? A C 13 B G 9  1_555 ? ? ? ? ? ? WATSON-CRICK  ? ? ? 
hydrog27 hydrog ? ? A C 13 O2 ? ? ? 1_555 B G 9  N2 ? ? A C 13 B G 9  1_555 ? ? ? ? ? ? WATSON-CRICK  ? ? ? 
hydrog28 hydrog ? ? A G 15 N1 ? ? ? 1_555 B C 7  N3 ? ? A G 15 B C 7  1_555 ? ? ? ? ? ? WATSON-CRICK  ? ? ? 
hydrog29 hydrog ? ? A G 15 N2 ? ? ? 1_555 B C 7  O2 ? ? A G 15 B C 7  1_555 ? ? ? ? ? ? WATSON-CRICK  ? ? ? 
hydrog30 hydrog ? ? A G 15 O6 ? ? ? 1_555 B C 7  N4 ? ? A G 15 B C 7  1_555 ? ? ? ? ? ? WATSON-CRICK  ? ? ? 
hydrog31 hydrog ? ? A G 16 N1 ? ? ? 1_555 B C 6  N3 ? ? A G 16 B C 6  1_555 ? ? ? ? ? ? WATSON-CRICK  ? ? ? 
hydrog32 hydrog ? ? A G 16 N2 ? ? ? 1_555 B C 6  O2 ? ? A G 16 B C 6  1_555 ? ? ? ? ? ? WATSON-CRICK  ? ? ? 
hydrog33 hydrog ? ? A G 16 O6 ? ? ? 1_555 B C 6  N4 ? ? A G 16 B C 6  1_555 ? ? ? ? ? ? WATSON-CRICK  ? ? ? 
hydrog34 hydrog ? ? A U 17 N3 ? ? ? 1_555 B G 5  O6 ? ? A U 17 B G 5  1_555 ? ? ? ? ? ? TYPE_28_PAIR  ? ? ? 
hydrog35 hydrog ? ? A U 17 O2 ? ? ? 1_555 B G 5  N1 ? ? A U 17 B G 5  1_555 ? ? ? ? ? ? TYPE_28_PAIR  ? ? ? 
hydrog36 hydrog ? ? A C 18 N3 ? ? ? 1_555 B G 4  N1 ? ? A C 18 B G 4  1_555 ? ? ? ? ? ? WATSON-CRICK  ? ? ? 
hydrog37 hydrog ? ? A C 18 N4 ? ? ? 1_555 B G 4  O6 ? ? A C 18 B G 4  1_555 ? ? ? ? ? ? WATSON-CRICK  ? ? ? 
hydrog38 hydrog ? ? A C 18 O2 ? ? ? 1_555 B G 4  N2 ? ? A C 18 B G 4  1_555 ? ? ? ? ? ? WATSON-CRICK  ? ? ? 
hydrog39 hydrog ? ? A C 19 N3 ? ? ? 1_555 B G 3  N1 ? ? A C 19 B G 3  1_555 ? ? ? ? ? ? WATSON-CRICK  ? ? ? 
hydrog40 hydrog ? ? A C 19 N4 ? ? ? 1_555 B G 3  O6 ? ? A C 19 B G 3  1_555 ? ? ? ? ? ? WATSON-CRICK  ? ? ? 
hydrog41 hydrog ? ? A C 19 O2 ? ? ? 1_555 B G 3  N2 ? ? A C 19 B G 3  1_555 ? ? ? ? ? ? WATSON-CRICK  ? ? ? 
# 
_struct_conn_type.id          hydrog 
_struct_conn_type.criteria    ? 
_struct_conn_type.reference   ? 
# 
loop_
_pdbx_validate_close_contact.id 
_pdbx_validate_close_contact.PDB_model_num 
_pdbx_validate_close_contact.auth_atom_id_1 
_pdbx_validate_close_contact.auth_asym_id_1 
_pdbx_validate_close_contact.auth_comp_id_1 
_pdbx_validate_close_contact.auth_seq_id_1 
_pdbx_validate_close_contact.PDB_ins_code_1 
_pdbx_validate_close_contact.label_alt_id_1 
_pdbx_validate_close_contact.auth_atom_id_2 
_pdbx_validate_close_contact.auth_asym_id_2 
_pdbx_validate_close_contact.auth_comp_id_2 
_pdbx_validate_close_contact.auth_seq_id_2 
_pdbx_validate_close_contact.PDB_ins_code_2 
_pdbx_validate_close_contact.label_alt_id_2 
_pdbx_validate_close_contact.dist 
1 1 H21 A G 15 ? ? O2 B C 7  ? ? 1.55 
2 1 H21 A G 4  ? ? O2 B C 18 ? ? 1.57 
# 
loop_
_pdbx_validate_symm_contact.id 
_pdbx_validate_symm_contact.PDB_model_num 
_pdbx_validate_symm_contact.auth_atom_id_1 
_pdbx_validate_symm_contact.auth_asym_id_1 
_pdbx_validate_symm_contact.auth_comp_id_1 
_pdbx_validate_symm_contact.auth_seq_id_1 
_pdbx_validate_symm_contact.PDB_ins_code_1 
_pdbx_validate_symm_contact.label_alt_id_1 
_pdbx_validate_symm_contact.site_symmetry_1 
_pdbx_validate_symm_contact.auth_atom_id_2 
_pdbx_validate_symm_contact.auth_asym_id_2 
_pdbx_validate_symm_contact.auth_comp_id_2 
_pdbx_validate_symm_contact.auth_seq_id_2 
_pdbx_validate_symm_contact.PDB_ins_code_2 
_pdbx_validate_symm_contact.label_alt_id_2 
_pdbx_validate_symm_contact.site_symmetry_2 
_pdbx_validate_symm_contact.dist 
1 1 OP2 B U 1 ? ? 1_555 "O3'" B C 19 ? ? 6_555 1.86 
2 1 P   A U 1 ? ? 1_555 "O3'" A C 19 ? ? 8_544 2.03 
# 
loop_
_pdbx_validate_rmsd_bond.id 
_pdbx_validate_rmsd_bond.PDB_model_num 
_pdbx_validate_rmsd_bond.auth_atom_id_1 
_pdbx_validate_rmsd_bond.auth_asym_id_1 
_pdbx_validate_rmsd_bond.auth_comp_id_1 
_pdbx_validate_rmsd_bond.auth_seq_id_1 
_pdbx_validate_rmsd_bond.PDB_ins_code_1 
_pdbx_validate_rmsd_bond.label_alt_id_1 
_pdbx_validate_rmsd_bond.auth_atom_id_2 
_pdbx_validate_rmsd_bond.auth_asym_id_2 
_pdbx_validate_rmsd_bond.auth_comp_id_2 
_pdbx_validate_rmsd_bond.auth_seq_id_2 
_pdbx_validate_rmsd_bond.PDB_ins_code_2 
_pdbx_validate_rmsd_bond.label_alt_id_2 
_pdbx_validate_rmsd_bond.bond_value 
_pdbx_validate_rmsd_bond.bond_target_value 
_pdbx_validate_rmsd_bond.bond_deviation 
_pdbx_validate_rmsd_bond.bond_standard_deviation 
_pdbx_validate_rmsd_bond.linker_flag 
1  1 C2    A G 3  ? ? N3    A G 3  ? ? 1.407 1.323 0.084  0.008 N 
2  1 C4    A G 3  ? ? C5    A G 3  ? ? 1.435 1.379 0.056  0.007 N 
3  1 C5    A G 3  ? ? C6    A G 3  ? ? 1.498 1.419 0.079  0.010 N 
4  1 N7    A G 3  ? ? C8    A G 3  ? ? 1.369 1.305 0.064  0.006 N 
5  1 N9    A G 3  ? ? C4    A G 3  ? ? 1.426 1.375 0.051  0.008 N 
6  1 C6    A G 3  ? ? O6    A G 3  ? ? 1.314 1.237 0.077  0.009 N 
7  1 N1    A G 4  ? ? C2    A G 4  ? ? 1.435 1.373 0.062  0.008 N 
8  1 C2    A G 4  ? ? N3    A G 4  ? ? 1.383 1.323 0.060  0.008 N 
9  1 C6    A G 4  ? ? N1    A G 4  ? ? 1.437 1.391 0.046  0.007 N 
10 1 N1    A G 5  ? ? C2    A G 5  ? ? 1.428 1.373 0.055  0.008 N 
11 1 N7    A G 5  ? ? C8    A G 5  ? ? 1.356 1.305 0.051  0.006 N 
12 1 N9    A G 5  ? ? C4    A G 5  ? ? 1.425 1.375 0.050  0.008 N 
13 1 N1    A C 7  ? ? C6    A C 7  ? ? 1.413 1.367 0.046  0.006 N 
14 1 C4    A C 7  ? ? C5    A C 7  ? ? 1.474 1.425 0.049  0.008 N 
15 1 C5    A C 7  ? ? C6    A C 7  ? ? 1.410 1.339 0.071  0.008 N 
16 1 C4    A U 11 ? ? O4    A U 11 ? ? 1.283 1.232 0.051  0.008 N 
17 1 N1    A U 11 ? ? C2    A U 11 ? ? 1.457 1.381 0.076  0.009 N 
18 1 C6    A G 12 ? ? N1    A G 12 ? ? 1.470 1.391 0.079  0.007 N 
19 1 C6    A G 12 ? ? O6    A G 12 ? ? 1.302 1.237 0.065  0.009 N 
20 1 N1    A G 15 ? ? C2    A G 15 ? ? 1.441 1.373 0.068  0.008 N 
21 1 C6    A G 15 ? ? N1    A G 15 ? ? 1.457 1.391 0.066  0.007 N 
22 1 C2    A G 16 ? ? N3    A G 16 ? ? 1.386 1.323 0.063  0.008 N 
23 1 C5    A G 16 ? ? N7    A G 16 ? ? 1.428 1.388 0.040  0.006 N 
24 1 N9    A G 16 ? ? C4    A G 16 ? ? 1.424 1.375 0.049  0.008 N 
25 1 C2    A C 19 ? ? O2    A C 19 ? ? 1.184 1.240 -0.056 0.009 N 
26 1 C4    B U 2  ? ? O4    B U 2  ? ? 1.290 1.232 0.058  0.008 N 
27 1 N1    B U 2  ? ? C2    B U 2  ? ? 1.443 1.381 0.062  0.009 N 
28 1 C5    B U 2  ? ? C6    B U 2  ? ? 1.403 1.337 0.066  0.009 N 
29 1 C5    B G 3  ? ? N7    B G 3  ? ? 1.425 1.388 0.037  0.006 N 
30 1 N1    B G 5  ? ? C2    B G 5  ? ? 1.440 1.373 0.067  0.008 N 
31 1 C5    B U 8  ? ? C6    B U 8  ? ? 1.398 1.337 0.061  0.009 N 
32 1 N1    B G 9  ? ? C2    B G 9  ? ? 1.437 1.373 0.064  0.008 N 
33 1 C2    B G 9  ? ? N3    B G 9  ? ? 1.404 1.323 0.081  0.008 N 
34 1 N3    B G 9  ? ? C4    B G 9  ? ? 1.302 1.350 -0.048 0.007 N 
35 1 N1    B C 10 ? ? C6    B C 10 ? ? 1.416 1.367 0.049  0.006 N 
36 1 C4    B C 10 ? ? C5    B C 10 ? ? 1.479 1.425 0.054  0.008 N 
37 1 C5    B C 10 ? ? C6    B C 10 ? ? 1.391 1.339 0.052  0.008 N 
38 1 C2    B U 14 ? ? O2    B U 14 ? ? 1.274 1.219 0.055  0.009 N 
39 1 C6    B G 15 ? ? N1    B G 15 ? ? 1.455 1.391 0.064  0.007 N 
40 1 "C5'" B G 16 ? ? "C4'" B G 16 ? ? 1.462 1.508 -0.046 0.007 N 
41 1 N1    B G 16 ? ? C2    B G 16 ? ? 1.428 1.373 0.055  0.008 N 
42 1 C2    B G 16 ? ? N3    B G 16 ? ? 1.390 1.323 0.067  0.008 N 
43 1 C6    B G 16 ? ? N1    B G 16 ? ? 1.469 1.391 0.078  0.007 N 
44 1 N1    B C 18 ? ? C6    B C 18 ? ? 1.411 1.367 0.044  0.006 N 
# 
loop_
_pdbx_validate_rmsd_angle.id 
_pdbx_validate_rmsd_angle.PDB_model_num 
_pdbx_validate_rmsd_angle.auth_atom_id_1 
_pdbx_validate_rmsd_angle.auth_asym_id_1 
_pdbx_validate_rmsd_angle.auth_comp_id_1 
_pdbx_validate_rmsd_angle.auth_seq_id_1 
_pdbx_validate_rmsd_angle.PDB_ins_code_1 
_pdbx_validate_rmsd_angle.label_alt_id_1 
_pdbx_validate_rmsd_angle.auth_atom_id_2 
_pdbx_validate_rmsd_angle.auth_asym_id_2 
_pdbx_validate_rmsd_angle.auth_comp_id_2 
_pdbx_validate_rmsd_angle.auth_seq_id_2 
_pdbx_validate_rmsd_angle.PDB_ins_code_2 
_pdbx_validate_rmsd_angle.label_alt_id_2 
_pdbx_validate_rmsd_angle.auth_atom_id_3 
_pdbx_validate_rmsd_angle.auth_asym_id_3 
_pdbx_validate_rmsd_angle.auth_comp_id_3 
_pdbx_validate_rmsd_angle.auth_seq_id_3 
_pdbx_validate_rmsd_angle.PDB_ins_code_3 
_pdbx_validate_rmsd_angle.label_alt_id_3 
_pdbx_validate_rmsd_angle.angle_value 
_pdbx_validate_rmsd_angle.angle_target_value 
_pdbx_validate_rmsd_angle.angle_deviation 
_pdbx_validate_rmsd_angle.angle_standard_deviation 
_pdbx_validate_rmsd_angle.linker_flag 
1   1 C6 A U 2  ? ? N1 A U 2  ? ? C2    A U 2  ? ? 115.69 121.00 -5.31 0.60 N 
2   1 N1 A U 2  ? ? C2 A U 2  ? ? N3    A U 2  ? ? 121.76 114.90 6.86  0.60 N 
3   1 C2 A U 2  ? ? N3 A U 2  ? ? C4    A U 2  ? ? 122.44 127.00 -4.56 0.60 N 
4   1 N3 A G 3  ? ? C4 A G 3  ? ? C5    A G 3  ? ? 125.16 128.60 -3.44 0.50 N 
5   1 C4 A G 3  ? ? C5 A G 3  ? ? N7    A G 3  ? ? 107.09 110.80 -3.71 0.40 N 
6   1 C8 A G 3  ? ? N9 A G 3  ? ? C4    A G 3  ? ? 102.34 106.40 -4.06 0.40 N 
7   1 N9 A G 3  ? ? C4 A G 3  ? ? C5    A G 3  ? ? 110.08 105.40 4.68  0.40 N 
8   1 N1 A G 3  ? ? C6 A G 3  ? ? O6    A G 3  ? ? 114.12 119.90 -5.78 0.60 N 
9   1 C5 A G 3  ? ? C6 A G 3  ? ? O6    A G 3  ? ? 134.45 128.60 5.85  0.60 N 
10  1 C4 A G 4  ? ? C5 A G 4  ? ? N7    A G 4  ? ? 113.53 110.80 2.73  0.40 N 
11  1 C8 A G 4  ? ? N9 A G 4  ? ? C4    A G 4  ? ? 111.92 106.40 5.52  0.40 N 
12  1 N9 A G 4  ? ? C4 A G 4  ? ? C5    A G 4  ? ? 99.71  105.40 -5.69 0.40 N 
13  1 N3 A G 4  ? ? C4 A G 4  ? ? N9    A G 4  ? ? 130.47 126.00 4.47  0.60 N 
14  1 N1 A G 4  ? ? C6 A G 4  ? ? O6    A G 4  ? ? 126.07 119.90 6.17  0.60 N 
15  1 C5 A G 4  ? ? C6 A G 4  ? ? O6    A G 4  ? ? 119.74 128.60 -8.86 0.60 N 
16  1 C6 A C 6  ? ? N1 A C 6  ? ? C2    A C 6  ? ? 117.26 120.30 -3.04 0.40 N 
17  1 N1 A C 6  ? ? C2 A C 6  ? ? N3    A C 6  ? ? 123.40 119.20 4.20  0.70 N 
18  1 C5 A C 6  ? ? C4 A C 6  ? ? N4    A C 6  ? ? 124.90 120.20 4.70  0.70 N 
19  1 C6 A C 6  ? ? N1 A C 6  ? ? "C1'" A C 6  ? ? 128.26 120.80 7.46  1.20 N 
20  1 C2 A C 7  ? ? N3 A C 7  ? ? C4    A C 7  ? ? 123.64 119.90 3.74  0.50 N 
21  1 C4 A C 7  ? ? C5 A C 7  ? ? C6    A C 7  ? ? 113.67 117.40 -3.73 0.50 N 
22  1 N3 A C 7  ? ? C4 A C 7  ? ? N4    A C 7  ? ? 112.89 118.00 -5.11 0.70 N 
23  1 N1 A G 9  ? ? C2 A G 9  ? ? N2    A G 9  ? ? 121.84 116.20 5.64  0.90 N 
24  1 N3 A C 10 ? ? C4 A C 10 ? ? C5    A C 10 ? ? 119.33 121.90 -2.57 0.40 N 
25  1 N3 A C 10 ? ? C4 A C 10 ? ? N4    A C 10 ? ? 122.30 118.00 4.30  0.70 N 
26  1 C6 A U 11 ? ? N1 A U 11 ? ? C2    A U 11 ? ? 115.47 121.00 -5.53 0.60 N 
27  1 N1 A U 11 ? ? C2 A U 11 ? ? O2    A U 11 ? ? 128.54 122.80 5.74  0.70 N 
28  1 N3 A U 11 ? ? C2 A U 11 ? ? O2    A U 11 ? ? 113.43 122.20 -8.77 0.70 N 
29  1 C2 A U 11 ? ? N1 A U 11 ? ? "C1'" A U 11 ? ? 129.62 117.70 11.92 1.20 N 
30  1 N1 A G 12 ? ? C6 A G 12 ? ? O6    A G 12 ? ? 125.80 119.90 5.90  0.60 N 
31  1 C5 A G 12 ? ? C6 A G 12 ? ? O6    A G 12 ? ? 124.25 128.60 -4.35 0.60 N 
32  1 C2 A C 13 ? ? N3 A C 13 ? ? C4    A C 13 ? ? 123.07 119.90 3.17  0.50 N 
33  1 N1 A G 15 ? ? C6 A G 15 ? ? O6    A G 15 ? ? 128.28 119.90 8.38  0.60 N 
34  1 C5 A G 15 ? ? C6 A G 15 ? ? O6    A G 15 ? ? 119.34 128.60 -9.26 0.60 N 
35  1 C6 A G 16 ? ? N1 A G 16 ? ? C2    A G 16 ? ? 120.11 125.10 -4.99 0.60 N 
36  1 C5 A G 16 ? ? C6 A G 16 ? ? N1    A G 16 ? ? 114.93 111.50 3.43  0.50 N 
37  1 C4 A G 16 ? ? C5 A G 16 ? ? N7    A G 16 ? ? 108.17 110.80 -2.63 0.40 N 
38  1 N9 A G 16 ? ? C4 A G 16 ? ? C5    A G 16 ? ? 107.81 105.40 2.41  0.40 N 
39  1 N1 A G 16 ? ? C6 A G 16 ? ? O6    A G 16 ? ? 116.22 119.90 -3.68 0.60 N 
40  1 N3 A U 17 ? ? C2 A U 17 ? ? O2    A U 17 ? ? 126.44 122.20 4.24  0.70 N 
41  1 C2 A C 18 ? ? N3 A C 18 ? ? C4    A C 18 ? ? 123.31 119.90 3.41  0.50 N 
42  1 C6 A C 19 ? ? N1 A C 19 ? ? C2    A C 19 ? ? 117.75 120.30 -2.55 0.40 N 
43  1 N1 A C 19 ? ? C2 A C 19 ? ? N3    A C 19 ? ? 123.75 119.20 4.55  0.70 N 
44  1 C2 A C 19 ? ? N3 A C 19 ? ? C4    A C 19 ? ? 115.87 119.90 -4.03 0.50 N 
45  1 N3 A C 19 ? ? C2 A C 19 ? ? O2    A C 19 ? ? 117.13 121.90 -4.77 0.70 N 
46  1 C6 B U 2  ? ? N1 B U 2  ? ? C2    B U 2  ? ? 114.54 121.00 -6.46 0.60 N 
47  1 N1 B U 2  ? ? C2 B U 2  ? ? N3    B U 2  ? ? 121.04 114.90 6.14  0.60 N 
48  1 C4 B U 2  ? ? C5 B U 2  ? ? C6    B U 2  ? ? 123.31 119.70 3.61  0.60 N 
49  1 N3 B U 2  ? ? C2 B U 2  ? ? O2    B U 2  ? ? 113.05 122.20 -9.15 0.70 N 
50  1 N3 B U 2  ? ? C4 B U 2  ? ? O4    B U 2  ? ? 114.98 119.40 -4.42 0.70 N 
51  1 C5 B U 2  ? ? C4 B U 2  ? ? O4    B U 2  ? ? 133.43 125.90 7.53  0.60 N 
52  1 C6 B U 2  ? ? N1 B U 2  ? ? "C1'" B U 2  ? ? 131.92 121.20 10.72 1.40 N 
53  1 N3 B G 3  ? ? C4 B G 3  ? ? C5    B G 3  ? ? 132.69 128.60 4.09  0.50 N 
54  1 C4 B G 3  ? ? C5 B G 3  ? ? C6    B G 3  ? ? 114.15 118.80 -4.65 0.60 N 
55  1 N3 B G 3  ? ? C4 B G 3  ? ? N9    B G 3  ? ? 120.45 126.00 -5.55 0.60 N 
56  1 C6 B G 3  ? ? C5 B G 3  ? ? N7    B G 3  ? ? 136.53 130.40 6.13  0.60 N 
57  1 N1 B G 3  ? ? C6 B G 3  ? ? O6    B G 3  ? ? 112.95 119.90 -6.95 0.60 N 
58  1 C5 B G 3  ? ? C6 B G 3  ? ? O6    B G 3  ? ? 134.96 128.60 6.36  0.60 N 
59  1 N3 B G 4  ? ? C4 B G 4  ? ? C5    B G 4  ? ? 131.93 128.60 3.33  0.50 N 
60  1 N3 B G 4  ? ? C4 B G 4  ? ? N9    B G 4  ? ? 122.01 126.00 -3.99 0.60 N 
61  1 C4 B G 4  ? ? N9 B G 4  ? ? "C1'" B G 4  ? ? 117.80 126.50 -8.70 1.30 N 
62  1 N9 B G 5  ? ? C4 B G 5  ? ? C5    B G 5  ? ? 107.99 105.40 2.59  0.40 N 
63  1 N3 B G 5  ? ? C4 B G 5  ? ? N9    B G 5  ? ? 121.24 126.00 -4.76 0.60 N 
64  1 N1 B G 5  ? ? C2 B G 5  ? ? N2    B G 5  ? ? 122.56 116.20 6.36  0.90 N 
65  1 C2 B C 6  ? ? N3 B C 6  ? ? C4    B C 6  ? ? 125.20 119.90 5.30  0.50 N 
66  1 N3 B C 6  ? ? C4 B C 6  ? ? N4    B C 6  ? ? 112.16 118.00 -5.84 0.70 N 
67  1 C5 B C 6  ? ? C4 B C 6  ? ? N4    B C 6  ? ? 127.28 120.20 7.08  0.70 N 
68  1 N1 B C 7  ? ? C2 B C 7  ? ? O2    B C 7  ? ? 125.58 118.90 6.68  0.60 N 
69  1 N3 B C 7  ? ? C2 B C 7  ? ? O2    B C 7  ? ? 114.60 121.90 -7.30 0.70 N 
70  1 N3 B C 7  ? ? C4 B C 7  ? ? N4    B C 7  ? ? 110.73 118.00 -7.27 0.70 N 
71  1 C5 B C 7  ? ? C4 B C 7  ? ? N4    B C 7  ? ? 125.71 120.20 5.51  0.70 N 
72  1 C6 B U 8  ? ? N1 B U 8  ? ? C2    B U 8  ? ? 116.45 121.00 -4.55 0.60 N 
73  1 N1 B U 8  ? ? C2 B U 8  ? ? N3    B U 8  ? ? 121.18 114.90 6.28  0.60 N 
74  1 N3 B U 8  ? ? C2 B U 8  ? ? O2    B U 8  ? ? 113.55 122.20 -8.65 0.70 N 
75  1 N3 B U 8  ? ? C4 B U 8  ? ? O4    B U 8  ? ? 114.66 119.40 -4.74 0.70 N 
76  1 C2 B G 9  ? ? N3 B G 9  ? ? C4    B G 9  ? ? 115.09 111.90 3.19  0.50 N 
77  1 N1 B G 9  ? ? C6 B G 9  ? ? O6    B G 9  ? ? 125.88 119.90 5.98  0.60 N 
78  1 C5 B G 9  ? ? C6 B G 9  ? ? O6    B G 9  ? ? 122.33 128.60 -6.27 0.60 N 
79  1 C6 B C 10 ? ? N1 B C 10 ? ? C2    B C 10 ? ? 122.96 120.30 2.66  0.40 N 
80  1 N1 B C 10 ? ? C2 B C 10 ? ? O2    B C 10 ? ? 122.51 118.90 3.61  0.60 N 
81  1 N1 B U 11 ? ? C2 B U 11 ? ? O2    B U 11 ? ? 117.10 122.80 -5.70 0.70 N 
82  1 C5 B U 11 ? ? C4 B U 11 ? ? O4    B U 11 ? ? 121.86 125.90 -4.04 0.60 N 
83  1 C2 B G 12 ? ? N3 B G 12 ? ? C4    B G 12 ? ? 115.51 111.90 3.61  0.50 N 
84  1 N9 B G 12 ? ? C4 B G 12 ? ? C5    B G 12 ? ? 107.96 105.40 2.56  0.40 N 
85  1 N1 B G 12 ? ? C2 B G 12 ? ? N2    B G 12 ? ? 125.02 116.20 8.82  0.90 N 
86  1 N3 B G 12 ? ? C2 B G 12 ? ? N2    B G 12 ? ? 112.89 119.90 -7.01 0.70 N 
87  1 C6 B C 13 ? ? N1 B C 13 ? ? C2    B C 13 ? ? 116.45 120.30 -3.85 0.40 N 
88  1 C4 B G 15 ? ? C5 B G 15 ? ? C6    B G 15 ? ? 122.54 118.80 3.74  0.60 N 
89  1 C4 B G 15 ? ? C5 B G 15 ? ? N7    B G 15 ? ? 107.30 110.80 -3.50 0.40 N 
90  1 C8 B G 15 ? ? N9 B G 15 ? ? C4    B G 15 ? ? 103.79 106.40 -2.61 0.40 N 
91  1 N9 B G 15 ? ? C4 B G 15 ? ? C5    B G 15 ? ? 109.13 105.40 3.73  0.40 N 
92  1 N1 B G 15 ? ? C2 B G 15 ? ? N2    B G 15 ? ? 122.28 116.20 6.08  0.90 N 
93  1 N3 B G 15 ? ? C2 B G 15 ? ? N2    B G 15 ? ? 112.62 119.90 -7.28 0.70 N 
94  1 N1 B G 15 ? ? C6 B G 15 ? ? O6    B G 15 ? ? 126.04 119.90 6.14  0.60 N 
95  1 C5 B G 15 ? ? C6 B G 15 ? ? O6    B G 15 ? ? 124.68 128.60 -3.92 0.60 N 
96  1 N1 B G 16 ? ? C2 B G 16 ? ? N3    B G 16 ? ? 119.33 123.90 -4.57 0.60 N 
97  1 N9 B G 16 ? ? C4 B G 16 ? ? C5    B G 16 ? ? 102.78 105.40 -2.62 0.40 N 
98  1 N1 B G 16 ? ? C6 B G 16 ? ? O6    B G 16 ? ? 125.25 119.90 5.35  0.60 N 
99  1 C5 B G 16 ? ? C6 B G 16 ? ? O6    B G 16 ? ? 120.68 128.60 -7.92 0.60 N 
100 1 N3 B U 17 ? ? C4 B U 17 ? ? O4    B U 17 ? ? 124.87 119.40 5.47  0.70 N 
101 1 C5 B U 17 ? ? C4 B U 17 ? ? O4    B U 17 ? ? 120.55 125.90 -5.35 0.60 N 
102 1 N1 B C 18 ? ? C2 B C 18 ? ? O2    B C 18 ? ? 124.73 118.90 5.83  0.60 N 
103 1 N3 B C 18 ? ? C2 B C 18 ? ? O2    B C 18 ? ? 115.74 121.90 -6.16 0.70 N 
104 1 N3 B C 18 ? ? C4 B C 18 ? ? N4    B C 18 ? ? 113.18 118.00 -4.82 0.70 N 
105 1 C6 B C 19 ? ? N1 B C 19 ? ? C2    B C 19 ? ? 116.68 120.30 -3.62 0.40 N 
106 1 C2 B C 19 ? ? N3 B C 19 ? ? C4    B C 19 ? ? 122.99 119.90 3.09  0.50 N 
107 1 N3 B C 19 ? ? C4 B C 19 ? ? C5    B C 19 ? ? 119.26 121.90 -2.64 0.40 N 
108 1 C5 B C 19 ? ? C6 B C 19 ? ? N1    B C 19 ? ? 126.00 121.00 5.00  0.50 N 
# 
loop_
_pdbx_struct_special_symmetry.id 
_pdbx_struct_special_symmetry.PDB_model_num 
_pdbx_struct_special_symmetry.auth_asym_id 
_pdbx_struct_special_symmetry.auth_comp_id 
_pdbx_struct_special_symmetry.auth_seq_id 
_pdbx_struct_special_symmetry.PDB_ins_code 
_pdbx_struct_special_symmetry.label_asym_id 
_pdbx_struct_special_symmetry.label_comp_id 
_pdbx_struct_special_symmetry.label_seq_id 
1  1 A HOH 20 ? C HOH . 
2  1 A HOH 24 ? C HOH . 
3  1 A HOH 25 ? C HOH . 
4  1 A HOH 26 ? C HOH . 
5  1 A HOH 31 ? C HOH . 
6  1 A HOH 37 ? C HOH . 
7  1 A HOH 39 ? C HOH . 
8  1 A HOH 41 ? C HOH . 
9  1 B HOH 21 ? D HOH . 
10 1 B HOH 25 ? D HOH . 
11 1 B HOH 27 ? D HOH . 
12 1 B HOH 28 ? D HOH . 
13 1 B HOH 29 ? D HOH . 
14 1 B HOH 30 ? D HOH . 
15 1 B HOH 34 ? D HOH . 
16 1 B HOH 35 ? D HOH . 
# 
loop_
_chem_comp_atom.comp_id 
_chem_comp_atom.atom_id 
_chem_comp_atom.type_symbol 
_chem_comp_atom.pdbx_aromatic_flag 
_chem_comp_atom.pdbx_stereo_config 
_chem_comp_atom.pdbx_ordinal 
C   OP3    O N N 1   
C   P      P N N 2   
C   OP1    O N N 3   
C   OP2    O N N 4   
C   "O5'"  O N N 5   
C   "C5'"  C N N 6   
C   "C4'"  C N R 7   
C   "O4'"  O N N 8   
C   "C3'"  C N S 9   
C   "O3'"  O N N 10  
C   "C2'"  C N R 11  
C   "O2'"  O N N 12  
C   "C1'"  C N R 13  
C   N1     N N N 14  
C   C2     C N N 15  
C   O2     O N N 16  
C   N3     N N N 17  
C   C4     C N N 18  
C   N4     N N N 19  
C   C5     C N N 20  
C   C6     C N N 21  
C   HOP3   H N N 22  
C   HOP2   H N N 23  
C   "H5'"  H N N 24  
C   "H5''" H N N 25  
C   "H4'"  H N N 26  
C   "H3'"  H N N 27  
C   "HO3'" H N N 28  
C   "H2'"  H N N 29  
C   "HO2'" H N N 30  
C   "H1'"  H N N 31  
C   H41    H N N 32  
C   H42    H N N 33  
C   H5     H N N 34  
C   H6     H N N 35  
G   OP3    O N N 36  
G   P      P N N 37  
G   OP1    O N N 38  
G   OP2    O N N 39  
G   "O5'"  O N N 40  
G   "C5'"  C N N 41  
G   "C4'"  C N R 42  
G   "O4'"  O N N 43  
G   "C3'"  C N S 44  
G   "O3'"  O N N 45  
G   "C2'"  C N R 46  
G   "O2'"  O N N 47  
G   "C1'"  C N R 48  
G   N9     N Y N 49  
G   C8     C Y N 50  
G   N7     N Y N 51  
G   C5     C Y N 52  
G   C6     C N N 53  
G   O6     O N N 54  
G   N1     N N N 55  
G   C2     C N N 56  
G   N2     N N N 57  
G   N3     N N N 58  
G   C4     C Y N 59  
G   HOP3   H N N 60  
G   HOP2   H N N 61  
G   "H5'"  H N N 62  
G   "H5''" H N N 63  
G   "H4'"  H N N 64  
G   "H3'"  H N N 65  
G   "HO3'" H N N 66  
G   "H2'"  H N N 67  
G   "HO2'" H N N 68  
G   "H1'"  H N N 69  
G   H8     H N N 70  
G   H1     H N N 71  
G   H21    H N N 72  
G   H22    H N N 73  
HOH O      O N N 74  
HOH H1     H N N 75  
HOH H2     H N N 76  
U   OP3    O N N 77  
U   P      P N N 78  
U   OP1    O N N 79  
U   OP2    O N N 80  
U   "O5'"  O N N 81  
U   "C5'"  C N N 82  
U   "C4'"  C N R 83  
U   "O4'"  O N N 84  
U   "C3'"  C N S 85  
U   "O3'"  O N N 86  
U   "C2'"  C N R 87  
U   "O2'"  O N N 88  
U   "C1'"  C N R 89  
U   N1     N N N 90  
U   C2     C N N 91  
U   O2     O N N 92  
U   N3     N N N 93  
U   C4     C N N 94  
U   O4     O N N 95  
U   C5     C N N 96  
U   C6     C N N 97  
U   HOP3   H N N 98  
U   HOP2   H N N 99  
U   "H5'"  H N N 100 
U   "H5''" H N N 101 
U   "H4'"  H N N 102 
U   "H3'"  H N N 103 
U   "HO3'" H N N 104 
U   "H2'"  H N N 105 
U   "HO2'" H N N 106 
U   "H1'"  H N N 107 
U   H3     H N N 108 
U   H5     H N N 109 
U   H6     H N N 110 
# 
loop_
_chem_comp_bond.comp_id 
_chem_comp_bond.atom_id_1 
_chem_comp_bond.atom_id_2 
_chem_comp_bond.value_order 
_chem_comp_bond.pdbx_aromatic_flag 
_chem_comp_bond.pdbx_stereo_config 
_chem_comp_bond.pdbx_ordinal 
C   OP3   P      sing N N 1   
C   OP3   HOP3   sing N N 2   
C   P     OP1    doub N N 3   
C   P     OP2    sing N N 4   
C   P     "O5'"  sing N N 5   
C   OP2   HOP2   sing N N 6   
C   "O5'" "C5'"  sing N N 7   
C   "C5'" "C4'"  sing N N 8   
C   "C5'" "H5'"  sing N N 9   
C   "C5'" "H5''" sing N N 10  
C   "C4'" "O4'"  sing N N 11  
C   "C4'" "C3'"  sing N N 12  
C   "C4'" "H4'"  sing N N 13  
C   "O4'" "C1'"  sing N N 14  
C   "C3'" "O3'"  sing N N 15  
C   "C3'" "C2'"  sing N N 16  
C   "C3'" "H3'"  sing N N 17  
C   "O3'" "HO3'" sing N N 18  
C   "C2'" "O2'"  sing N N 19  
C   "C2'" "C1'"  sing N N 20  
C   "C2'" "H2'"  sing N N 21  
C   "O2'" "HO2'" sing N N 22  
C   "C1'" N1     sing N N 23  
C   "C1'" "H1'"  sing N N 24  
C   N1    C2     sing N N 25  
C   N1    C6     sing N N 26  
C   C2    O2     doub N N 27  
C   C2    N3     sing N N 28  
C   N3    C4     doub N N 29  
C   C4    N4     sing N N 30  
C   C4    C5     sing N N 31  
C   N4    H41    sing N N 32  
C   N4    H42    sing N N 33  
C   C5    C6     doub N N 34  
C   C5    H5     sing N N 35  
C   C6    H6     sing N N 36  
G   OP3   P      sing N N 37  
G   OP3   HOP3   sing N N 38  
G   P     OP1    doub N N 39  
G   P     OP2    sing N N 40  
G   P     "O5'"  sing N N 41  
G   OP2   HOP2   sing N N 42  
G   "O5'" "C5'"  sing N N 43  
G   "C5'" "C4'"  sing N N 44  
G   "C5'" "H5'"  sing N N 45  
G   "C5'" "H5''" sing N N 46  
G   "C4'" "O4'"  sing N N 47  
G   "C4'" "C3'"  sing N N 48  
G   "C4'" "H4'"  sing N N 49  
G   "O4'" "C1'"  sing N N 50  
G   "C3'" "O3'"  sing N N 51  
G   "C3'" "C2'"  sing N N 52  
G   "C3'" "H3'"  sing N N 53  
G   "O3'" "HO3'" sing N N 54  
G   "C2'" "O2'"  sing N N 55  
G   "C2'" "C1'"  sing N N 56  
G   "C2'" "H2'"  sing N N 57  
G   "O2'" "HO2'" sing N N 58  
G   "C1'" N9     sing N N 59  
G   "C1'" "H1'"  sing N N 60  
G   N9    C8     sing Y N 61  
G   N9    C4     sing Y N 62  
G   C8    N7     doub Y N 63  
G   C8    H8     sing N N 64  
G   N7    C5     sing Y N 65  
G   C5    C6     sing N N 66  
G   C5    C4     doub Y N 67  
G   C6    O6     doub N N 68  
G   C6    N1     sing N N 69  
G   N1    C2     sing N N 70  
G   N1    H1     sing N N 71  
G   C2    N2     sing N N 72  
G   C2    N3     doub N N 73  
G   N2    H21    sing N N 74  
G   N2    H22    sing N N 75  
G   N3    C4     sing N N 76  
HOH O     H1     sing N N 77  
HOH O     H2     sing N N 78  
U   OP3   P      sing N N 79  
U   OP3   HOP3   sing N N 80  
U   P     OP1    doub N N 81  
U   P     OP2    sing N N 82  
U   P     "O5'"  sing N N 83  
U   OP2   HOP2   sing N N 84  
U   "O5'" "C5'"  sing N N 85  
U   "C5'" "C4'"  sing N N 86  
U   "C5'" "H5'"  sing N N 87  
U   "C5'" "H5''" sing N N 88  
U   "C4'" "O4'"  sing N N 89  
U   "C4'" "C3'"  sing N N 90  
U   "C4'" "H4'"  sing N N 91  
U   "O4'" "C1'"  sing N N 92  
U   "C3'" "O3'"  sing N N 93  
U   "C3'" "C2'"  sing N N 94  
U   "C3'" "H3'"  sing N N 95  
U   "O3'" "HO3'" sing N N 96  
U   "C2'" "O2'"  sing N N 97  
U   "C2'" "C1'"  sing N N 98  
U   "C2'" "H2'"  sing N N 99  
U   "O2'" "HO2'" sing N N 100 
U   "C1'" N1     sing N N 101 
U   "C1'" "H1'"  sing N N 102 
U   N1    C2     sing N N 103 
U   N1    C6     sing N N 104 
U   C2    O2     doub N N 105 
U   C2    N3     sing N N 106 
U   N3    C4     sing N N 107 
U   N3    H3     sing N N 108 
U   C4    O4     doub N N 109 
U   C4    C5     sing N N 110 
U   C5    C6     doub N N 111 
U   C5    H5     sing N N 112 
U   C6    H6     sing N N 113 
# 
loop_
_ndb_struct_conf_na.entry_id 
_ndb_struct_conf_na.feature 
3SZX 'double helix'         
3SZX 'a-form double helix'  
3SZX 'mismatched base pair' 
# 
loop_
_ndb_struct_na_base_pair.model_number 
_ndb_struct_na_base_pair.i_label_asym_id 
_ndb_struct_na_base_pair.i_label_comp_id 
_ndb_struct_na_base_pair.i_label_seq_id 
_ndb_struct_na_base_pair.i_symmetry 
_ndb_struct_na_base_pair.j_label_asym_id 
_ndb_struct_na_base_pair.j_label_comp_id 
_ndb_struct_na_base_pair.j_label_seq_id 
_ndb_struct_na_base_pair.j_symmetry 
_ndb_struct_na_base_pair.shear 
_ndb_struct_na_base_pair.stretch 
_ndb_struct_na_base_pair.stagger 
_ndb_struct_na_base_pair.buckle 
_ndb_struct_na_base_pair.propeller 
_ndb_struct_na_base_pair.opening 
_ndb_struct_na_base_pair.pair_number 
_ndb_struct_na_base_pair.pair_name 
_ndb_struct_na_base_pair.i_auth_asym_id 
_ndb_struct_na_base_pair.i_auth_seq_id 
_ndb_struct_na_base_pair.i_PDB_ins_code 
_ndb_struct_na_base_pair.j_auth_asym_id 
_ndb_struct_na_base_pair.j_auth_seq_id 
_ndb_struct_na_base_pair.j_PDB_ins_code 
_ndb_struct_na_base_pair.hbond_type_28 
_ndb_struct_na_base_pair.hbond_type_12 
1 A G 3  1_555 B C 19 1_555 -0.890 -0.366 -0.138 -6.075 -5.534  -0.295  1  A_G3:C19_B  A 3  ? B 19 ? 19 1 
1 A G 4  1_555 B C 18 1_555 0.263  -0.115 -0.097 2.533  2.063   -0.541  2  A_G4:C18_B  A 4  ? B 18 ? 19 1 
1 A G 5  1_555 B U 17 1_555 -1.773 -0.519 -0.394 -7.350 -13.922 -2.682  3  A_G5:U17_B  A 5  ? B 17 ? 28 1 
1 A C 6  1_555 B G 16 1_555 -0.297 -0.223 0.115  7.233  -9.242  -2.719  4  A_C6:G16_B  A 6  ? B 16 ? 19 1 
1 A C 7  1_555 B G 15 1_555 0.272  -0.060 -0.078 3.893  -15.112 2.461   5  A_C7:G15_B  A 7  ? B 15 ? 19 1 
1 A U 8  1_555 B U 14 1_555 1.848  -1.156 -0.114 -5.236 -8.678  -29.190 6  A_U8:U14_B  A 8  ? B 14 ? ?  ? 
1 A G 9  1_555 B C 13 1_555 -0.500 -0.240 0.275  -2.703 -14.352 9.899   7  A_G9:C13_B  A 9  ? B 13 ? 19 1 
1 A C 10 1_555 B G 12 1_555 -0.046 -0.221 0.015  0.253  -11.767 4.473   8  A_C10:G12_B A 10 ? B 12 ? 19 1 
1 A G 12 1_555 B C 10 1_555 -0.513 -0.128 0.118  0.271  -16.683 2.175   9  A_G12:C10_B A 12 ? B 10 ? 19 1 
1 A C 13 1_555 B G 9  1_555 -0.148 -0.196 0.106  1.638  -11.202 1.944   10 A_C13:G9_B  A 13 ? B 9  ? 19 1 
1 A G 15 1_555 B C 7  1_555 0.492  -0.248 -0.269 0.184  -1.476  0.027   11 A_G15:C7_B  A 15 ? B 7  ? 19 1 
1 A G 16 1_555 B C 6  1_555 -0.341 -0.316 -0.248 -3.672 -7.878  -3.659  12 A_G16:C6_B  A 16 ? B 6  ? 19 1 
1 A U 17 1_555 B G 5  1_555 1.417  -0.389 -0.061 4.070  -6.996  4.106   13 A_U17:G5_B  A 17 ? B 5  ? 28 1 
1 A C 18 1_555 B G 4  1_555 0.470  -0.436 -0.316 3.904  -11.333 -2.103  14 A_C18:G4_B  A 18 ? B 4  ? 19 1 
1 A C 19 1_555 B G 3  1_555 0.574  -0.404 -0.152 -2.121 1.041   -0.114  15 A_C19:G3_B  A 19 ? B 3  ? 19 1 
# 
loop_
_ndb_struct_na_base_pair_step.model_number 
_ndb_struct_na_base_pair_step.i_label_asym_id_1 
_ndb_struct_na_base_pair_step.i_label_comp_id_1 
_ndb_struct_na_base_pair_step.i_label_seq_id_1 
_ndb_struct_na_base_pair_step.i_symmetry_1 
_ndb_struct_na_base_pair_step.j_label_asym_id_1 
_ndb_struct_na_base_pair_step.j_label_comp_id_1 
_ndb_struct_na_base_pair_step.j_label_seq_id_1 
_ndb_struct_na_base_pair_step.j_symmetry_1 
_ndb_struct_na_base_pair_step.i_label_asym_id_2 
_ndb_struct_na_base_pair_step.i_label_comp_id_2 
_ndb_struct_na_base_pair_step.i_label_seq_id_2 
_ndb_struct_na_base_pair_step.i_symmetry_2 
_ndb_struct_na_base_pair_step.j_label_asym_id_2 
_ndb_struct_na_base_pair_step.j_label_comp_id_2 
_ndb_struct_na_base_pair_step.j_label_seq_id_2 
_ndb_struct_na_base_pair_step.j_symmetry_2 
_ndb_struct_na_base_pair_step.shift 
_ndb_struct_na_base_pair_step.slide 
_ndb_struct_na_base_pair_step.rise 
_ndb_struct_na_base_pair_step.tilt 
_ndb_struct_na_base_pair_step.roll 
_ndb_struct_na_base_pair_step.twist 
_ndb_struct_na_base_pair_step.x_displacement 
_ndb_struct_na_base_pair_step.y_displacement 
_ndb_struct_na_base_pair_step.helical_rise 
_ndb_struct_na_base_pair_step.inclination 
_ndb_struct_na_base_pair_step.tip 
_ndb_struct_na_base_pair_step.helical_twist 
_ndb_struct_na_base_pair_step.step_number 
_ndb_struct_na_base_pair_step.step_name 
_ndb_struct_na_base_pair_step.i_auth_asym_id_1 
_ndb_struct_na_base_pair_step.i_auth_seq_id_1 
_ndb_struct_na_base_pair_step.i_PDB_ins_code_1 
_ndb_struct_na_base_pair_step.j_auth_asym_id_1 
_ndb_struct_na_base_pair_step.j_auth_seq_id_1 
_ndb_struct_na_base_pair_step.j_PDB_ins_code_1 
_ndb_struct_na_base_pair_step.i_auth_asym_id_2 
_ndb_struct_na_base_pair_step.i_auth_seq_id_2 
_ndb_struct_na_base_pair_step.i_PDB_ins_code_2 
_ndb_struct_na_base_pair_step.j_auth_asym_id_2 
_ndb_struct_na_base_pair_step.j_auth_seq_id_2 
_ndb_struct_na_base_pair_step.j_PDB_ins_code_2 
1 A G 3  1_555 B C 19 1_555 A G 4  1_555 B C 18 1_555 -0.032 -1.825 3.120 -0.676 1.273  36.522 -3.075  -0.037 3.057 2.030  1.078  
36.550 1  AA_G3G4:C18C19_BB   A 3  ? B 19 ? A 4  ? B 18 ? 
1 A G 4  1_555 B C 18 1_555 A G 5  1_555 B U 17 1_555 -0.261 -2.456 3.544 2.289  6.520  17.292 -10.910 1.970  2.409 20.647 -7.248 
18.612 2  AA_G4G5:U17C18_BB   A 4  ? B 18 ? A 5  ? B 17 ? 
1 A G 5  1_555 B U 17 1_555 A C 6  1_555 B G 16 1_555 -0.100 -1.446 2.966 -6.989 5.883  37.812 -2.802  -0.597 2.696 8.919  10.596 
38.860 3  AA_G5C6:G16U17_BB   A 5  ? B 17 ? A 6  ? B 16 ? 
1 A C 6  1_555 B G 16 1_555 A C 7  1_555 B G 15 1_555 0.379  -1.625 3.278 3.309  10.873 34.907 -3.980  -0.178 2.693 17.559 -5.343 
36.656 4  AA_C6C7:G15G16_BB   A 6  ? B 16 ? A 7  ? B 15 ? 
1 A C 7  1_555 B G 15 1_555 A U 8  1_555 B U 14 1_555 -1.565 -1.787 3.474 -0.048 14.180 41.409 -3.735  2.099  2.749 19.382 0.066  
43.668 5  AA_C7U8:U14G15_BB   A 7  ? B 15 ? A 8  ? B 14 ? 
1 A U 8  1_555 B U 14 1_555 A G 9  1_555 B C 13 1_555 1.630  -2.055 3.040 1.058  5.800  24.375 -6.223  -3.483 2.557 13.485 -2.461 
25.067 6  AA_U8G9:C13U14_BB   A 8  ? B 14 ? A 9  ? B 13 ? 
1 A G 9  1_555 B C 13 1_555 A C 10 1_555 B G 12 1_555 -0.200 -1.147 3.084 0.415  6.057  30.676 -3.172  0.443  2.809 11.310 -0.776 
31.257 7  AA_G9C10:G12C13_BB  A 9  ? B 13 ? A 10 ? B 12 ? 
1 A C 10 1_555 B G 12 1_555 A G 12 1_555 B C 10 1_555 -0.095 -2.713 6.214 -1.989 14.927 64.089 -3.615  -0.060 5.533 13.866 1.848  
65.651 8  AA_C10G12:C10G12_BB A 10 ? B 12 ? A 12 ? B 10 ? 
1 A G 12 1_555 B C 10 1_555 A C 13 1_555 B G 9  1_555 0.125  -1.712 3.162 -0.534 11.228 33.095 -4.360  -0.279 2.466 19.039 0.905  
34.901 9  AA_G12C13:G9C10_BB  A 12 ? B 10 ? A 13 ? B 9  ? 
1 A C 13 1_555 B G 9  1_555 A G 15 1_555 B C 7  1_555 0.942  -3.423 6.364 6.513  15.892 65.506 -4.220  -0.382 5.564 14.431 -5.914 
67.477 10 AA_C13G15:C7G9_BB   A 13 ? B 9  ? A 15 ? B 7  ? 
1 A G 15 1_555 B C 7  1_555 A G 16 1_555 B C 6  1_555 -0.427 -2.342 3.427 -1.208 6.576  23.800 -7.389  0.646  2.709 15.557 2.857  
24.708 11 AA_G15G16:C6C7_BB   A 15 ? B 7  ? A 16 ? B 6  ? 
1 A G 16 1_555 B C 6  1_555 A U 17 1_555 B G 5  1_555 0.084  -1.590 3.124 -3.094 5.704  36.597 -3.195  -0.511 2.837 8.997  4.881  
37.148 12 AA_G16U17:G5C6_BB   A 16 ? B 6  ? A 17 ? B 5  ? 
1 A U 17 1_555 B G 5  1_555 A C 18 1_555 B G 4  1_555 -0.050 -1.774 3.210 4.823  8.322  30.534 -4.592  0.885  2.610 15.331 -8.885 
31.979 13 AA_U17C18:G4G5_BB   A 17 ? B 5  ? A 18 ? B 4  ? 
1 A C 18 1_555 B G 4  1_555 A C 19 1_555 B G 3  1_555 -0.066 -2.096 3.476 -1.162 5.847  28.050 -5.551  -0.128 2.986 11.894 2.364  
28.664 14 AA_C18C19:G3G4_BB   A 18 ? B 4  ? A 19 ? B 3  ? 
# 
_atom_sites.entry_id                    3SZX 
_atom_sites.fract_transf_matrix[1][1]   0.02098536 
_atom_sites.fract_transf_matrix[1][2]   0.00374052 
_atom_sites.fract_transf_matrix[1][3]   0.01999923 
_atom_sites.fract_transf_matrix[2][1]   0.02473541 
_atom_sites.fract_transf_matrix[2][2]   -0.01547914 
_atom_sites.fract_transf_matrix[2][3]   -0.00170005 
_atom_sites.fract_transf_matrix[3][1]   0.00262897 
_atom_sites.fract_transf_matrix[3][2]   0.00459848 
_atom_sites.fract_transf_matrix[3][3]   -0.00361867 
_atom_sites.fract_transf_vector[1]      0.319205 
_atom_sites.fract_transf_vector[2]      0.025913 
_atom_sites.fract_transf_vector[3]      0.043177 
# 
loop_
_atom_type.symbol 
C 
H 
N 
O 
P 
# 
loop_
_atom_site.group_PDB 
_atom_site.id 
_atom_site.type_symbol 
_atom_site.label_atom_id 
_atom_site.label_alt_id 
_atom_site.label_comp_id 
_atom_site.label_asym_id 
_atom_site.label_entity_id 
_atom_site.label_seq_id 
_atom_site.pdbx_PDB_ins_code 
_atom_site.Cartn_x 
_atom_site.Cartn_y 
_atom_site.Cartn_z 
_atom_site.occupancy 
_atom_site.B_iso_or_equiv 
_atom_site.pdbx_formal_charge 
_atom_site.auth_seq_id 
_atom_site.auth_comp_id 
_atom_site.auth_asym_id 
_atom_site.auth_atom_id 
_atom_site.pdbx_PDB_model_num 
ATOM   1    P P      . U   A 1 1  ? -12.133 -10.216 20.939  1.00 49.19 ? 1  U   A P      1 
ATOM   2    O OP1    . U   A 1 1  ? -11.782 -8.757  20.908  1.00 44.73 ? 1  U   A OP1    1 
ATOM   3    O OP2    . U   A 1 1  ? -12.689 -10.908 19.697  1.00 48.19 ? 1  U   A OP2    1 
ATOM   4    O "O5'"  . U   A 1 1  ? -10.966 -11.071 21.598  1.00 41.51 ? 1  U   A "O5'"  1 
ATOM   5    C "C5'"  . U   A 1 1  ? -10.387 -10.676 22.817  1.00 41.00 ? 1  U   A "C5'"  1 
ATOM   6    C "C4'"  . U   A 1 1  ? -9.292  -11.623 23.216  1.00 42.70 ? 1  U   A "C4'"  1 
ATOM   7    O "O4'"  . U   A 1 1  ? -9.832  -12.953 23.419  1.00 40.52 ? 1  U   A "O4'"  1 
ATOM   8    C "C3'"  . U   A 1 1  ? -8.162  -11.844 22.191  1.00 42.90 ? 1  U   A "C3'"  1 
ATOM   9    O "O3'"  . U   A 1 1  ? -7.227  -10.748 22.133  1.00 43.55 ? 1  U   A "O3'"  1 
ATOM   10   C "C2'"  . U   A 1 1  ? -7.579  -13.165 22.693  1.00 41.45 ? 1  U   A "C2'"  1 
ATOM   11   O "O2'"  . U   A 1 1  ? -6.896  -12.986 23.940  1.00 38.14 ? 1  U   A "O2'"  1 
ATOM   12   C "C1'"  . U   A 1 1  ? -8.877  -13.921 22.974  1.00 42.10 ? 1  U   A "C1'"  1 
ATOM   13   N N1     . U   A 1 1  ? -9.418  -14.596 21.754  1.00 42.40 ? 1  U   A N1     1 
ATOM   14   C C2     . U   A 1 1  ? -8.856  -15.813 21.390  1.00 43.59 ? 1  U   A C2     1 
ATOM   15   O O2     . U   A 1 1  ? -7.954  -16.350 22.065  1.00 42.75 ? 1  U   A O2     1 
ATOM   16   N N3     . U   A 1 1  ? -9.413  -16.348 20.227  1.00 43.99 ? 1  U   A N3     1 
ATOM   17   C C4     . U   A 1 1  ? -10.433 -15.797 19.455  1.00 45.14 ? 1  U   A C4     1 
ATOM   18   O O4     . U   A 1 1  ? -10.864 -16.362 18.445  1.00 48.86 ? 1  U   A O4     1 
ATOM   19   C C5     . U   A 1 1  ? -10.919 -14.543 19.903  1.00 43.55 ? 1  U   A C5     1 
ATOM   20   C C6     . U   A 1 1  ? -10.395 -14.013 21.007  1.00 41.51 ? 1  U   A C6     1 
ATOM   21   H "H5'"  . U   A 1 1  ? -11.076 -10.668 23.514  1.00 49.00 ? 1  U   A "H5'"  1 
ATOM   22   H "H5''" . U   A 1 1  ? -10.016 -9.775  22.721  1.00 49.00 ? 1  U   A "H5''" 1 
ATOM   23   H "H4'"  . U   A 1 1  ? -8.897  -11.311 24.057  1.00 51.04 ? 1  U   A "H4'"  1 
ATOM   24   H "H3'"  . U   A 1 1  ? -8.554  -11.981 21.303  1.00 51.28 ? 1  U   A "H3'"  1 
ATOM   25   H "H2'"  . U   A 1 1  ? -7.027  -13.611 22.017  1.00 49.54 ? 1  U   A "H2'"  1 
ATOM   26   H "HO2'" . U   A 1 1  ? -6.059  -12.502 23.779  1.00 45.56 ? 1  U   A "HO2'" 1 
ATOM   27   H "H1'"  . U   A 1 1  ? -8.727  -14.584 23.680  1.00 50.32 ? 1  U   A "H1'"  1 
ATOM   28   H H3     . U   A 1 1  ? -9.067  -17.218 19.938  1.00 52.58 ? 1  U   A H3     1 
ATOM   29   H H5     . U   A 1 1  ? -11.633 -14.081 19.416  1.00 52.05 ? 1  U   A H5     1 
ATOM   30   H H6     . U   A 1 1  ? -10.747 -13.149 21.309  1.00 49.61 ? 1  U   A H6     1 
ATOM   31   P P      . U   A 1 2  ? -6.376  -10.415 20.772  1.00 46.99 ? 2  U   A P      1 
ATOM   32   O OP1    . U   A 1 2  ? -5.812  -9.025  20.947  1.00 49.43 ? 2  U   A OP1    1 
ATOM   33   O OP2    . U   A 1 2  ? -7.245  -10.686 19.575  1.00 41.65 ? 2  U   A OP2    1 
ATOM   34   O "O5'"  . U   A 1 2  ? -5.181  -11.492 20.845  1.00 44.29 ? 2  U   A "O5'"  1 
ATOM   35   C "C5'"  . U   A 1 2  ? -4.487  -11.736 22.050  1.00 40.48 ? 2  U   A "C5'"  1 
ATOM   36   C "C4'"  . U   A 1 2  ? -3.423  -12.763 21.840  1.00 41.87 ? 2  U   A "C4'"  1 
ATOM   37   O "O4'"  . U   A 1 2  ? -4.014  -14.096 21.783  1.00 42.29 ? 2  U   A "O4'"  1 
ATOM   38   C "C3'"  . U   A 1 2  ? -2.669  -12.658 20.541  1.00 40.61 ? 2  U   A "C3'"  1 
ATOM   39   O "O3'"  . U   A 1 2  ? -1.672  -11.655 20.567  1.00 37.69 ? 2  U   A "O3'"  1 
ATOM   40   C "C2'"  . U   A 1 2  ? -2.118  -14.052 20.405  1.00 39.17 ? 2  U   A "C2'"  1 
ATOM   41   O "O2'"  . U   A 1 2  ? -1.062  -14.231 21.341  1.00 39.73 ? 2  U   A "O2'"  1 
ATOM   42   C "C1'"  . U   A 1 2  ? -3.316  -14.887 20.878  1.00 41.59 ? 2  U   A "C1'"  1 
ATOM   43   N N1     . U   A 1 2  ? -4.273  -15.346 19.741  1.00 42.22 ? 2  U   A N1     1 
ATOM   44   C C2     . U   A 1 2  ? -3.956  -16.527 19.040  1.00 42.22 ? 2  U   A C2     1 
ATOM   45   O O2     . U   A 1 2  ? -2.962  -17.143 19.319  1.00 42.98 ? 2  U   A O2     1 
ATOM   46   N N3     . U   A 1 2  ? -4.754  -16.999 17.991  1.00 42.88 ? 2  U   A N3     1 
ATOM   47   C C4     . U   A 1 2  ? -5.922  -16.382 17.621  1.00 44.11 ? 2  U   A C4     1 
ATOM   48   O O4     . U   A 1 2  ? -6.576  -16.867 16.695  1.00 45.17 ? 2  U   A O4     1 
ATOM   49   C C5     . U   A 1 2  ? -6.239  -15.196 18.379  1.00 43.02 ? 2  U   A C5     1 
ATOM   50   C C6     . U   A 1 2  ? -5.439  -14.726 19.366  1.00 41.42 ? 2  U   A C6     1 
ATOM   51   H "H5'"  . U   A 1 2  ? -5.118  -12.059 22.727  1.00 48.38 ? 2  U   A "H5'"  1 
ATOM   52   H "H5''" . U   A 1 2  ? -4.076  -10.904 22.362  1.00 48.38 ? 2  U   A "H5''" 1 
ATOM   53   H "H4'"  . U   A 1 2  ? -2.787  -12.724 22.585  1.00 50.04 ? 2  U   A "H4'"  1 
ATOM   54   H "H3'"  . U   A 1 2  ? -3.296  -12.480 19.810  1.00 48.52 ? 2  U   A "H3'"  1 
ATOM   55   H "H2'"  . U   A 1 2  ? -1.852  -14.263 19.485  1.00 46.80 ? 2  U   A "H2'"  1 
ATOM   56   H "HO2'" . U   A 1 2  ? -1.363  -14.838 22.049  1.00 47.48 ? 2  U   A "HO2'" 1 
ATOM   57   H "H1'"  . U   A 1 2  ? -2.981  -15.680 21.345  1.00 49.70 ? 2  U   A "H1'"  1 
ATOM   58   H H3     . U   A 1 2  ? -4.494  -17.826 17.536  1.00 51.25 ? 2  U   A H3     1 
ATOM   59   H H5     . U   A 1 2  ? -7.044  -14.689 18.144  1.00 51.42 ? 2  U   A H5     1 
ATOM   60   H H6     . U   A 1 2  ? -5.705  -13.908 19.835  1.00 49.50 ? 2  U   A H6     1 
ATOM   61   P P      . G   A 1 3  ? -1.447  -10.711 19.265  1.00 40.61 ? 3  G   A P      1 
ATOM   62   O OP1    . G   A 1 3  ? -0.482  -9.665  19.689  1.00 33.59 ? 3  G   A OP1    1 
ATOM   63   O OP2    . G   A 1 3  ? -2.820  -10.310 18.732  1.00 37.94 ? 3  G   A OP2    1 
ATOM   64   O "O5'"  . G   A 1 3  ? -0.739  -11.731 18.196  1.00 38.10 ? 3  G   A "O5'"  1 
ATOM   65   C "C5'"  . G   A 1 3  ? 0.398   -12.494 18.578  1.00 34.49 ? 3  G   A "C5'"  1 
ATOM   66   C "C4'"  . G   A 1 3  ? 0.610   -13.641 17.661  1.00 34.29 ? 3  G   A "C4'"  1 
ATOM   67   O "O4'"  . G   A 1 3  ? -0.454  -14.618 17.802  1.00 34.11 ? 3  G   A "O4'"  1 
ATOM   68   C "C3'"  . G   A 1 3  ? 0.577   -13.323 16.185  1.00 34.36 ? 3  G   A "C3'"  1 
ATOM   69   O "O3'"  . G   A 1 3  ? 1.724   -12.660 15.750  1.00 32.95 ? 3  G   A "O3'"  1 
ATOM   70   C "C2'"  . G   A 1 3  ? 0.430   -14.711 15.596  1.00 33.89 ? 3  G   A "C2'"  1 
ATOM   71   O "O2'"  . G   A 1 3  ? 1.645   -15.419 15.728  1.00 30.03 ? 3  G   A "O2'"  1 
ATOM   72   C "C1'"  . G   A 1 3  ? -0.597  -15.320 16.583  1.00 35.68 ? 3  G   A "C1'"  1 
ATOM   73   N N9     . G   A 1 3  ? -2.003  -15.212 16.081  1.00 36.93 ? 3  G   A N9     1 
ATOM   74   C C8     . G   A 1 3  ? -3.093  -14.386 16.413  1.00 39.66 ? 3  G   A C8     1 
ATOM   75   N N7     . G   A 1 3  ? -4.226  -14.595 15.674  1.00 40.82 ? 3  G   A N7     1 
ATOM   76   C C5     . G   A 1 3  ? -3.901  -15.644 14.773  1.00 40.37 ? 3  G   A C5     1 
ATOM   77   C C6     . G   A 1 3  ? -4.697  -16.355 13.722  1.00 41.87 ? 3  G   A C6     1 
ATOM   78   O O6     . G   A 1 3  ? -5.932  -16.261 13.282  1.00 43.11 ? 3  G   A O6     1 
ATOM   79   N N1     . G   A 1 3  ? -3.944  -17.327 13.089  1.00 37.40 ? 3  G   A N1     1 
ATOM   80   C C2     . G   A 1 3  ? -2.613  -17.621 13.371  1.00 40.46 ? 3  G   A C2     1 
ATOM   81   N N2     . G   A 1 3  ? -2.135  -18.636 12.568  1.00 36.30 ? 3  G   A N2     1 
ATOM   82   N N3     . G   A 1 3  ? -1.859  -17.003 14.386  1.00 36.78 ? 3  G   A N3     1 
ATOM   83   C C4     . G   A 1 3  ? -2.545  -16.028 15.044  1.00 38.47 ? 3  G   A C4     1 
ATOM   84   H "H5'"  . G   A 1 3  ? 0.265   -12.832 19.488  1.00 41.19 ? 3  G   A "H5'"  1 
ATOM   85   H "H5''" . G   A 1 3  ? 1.190   -11.918 18.561  1.00 41.19 ? 3  G   A "H5''" 1 
ATOM   86   H "H4'"  . G   A 1 3  ? 1.465   -14.067 17.876  1.00 40.95 ? 3  G   A "H4'"  1 
ATOM   87   H "H3'"  . G   A 1 3  ? -0.217  -12.788 15.977  1.00 41.04 ? 3  G   A "H3'"  1 
ATOM   88   H "H2'"  . G   A 1 3  ? 0.097   -14.694 14.675  1.00 40.47 ? 3  G   A "H2'"  1 
ATOM   89   H "HO2'" . G   A 1 3  ? 2.302   -15.044 15.105  1.00 35.84 ? 3  G   A "HO2'" 1 
ATOM   90   H "H1'"  . G   A 1 3  ? -0.379  -16.264 16.729  1.00 42.62 ? 3  G   A "H1'"  1 
ATOM   91   H H8     . G   A 1 3  ? -3.042  -13.705 17.117  1.00 47.39 ? 3  G   A H8     1 
ATOM   92   H H1     . G   A 1 3  ? -4.367  -17.844 12.380  1.00 45.42 ? 3  G   A H1     1 
ATOM   93   H H21    . G   A 1 3  ? -1.242  -18.568 12.170  1.00 43.36 ? 3  G   A H21    1 
ATOM   94   H H22    . G   A 1 3  ? -2.690  -19.428 12.395  1.00 43.43 ? 3  G   A H22    1 
ATOM   95   P P      . G   A 1 4  ? 1.690   -11.802 14.391  1.00 33.70 ? 4  G   A P      1 
ATOM   96   O OP1    . G   A 1 4  ? 3.089   -11.246 14.215  1.00 34.46 ? 4  G   A OP1    1 
ATOM   97   O OP2    . G   A 1 4  ? 0.573   -10.868 14.455  1.00 31.67 ? 4  G   A OP2    1 
ATOM   98   O "O5'"  . G   A 1 4  ? 1.372   -12.951 13.291  1.00 32.40 ? 4  G   A "O5'"  1 
ATOM   99   C "C5'"  . G   A 1 4  ? 2.348   -13.295 12.345  1.00 33.30 ? 4  G   A "C5'"  1 
ATOM   100  C "C4'"  . G   A 1 4  ? 1.970   -14.475 11.500  1.00 32.78 ? 4  G   A "C4'"  1 
ATOM   101  O "O4'"  . G   A 1 4  ? 0.960   -15.291 12.114  1.00 32.25 ? 4  G   A "O4'"  1 
ATOM   102  C "C3'"  . G   A 1 4  ? 1.396   -14.163 10.164  1.00 32.27 ? 4  G   A "C3'"  1 
ATOM   103  O "O3'"  . G   A 1 4  ? 2.396   -13.731 9.300   1.00 32.99 ? 4  G   A "O3'"  1 
ATOM   104  C "C2'"  . G   A 1 4  ? 0.807   -15.495 9.787   1.00 33.37 ? 4  G   A "C2'"  1 
ATOM   105  O "O2'"  . G   A 1 4  ? 1.829   -16.441 9.471   1.00 32.18 ? 4  G   A "O2'"  1 
ATOM   106  C "C1'"  . G   A 1 4  ? 0.193   -15.882 11.102  1.00 33.88 ? 4  G   A "C1'"  1 
ATOM   107  N N9     . G   A 1 4  ? -1.130  -15.347 11.207  1.00 35.80 ? 4  G   A N9     1 
ATOM   108  C C8     . G   A 1 4  ? -1.470  -14.329 12.082  1.00 35.14 ? 4  G   A C8     1 
ATOM   109  N N7     . G   A 1 4  ? -2.740  -14.045 11.993  1.00 37.98 ? 4  G   A N7     1 
ATOM   110  C C5     . G   A 1 4  ? -3.218  -14.924 10.985  1.00 37.98 ? 4  G   A C5     1 
ATOM   111  C C6     . G   A 1 4  ? -4.522  -15.024 10.497  1.00 38.76 ? 4  G   A C6     1 
ATOM   112  O O6     . G   A 1 4  ? -5.416  -14.280 10.958  1.00 43.17 ? 4  G   A O6     1 
ATOM   113  N N1     . G   A 1 4  ? -4.687  -15.998 9.454   1.00 37.34 ? 4  G   A N1     1 
ATOM   114  C C2     . G   A 1 4  ? -3.601  -16.821 9.004   1.00 37.47 ? 4  G   A C2     1 
ATOM   115  N N2     . G   A 1 4  ? -3.951  -17.691 8.029   1.00 34.03 ? 4  G   A N2     1 
ATOM   116  N N3     . G   A 1 4  ? -2.308  -16.723 9.485   1.00 34.02 ? 4  G   A N3     1 
ATOM   117  C C4     . G   A 1 4  ? -2.216  -15.760 10.444  1.00 36.54 ? 4  G   A C4     1 
ATOM   118  H "H5'"  . G   A 1 4  ? 3.183   -13.500 12.815  1.00 39.75 ? 4  G   A "H5'"  1 
ATOM   119  H "H5''" . G   A 1 4  ? 2.500   -12.524 11.757  1.00 39.75 ? 4  G   A "H5''" 1 
ATOM   120  H "H4'"  . G   A 1 4  ? 2.770   -15.024 11.368  1.00 39.14 ? 4  G   A "H4'"  1 
ATOM   121  H "H3'"  . G   A 1 4  ? 0.692   -13.485 10.244  1.00 38.53 ? 4  G   A "H3'"  1 
ATOM   122  H "H2'"  . G   A 1 4  ? 0.137   -15.415 9.077   1.00 39.85 ? 4  G   A "H2'"  1 
ATOM   123  H "HO2'" . G   A 1 4  ? 2.652   -15.960 9.247   1.00 38.42 ? 4  G   A "HO2'" 1 
ATOM   124  H "H1'"  . G   A 1 4  ? 0.181   -16.857 11.204  1.00 40.45 ? 4  G   A "H1'"  1 
ATOM   125  H H8     . G   A 1 4  ? -0.849  -13.905 12.710  1.00 41.97 ? 4  G   A H8     1 
ATOM   126  H H1     . G   A 1 4  ? -5.576  -16.135 9.066   1.00 44.60 ? 4  G   A H1     1 
ATOM   127  H H21    . G   A 1 4  ? -4.879  -17.729 7.717   1.00 40.64 ? 4  G   A H21    1 
ATOM   128  H H22    . G   A 1 4  ? -3.276  -18.283 7.635   1.00 40.64 ? 4  G   A H22    1 
ATOM   129  P P      . G   A 1 5  ? 2.071   -12.696 8.173   1.00 34.81 ? 5  G   A P      1 
ATOM   130  O OP1    . G   A 1 5  ? 3.374   -12.161 7.756   1.00 30.21 ? 5  G   A OP1    1 
ATOM   131  O OP2    . G   A 1 5  ? 1.033   -11.744 8.723   1.00 33.14 ? 5  G   A OP2    1 
ATOM   132  O "O5'"  . G   A 1 5  ? 1.415   -13.629 7.016   1.00 32.92 ? 5  G   A "O5'"  1 
ATOM   133  C "C5'"  . G   A 1 5  ? 2.090   -14.798 6.531   1.00 33.10 ? 5  G   A "C5'"  1 
ATOM   134  C "C4'"  . G   A 1 5  ? 1.176   -15.675 5.715   1.00 33.15 ? 5  G   A "C4'"  1 
ATOM   135  O "O4'"  . G   A 1 5  ? 0.060   -16.126 6.522   1.00 33.63 ? 5  G   A "O4'"  1 
ATOM   136  C "C3'"  . G   A 1 5  ? 0.508   -14.990 4.541   1.00 33.53 ? 5  G   A "C3'"  1 
ATOM   137  O "O3'"  . G   A 1 5  ? 1.352   -14.861 3.451   1.00 31.26 ? 5  G   A "O3'"  1 
ATOM   138  C "C2'"  . G   A 1 5  ? -0.700  -15.854 4.278   1.00 33.15 ? 5  G   A "C2'"  1 
ATOM   139  O "O2'"  . G   A 1 5  ? -0.351  -17.038 3.572   1.00 31.07 ? 5  G   A "O2'"  1 
ATOM   140  C "C1'"  . G   A 1 5  ? -1.101  -16.206 5.702   1.00 34.08 ? 5  G   A "C1'"  1 
ATOM   141  N N9     . G   A 1 5  ? -2.142  -15.285 6.212   1.00 33.89 ? 5  G   A N9     1 
ATOM   142  C C8     . G   A 1 5  ? -2.143  -14.292 7.156   1.00 35.13 ? 5  G   A C8     1 
ATOM   143  N N7     . G   A 1 5  ? -3.363  -13.710 7.272   1.00 35.85 ? 5  G   A N7     1 
ATOM   144  C C5     . G   A 1 5  ? -4.201  -14.357 6.372   1.00 34.70 ? 5  G   A C5     1 
ATOM   145  C C6     . G   A 1 5  ? -5.613  -14.151 6.055   1.00 35.85 ? 5  G   A C6     1 
ATOM   146  O O6     . G   A 1 5  ? -6.415  -13.316 6.561   1.00 38.12 ? 5  G   A O6     1 
ATOM   147  N N1     . G   A 1 5  ? -6.092  -14.991 5.078   1.00 34.05 ? 5  G   A N1     1 
ATOM   148  C C2     . G   A 1 5  ? -5.268  -15.972 4.446   1.00 35.50 ? 5  G   A C2     1 
ATOM   149  N N2     . G   A 1 5  ? -5.862  -16.750 3.529   1.00 31.77 ? 5  G   A N2     1 
ATOM   150  N N3     . G   A 1 5  ? -3.949  -16.165 4.718   1.00 34.10 ? 5  G   A N3     1 
ATOM   151  C C4     . G   A 1 5  ? -3.473  -15.321 5.707   1.00 34.56 ? 5  G   A C4     1 
ATOM   152  H "H5'"  . G   A 1 5  ? 2.427   -15.311 7.295   1.00 39.52 ? 5  G   A "H5'"  1 
ATOM   153  H "H5''" . G   A 1 5  ? 2.847   -14.520 5.973   1.00 39.52 ? 5  G   A "H5''" 1 
ATOM   154  H "H4'"  . G   A 1 5  ? 1.678   -16.454 5.394   1.00 39.58 ? 5  G   A "H4'"  1 
ATOM   155  H "H3'"  . G   A 1 5  ? 0.209   -14.099 4.820   1.00 40.04 ? 5  G   A "H3'"  1 
ATOM   156  H "H2'"  . G   A 1 5  ? -1.407  -15.353 3.821   1.00 39.57 ? 5  G   A "H2'"  1 
ATOM   157  H "HO2'" . G   A 1 5  ? -0.975  -17.753 3.819   1.00 37.08 ? 5  G   A "HO2'" 1 
ATOM   158  H "H1'"  . G   A 1 5  ? -1.445  -17.124 5.722   1.00 40.70 ? 5  G   A "H1'"  1 
ATOM   159  H H8     . G   A 1 5  ? -1.357  -14.029 7.678   1.00 41.95 ? 5  G   A H8     1 
ATOM   160  H H1     . G   A 1 5  ? -7.026  -14.924 4.827   1.00 40.64 ? 5  G   A H1     1 
ATOM   161  H H21    . G   A 1 5  ? -6.811  -16.623 3.320   1.00 37.92 ? 5  G   A H21    1 
ATOM   162  H H22    . G   A 1 5  ? -5.346  -17.444 3.068   1.00 37.92 ? 5  G   A H22    1 
ATOM   163  P P      . C   A 1 6  ? 1.310   -13.532 2.625   1.00 33.30 ? 6  C   A P      1 
ATOM   164  O OP1    . C   A 1 6  ? 2.546   -13.462 1.819   1.00 30.01 ? 6  C   A OP1    1 
ATOM   165  O OP2    . C   A 1 6  ? 1.027   -12.457 3.554   1.00 31.92 ? 6  C   A OP2    1 
ATOM   166  O "O5'"  . C   A 1 6  ? 0.004   -13.745 1.671   1.00 35.27 ? 6  C   A "O5'"  1 
ATOM   167  C "C5'"  . C   A 1 6  ? -0.037  -14.703 0.631   1.00 33.86 ? 6  C   A "C5'"  1 
ATOM   168  C "C4'"  . C   A 1 6  ? -1.423  -14.767 0.031   1.00 33.57 ? 6  C   A "C4'"  1 
ATOM   169  O "O4'"  . C   A 1 6  ? -2.389  -15.130 1.060   1.00 33.16 ? 6  C   A "O4'"  1 
ATOM   170  C "C3'"  . C   A 1 6  ? -1.961  -13.471 -0.527  1.00 33.55 ? 6  C   A "C3'"  1 
ATOM   171  O "O3'"  . C   A 1 6  ? -1.447  -13.145 -1.780  1.00 32.47 ? 6  C   A "O3'"  1 
ATOM   172  C "C2'"  . C   A 1 6  ? -3.464  -13.699 -0.509  1.00 34.00 ? 6  C   A "C2'"  1 
ATOM   173  O "O2'"  . C   A 1 6  ? -3.861  -14.559 -1.549  1.00 32.75 ? 6  C   A "O2'"  1 
ATOM   174  C "C1'"  . C   A 1 6  ? -3.609  -14.453 0.831   1.00 34.41 ? 6  C   A "C1'"  1 
ATOM   175  N N1     . C   A 1 6  ? -3.879  -13.518 1.994   1.00 34.51 ? 6  C   A N1     1 
ATOM   176  C C2     . C   A 1 6  ? -5.198  -13.115 2.112   1.00 34.57 ? 6  C   A C2     1 
ATOM   177  O O2     . C   A 1 6  ? -5.941  -13.554 1.292   1.00 33.19 ? 6  C   A O2     1 
ATOM   178  N N3     . C   A 1 6  ? -5.628  -12.255 3.052   1.00 35.38 ? 6  C   A N3     1 
ATOM   179  C C4     . C   A 1 6  ? -4.772  -11.787 3.948   1.00 35.24 ? 6  C   A C4     1 
ATOM   180  N N4     . C   A 1 6  ? -5.308  -10.970 4.884   1.00 34.30 ? 6  C   A N4     1 
ATOM   181  C C5     . C   A 1 6  ? -3.382  -12.174 3.888   1.00 34.02 ? 6  C   A C5     1 
ATOM   182  C C6     . C   A 1 6  ? -2.989  -13.034 2.918   1.00 33.91 ? 6  C   A C6     1 
ATOM   183  H "H5'"  . C   A 1 6  ? 0.200   -15.583 0.992   1.00 40.43 ? 6  C   A "H5'"  1 
ATOM   184  H "H5''" . C   A 1 6  ? 0.606   -14.454 -0.065  1.00 40.43 ? 6  C   A "H5''" 1 
ATOM   185  H "H4'"  . C   A 1 6  ? -1.435  -15.448 -0.674  1.00 40.09 ? 6  C   A "H4'"  1 
ATOM   186  H "H3'"  . C   A 1 6  ? -1.746  -12.747 0.097   1.00 40.06 ? 6  C   A "H3'"  1 
ATOM   187  H "H2'"  . C   A 1 6  ? -3.965  -12.856 -0.510  1.00 40.60 ? 6  C   A "H2'"  1 
ATOM   188  H "HO2'" . C   A 1 6  ? -3.772  -14.087 -2.404  1.00 39.10 ? 6  C   A "HO2'" 1 
ATOM   189  H "H1'"  . C   A 1 6  ? -4.336  -15.107 0.761   1.00 41.09 ? 6  C   A "H1'"  1 
ATOM   190  H H41    . C   A 1 6  ? -4.738  -10.584 5.582   1.00 40.96 ? 6  C   A H41    1 
ATOM   191  H H42    . C   A 1 6  ? -6.267  -10.765 4.865   1.00 40.96 ? 6  C   A H42    1 
ATOM   192  H H5     . C   A 1 6  ? -2.740  -11.836 4.546   1.00 40.62 ? 6  C   A H5     1 
ATOM   193  H H6     . C   A 1 6  ? -2.046  -13.294 2.859   1.00 40.49 ? 6  C   A H6     1 
ATOM   194  P P      . C   A 1 7  ? -1.216  -11.605 -2.152  1.00 33.64 ? 7  C   A P      1 
ATOM   195  O OP1    . C   A 1 7  ? -0.423  -11.573 -3.336  1.00 33.18 ? 7  C   A OP1    1 
ATOM   196  O OP2    . C   A 1 7  ? -0.711  -10.912 -0.909  1.00 36.90 ? 7  C   A OP2    1 
ATOM   197  O "O5'"  . C   A 1 7  ? -2.687  -11.089 -2.457  1.00 34.96 ? 7  C   A "O5'"  1 
ATOM   198  C "C5'"  . C   A 1 7  ? -3.519  -11.731 -3.402  1.00 33.49 ? 7  C   A "C5'"  1 
ATOM   199  C "C4'"  . C   A 1 7  ? -4.904  -11.122 -3.371  1.00 33.87 ? 7  C   A "C4'"  1 
ATOM   200  O "O4'"  . C   A 1 7  ? -5.585  -11.518 -2.147  1.00 31.64 ? 7  C   A "O4'"  1 
ATOM   201  C "C3'"  . C   A 1 7  ? -4.979  -9.598  -3.331  1.00 33.59 ? 7  C   A "C3'"  1 
ATOM   202  O "O3'"  . C   A 1 7  ? -4.821  -9.000  -4.590  1.00 34.05 ? 7  C   A "O3'"  1 
ATOM   203  C "C2'"  . C   A 1 7  ? -6.371  -9.379  -2.769  1.00 32.97 ? 7  C   A "C2'"  1 
ATOM   204  O "O2'"  . C   A 1 7  ? -7.339  -9.671  -3.762  1.00 31.85 ? 7  C   A "O2'"  1 
ATOM   205  C "C1'"  . C   A 1 7  ? -6.418  -10.457 -1.708  1.00 33.05 ? 7  C   A "C1'"  1 
ATOM   206  N N1     . C   A 1 7  ? -5.895  -9.954  -0.402  1.00 33.82 ? 7  C   A N1     1 
ATOM   207  C C2     . C   A 1 7  ? -6.865  -9.302  0.398   1.00 35.00 ? 7  C   A C2     1 
ATOM   208  O O2     . C   A 1 7  ? -8.084  -9.157  0.016   1.00 33.89 ? 7  C   A O2     1 
ATOM   209  N N3     . C   A 1 7  ? -6.449  -8.838  1.592   1.00 34.69 ? 7  C   A N3     1 
ATOM   210  C C4     . C   A 1 7  ? -5.177  -8.912  2.016   1.00 35.93 ? 7  C   A C4     1 
ATOM   211  N N4     . C   A 1 7  ? -4.997  -8.356  3.224   1.00 37.53 ? 7  C   A N4     1 
ATOM   212  C C5     . C   A 1 7  ? -4.113  -9.578  1.244   1.00 35.89 ? 7  C   A C5     1 
ATOM   213  C C6     . C   A 1 7  ? -4.552  -10.103 0.012   1.00 33.86 ? 7  C   A C6     1 
ATOM   214  H "H5'"  . C   A 1 7  ? -3.579  -12.685 -3.187  1.00 39.98 ? 7  C   A "H5'"  1 
ATOM   215  H "H5''" . C   A 1 7  ? -3.137  -11.624 -4.298  1.00 39.98 ? 7  C   A "H5''" 1 
ATOM   216  H "H4'"  . C   A 1 7  ? -5.415  -11.447 -4.142  1.00 40.44 ? 7  C   A "H4'"  1 
ATOM   217  H "H3'"  . C   A 1 7  ? -4.309  -9.248  -2.706  1.00 40.11 ? 7  C   A "H3'"  1 
ATOM   218  H "H2'"  . C   A 1 7  ? -6.481  -8.482  -2.390  1.00 39.36 ? 7  C   A "H2'"  1 
ATOM   219  H "HO2'" . C   A 1 7  ? -7.310  -8.975  -4.450  1.00 38.02 ? 7  C   A "HO2'" 1 
ATOM   220  H "H1'"  . C   A 1 7  ? -7.339  -10.778 -1.599  1.00 39.45 ? 7  C   A "H1'"  1 
ATOM   221  H H41    . C   A 1 7  ? -4.100  -8.323  3.618   1.00 44.84 ? 7  C   A H41    1 
ATOM   222  H H42    . C   A 1 7  ? -5.763  -7.984  3.715   1.00 43.66 ? 7  C   A H42    1 
ATOM   223  H H5     . C   A 1 7  ? -3.192  -9.665  1.566   1.00 42.87 ? 7  C   A H5     1 
ATOM   224  H H6     . C   A 1 7  ? -3.912  -10.552 -0.578  1.00 40.43 ? 7  C   A H6     1 
ATOM   225  P P      . U   A 1 8  ? -4.257  -7.494  -4.705  1.00 36.86 ? 8  U   A P      1 
ATOM   226  O OP1    . U   A 1 8  ? -4.097  -7.189  -6.183  1.00 33.79 ? 8  U   A OP1    1 
ATOM   227  O OP2    . U   A 1 8  ? -3.081  -7.420  -3.811  1.00 32.47 ? 8  U   A OP2    1 
ATOM   228  O "O5'"  . U   A 1 8  ? -5.462  -6.614  -4.094  1.00 35.31 ? 8  U   A "O5'"  1 
ATOM   229  C "C5'"  . U   A 1 8  ? -6.523  -6.163  -4.925  1.00 34.12 ? 8  U   A "C5'"  1 
ATOM   230  C "C4'"  . U   A 1 8  ? -7.605  -5.477  -4.124  1.00 33.43 ? 8  U   A "C4'"  1 
ATOM   231  O "O4'"  . U   A 1 8  ? -7.861  -6.205  -2.914  1.00 34.56 ? 8  U   A "O4'"  1 
ATOM   232  C "C3'"  . U   A 1 8  ? -7.313  -4.086  -3.624  1.00 33.73 ? 8  U   A "C3'"  1 
ATOM   233  O "O3'"  . U   A 1 8  ? -7.453  -3.152  -4.612  1.00 34.85 ? 8  U   A "O3'"  1 
ATOM   234  C "C2'"  . U   A 1 8  ? -8.366  -3.933  -2.588  1.00 35.75 ? 8  U   A "C2'"  1 
ATOM   235  O "O2'"  . U   A 1 8  ? -9.620  -3.826  -3.248  1.00 33.47 ? 8  U   A "O2'"  1 
ATOM   236  C "C1'"  . U   A 1 8  ? -8.295  -5.304  -1.922  1.00 34.82 ? 8  U   A "C1'"  1 
ATOM   237  N N1     . U   A 1 8  ? -7.345  -5.358  -0.784  1.00 35.82 ? 8  U   A N1     1 
ATOM   238  C C2     . U   A 1 8  ? -7.758  -4.681  0.367   1.00 37.62 ? 8  U   A C2     1 
ATOM   239  O O2     . U   A 1 8  ? -8.788  -4.017  0.354   1.00 37.44 ? 8  U   A O2     1 
ATOM   240  N N3     . U   A 1 8  ? -6.912  -4.770  1.473   1.00 36.99 ? 8  U   A N3     1 
ATOM   241  C C4     . U   A 1 8  ? -5.695  -5.444  1.511   1.00 37.29 ? 8  U   A C4     1 
ATOM   242  O O4     . U   A 1 8  ? -5.000  -5.425  2.550   1.00 38.76 ? 8  U   A O4     1 
ATOM   243  C C5     . U   A 1 8  ? -5.339  -6.144  0.284   1.00 37.05 ? 8  U   A C5     1 
ATOM   244  C C6     . U   A 1 8  ? -6.155  -6.098  -0.788  1.00 35.27 ? 8  U   A C6     1 
ATOM   245  H "H5'"  . U   A 1 8  ? -6.911  -6.932  -5.393  1.00 40.74 ? 8  U   A "H5'"  1 
ATOM   246  H "H5''" . U   A 1 8  ? -6.165  -5.533  -5.585  1.00 40.74 ? 8  U   A "H5''" 1 
ATOM   247  H "H4'"  . U   A 1 8  ? -8.425  -5.455  -4.658  1.00 39.92 ? 8  U   A "H4'"  1 
ATOM   248  H "H3'"  . U   A 1 8  ? -6.421  -4.041  -3.222  1.00 40.28 ? 8  U   A "H3'"  1 
ATOM   249  H "H2'"  . U   A 1 8  ? -8.188  -3.195  -1.967  1.00 42.70 ? 8  U   A "H2'"  1 
ATOM   250  H "HO2'" . U   A 1 8  ? -10.124 -4.656  -3.112  1.00 39.97 ? 8  U   A "HO2'" 1 
ATOM   251  H "H1'"  . U   A 1 8  ? -9.188  -5.565  -1.615  1.00 41.58 ? 8  U   A "H1'"  1 
ATOM   252  H H3     . U   A 1 8  ? -7.161  -4.253  2.267   1.00 44.18 ? 8  U   A H3     1 
ATOM   253  H H5     . U   A 1 8  ? -4.511  -6.668  0.245   1.00 44.26 ? 8  U   A H5     1 
ATOM   254  H H6     . U   A 1 8  ? -5.901  -6.585  -1.600  1.00 42.12 ? 8  U   A H6     1 
ATOM   255  P P      . G   A 1 9  ? -6.530  -1.861  -4.646  1.00 36.83 ? 9  G   A P      1 
ATOM   256  O OP1    . G   A 1 9  ? -6.754  -1.238  -5.975  1.00 31.74 ? 9  G   A OP1    1 
ATOM   257  O OP2    . G   A 1 9  ? -5.160  -2.275  -4.300  1.00 33.70 ? 9  G   A OP2    1 
ATOM   258  O "O5'"  . G   A 1 9  ? -7.144  -0.976  -3.460  1.00 36.35 ? 9  G   A "O5'"  1 
ATOM   259  C "C5'"  . G   A 1 9  ? -8.452  -0.439  -3.553  1.00 37.44 ? 9  G   A "C5'"  1 
ATOM   260  C "C4'"  . G   A 1 9  ? -8.866  0.257   -2.265  1.00 39.78 ? 9  G   A "C4'"  1 
ATOM   261  O "O4'"  . G   A 1 9  ? -8.965  -0.702  -1.162  1.00 38.38 ? 9  G   A "O4'"  1 
ATOM   262  C "C3'"  . G   A 1 9  ? -7.923  1.340   -1.723  1.00 40.48 ? 9  G   A "C3'"  1 
ATOM   263  O "O3'"  . G   A 1 9  ? -8.061  2.601   -2.375  1.00 41.45 ? 9  G   A "O3'"  1 
ATOM   264  C "C2'"  . G   A 1 9  ? -8.332  1.397   -0.279  1.00 41.34 ? 9  G   A "C2'"  1 
ATOM   265  O "O2'"  . G   A 1 9  ? -9.575  2.062   -0.162  1.00 42.93 ? 9  G   A "O2'"  1 
ATOM   266  C "C1'"  . G   A 1 9  ? -8.535  -0.078  0.039   1.00 39.46 ? 9  G   A "C1'"  1 
ATOM   267  N N9     . G   A 1 9  ? -7.276  -0.724  0.476   1.00 40.00 ? 9  G   A N9     1 
ATOM   268  C C8     . G   A 1 9  ? -6.464  -1.504  -0.318  1.00 38.90 ? 9  G   A C8     1 
ATOM   269  N N7     . G   A 1 9  ? -5.412  -1.999  0.298   1.00 39.55 ? 9  G   A N7     1 
ATOM   270  C C5     . G   A 1 9  ? -5.545  -1.531  1.612   1.00 40.59 ? 9  G   A C5     1 
ATOM   271  C C6     . G   A 1 9  ? -4.726  -1.729  2.754   1.00 41.09 ? 9  G   A C6     1 
ATOM   272  O O6     . G   A 1 9  ? -3.688  -2.416  2.816   1.00 41.72 ? 9  G   A O6     1 
ATOM   273  N N1     . G   A 1 9  ? -5.226  -1.057  3.891   1.00 40.89 ? 9  G   A N1     1 
ATOM   274  C C2     . G   A 1 9  ? -6.384  -0.300  3.908   1.00 42.34 ? 9  G   A C2     1 
ATOM   275  N N2     . G   A 1 9  ? -6.811  0.322   5.024   1.00 42.56 ? 9  G   A N2     1 
ATOM   276  N N3     . G   A 1 9  ? -7.132  -0.127  2.836   1.00 41.91 ? 9  G   A N3     1 
ATOM   277  C C4     . G   A 1 9  ? -6.683  -0.758  1.728   1.00 40.69 ? 9  G   A C4     1 
ATOM   278  H "H5'"  . G   A 1 9  ? -9.083  -1.166  -3.741  1.00 44.72 ? 9  G   A "H5'"  1 
ATOM   279  H "H5''" . G   A 1 9  ? -8.481  0.207   -4.290  1.00 44.72 ? 9  G   A "H5''" 1 
ATOM   280  H "H4'"  . G   A 1 9  ? -9.749  0.659   -2.403  1.00 47.53 ? 9  G   A "H4'"  1 
ATOM   281  H "H3'"  . G   A 1 9  ? -6.995  1.033   -1.791  1.00 48.37 ? 9  G   A "H3'"  1 
ATOM   282  H "H2'"  . G   A 1 9  ? -7.639  1.802   0.284   1.00 49.41 ? 9  G   A "H2'"  1 
ATOM   283  H "HO2'" . G   A 1 9  ? -10.014 1.773   0.665   1.00 51.32 ? 9  G   A "HO2'" 1 
ATOM   284  H "H1'"  . G   A 1 9  ? -9.220  -0.179  0.732   1.00 47.15 ? 9  G   A "H1'"  1 
ATOM   285  H H8     . G   A 1 9  ? -6.652  -1.671  -1.265  1.00 46.48 ? 9  G   A H8     1 
ATOM   286  H H1     . G   A 1 9  ? -4.737  -1.131  4.701   1.00 50.98 ? 9  G   A H1     1 
ATOM   287  H H21    . G   A 1 9  ? -6.947  1.292   5.023   1.00 50.87 ? 9  G   A H21    1 
ATOM   288  H H22    . G   A 1 9  ? -6.986  -0.196  5.838   1.00 50.78 ? 9  G   A H22    1 
ATOM   289  P P      . C   A 1 10 ? -6.749  3.456   -2.754  1.00 44.27 ? 10 C   A P      1 
ATOM   290  O OP1    . C   A 1 10 ? -7.086  4.335   -3.896  1.00 41.64 ? 10 C   A OP1    1 
ATOM   291  O OP2    . C   A 1 10 ? -5.656  2.449   -2.940  1.00 45.19 ? 10 C   A OP2    1 
ATOM   292  O "O5'"  . C   A 1 10 ? -6.469  4.335   -1.432  1.00 43.69 ? 10 C   A "O5'"  1 
ATOM   293  C "C5'"  . C   A 1 10 ? -7.499  5.041   -0.755  1.00 42.35 ? 10 C   A "C5'"  1 
ATOM   294  C "C4'"  . C   A 1 10 ? -7.263  5.120   0.762   1.00 44.96 ? 10 C   A "C4'"  1 
ATOM   295  O "O4'"  . C   A 1 10 ? -7.235  3.794   1.342   1.00 43.76 ? 10 C   A "O4'"  1 
ATOM   296  C "C3'"  . C   A 1 10 ? -5.949  5.727   1.245   1.00 44.63 ? 10 C   A "C3'"  1 
ATOM   297  O "O3'"  . C   A 1 10 ? -5.912  7.134   1.243   1.00 41.22 ? 10 C   A "O3'"  1 
ATOM   298  C "C2'"  . C   A 1 10 ? -5.826  5.177   2.631   1.00 45.34 ? 10 C   A "C2'"  1 
ATOM   299  O "O2'"  . C   A 1 10 ? -6.683  5.883   3.508   1.00 46.06 ? 10 C   A "O2'"  1 
ATOM   300  C "C1'"  . C   A 1 10 ? -6.352  3.776   2.445   1.00 43.38 ? 10 C   A "C1'"  1 
ATOM   301  N N1     . C   A 1 10 ? -5.254  2.780   2.200   1.00 42.48 ? 10 C   A N1     1 
ATOM   302  C C2     . C   A 1 10 ? -4.436  2.371   3.278   1.00 42.08 ? 10 C   A C2     1 
ATOM   303  O O2     . C   A 1 10 ? -4.599  2.892   4.400   1.00 41.13 ? 10 C   A O2     1 
ATOM   304  N N3     . C   A 1 10 ? -3.468  1.443   3.081   1.00 41.48 ? 10 C   A N3     1 
ATOM   305  C C4     . C   A 1 10 ? -3.271  0.890   1.867   1.00 42.12 ? 10 C   A C4     1 
ATOM   306  N N4     . C   A 1 10 ? -2.329  -0.051  1.647   1.00 40.19 ? 10 C   A N4     1 
ATOM   307  C C5     . C   A 1 10 ? -4.088  1.295   0.777   1.00 42.37 ? 10 C   A C5     1 
ATOM   308  C C6     . C   A 1 10 ? -5.033  2.227   0.995   1.00 42.03 ? 10 C   A C6     1 
ATOM   309  H "H5'"  . C   A 1 10 ? -8.353  4.589   -0.920  1.00 50.62 ? 10 C   A "H5'"  1 
ATOM   310  H "H5''" . C   A 1 10 ? -7.548  5.952   -1.115  1.00 50.62 ? 10 C   A "H5''" 1 
ATOM   311  H "H4'"  . C   A 1 10 ? -8.003  5.620   1.166   1.00 53.75 ? 10 C   A "H4'"  1 
ATOM   312  H "H3'"  . C   A 1 10 ? -5.214  5.384   0.694   1.00 53.35 ? 10 C   A "H3'"  1 
ATOM   313  H "H2'"  . C   A 1 10 ? -4.897  5.178   2.942   1.00 54.21 ? 10 C   A "H2'"  1 
ATOM   314  H "HO2'" . C   A 1 10 ? -7.414  5.291   3.784   1.00 55.07 ? 10 C   A "HO2'" 1 
ATOM   315  H "H1'"  . C   A 1 10 ? -6.850  3.513   3.247   1.00 51.85 ? 10 C   A "H1'"  1 
ATOM   316  H H41    . C   A 1 10 ? -2.169  -0.383  0.739   1.00 48.02 ? 10 C   A H41    1 
ATOM   317  H H42    . C   A 1 10 ? -1.802  -0.404  2.399   1.00 49.40 ? 10 C   A H42    1 
ATOM   318  H H5     . C   A 1 10 ? -3.969  0.899   -0.111  1.00 50.64 ? 10 C   A H5     1 
ATOM   319  H H6     . C   A 1 10 ? -5.616  2.484   0.249   1.00 50.23 ? 10 C   A H6     1 
ATOM   320  P P      . U   A 1 11 ? -4.597  7.843   0.696   1.00 48.06 ? 11 U   A P      1 
ATOM   321  O OP1    . U   A 1 11 ? -5.039  9.108   -0.010  1.00 42.49 ? 11 U   A OP1    1 
ATOM   322  O OP2    . U   A 1 11 ? -3.849  6.791   -0.107  1.00 47.82 ? 11 U   A OP2    1 
ATOM   323  O "O5'"  . U   A 1 11 ? -3.713  8.168   2.041   1.00 44.88 ? 11 U   A "O5'"  1 
ATOM   324  C "C5'"  . U   A 1 11 ? -4.311  8.370   3.323   1.00 42.67 ? 11 U   A "C5'"  1 
ATOM   325  C "C4'"  . U   A 1 11 ? -3.395  7.959   4.483   1.00 42.81 ? 11 U   A "C4'"  1 
ATOM   326  O "O4'"  . U   A 1 11 ? -3.366  6.511   4.620   1.00 46.75 ? 11 U   A "O4'"  1 
ATOM   327  C "C3'"  . U   A 1 11 ? -1.912  8.276   4.398   1.00 41.41 ? 11 U   A "C3'"  1 
ATOM   328  O "O3'"  . U   A 1 11 ? -1.587  9.636   4.518   1.00 40.21 ? 11 U   A "O3'"  1 
ATOM   329  C "C2'"  . U   A 1 11 ? -1.395  7.439   5.546   1.00 43.22 ? 11 U   A "C2'"  1 
ATOM   330  O "O2'"  . U   A 1 11 ? -1.843  7.996   6.760   1.00 41.58 ? 11 U   A "O2'"  1 
ATOM   331  C "C1'"  . U   A 1 11 ? -2.176  6.136   5.318   1.00 44.75 ? 11 U   A "C1'"  1 
ATOM   332  N N1     . U   A 1 11 ? -1.421  5.068   4.496   1.00 43.63 ? 11 U   A N1     1 
ATOM   333  C C2     . U   A 1 11 ? -0.405  4.114   4.921   1.00 43.18 ? 11 U   A C2     1 
ATOM   334  O O2     . U   A 1 11 ? 0.153   4.019   6.029   1.00 43.52 ? 11 U   A O2     1 
ATOM   335  N N3     . U   A 1 11 ? 0.069   3.193   3.977   1.00 40.77 ? 11 U   A N3     1 
ATOM   336  C C4     . U   A 1 11 ? -0.343  3.066   2.656   1.00 42.71 ? 11 U   A C4     1 
ATOM   337  O O4     . U   A 1 11 ? 0.153   2.192   1.859   1.00 41.76 ? 11 U   A O4     1 
ATOM   338  C C5     . U   A 1 11 ? -1.388  4.002   2.295   1.00 43.20 ? 11 U   A C5     1 
ATOM   339  C C6     . U   A 1 11 ? -1.870  4.918   3.197   1.00 44.48 ? 11 U   A C6     1 
ATOM   340  H "H5'"  . U   A 1 11 ? -5.137  7.844   3.372   1.00 51.00 ? 11 U   A "H5'"  1 
ATOM   341  H "H5''" . U   A 1 11 ? -4.536  9.319   3.420   1.00 51.00 ? 11 U   A "H5''" 1 
ATOM   342  H "H4'"  . U   A 1 11 ? -3.749  8.344   5.311   1.00 51.17 ? 11 U   A "H4'"  1 
ATOM   343  H "H3'"  . U   A 1 11 ? -1.552  7.929   3.556   1.00 49.49 ? 11 U   A "H3'"  1 
ATOM   344  H "H2'"  . U   A 1 11 ? -0.423  7.309   5.515   1.00 51.66 ? 11 U   A "H2'"  1 
ATOM   345  H "HO2'" . U   A 1 11 ? -2.533  7.413   7.142   1.00 49.70 ? 11 U   A "HO2'" 1 
ATOM   346  H "H1'"  . U   A 1 11 ? -2.422  5.755   6.187   1.00 53.50 ? 11 U   A "H1'"  1 
ATOM   347  H H3     . U   A 1 11 ? 0.779   2.586   4.275   1.00 48.72 ? 11 U   A H3     1 
ATOM   348  H H5     . U   A 1 11 ? -1.747  3.993   1.382   1.00 51.64 ? 11 U   A H5     1 
ATOM   349  H H6     . U   A 1 11 ? -2.574  5.527   2.890   1.00 53.18 ? 11 U   A H6     1 
ATOM   350  P P      . G   A 1 12 ? -0.391  10.239  3.636   1.00 39.79 ? 12 G   A P      1 
ATOM   351  O OP1    . G   A 1 12 ? -0.458  11.675  3.714   1.00 43.89 ? 12 G   A OP1    1 
ATOM   352  O OP2    . G   A 1 12 ? -0.484  9.622   2.302   1.00 43.26 ? 12 G   A OP2    1 
ATOM   353  O "O5'"  . G   A 1 12 ? 0.908   9.717   4.415   1.00 39.56 ? 12 G   A "O5'"  1 
ATOM   354  C "C5'"  . G   A 1 12 ? 1.118   10.052  5.803   1.00 39.26 ? 12 G   A "C5'"  1 
ATOM   355  C "C4'"  . G   A 1 12 ? 2.266   9.272   6.426   1.00 38.25 ? 12 G   A "C4'"  1 
ATOM   356  O "O4'"  . G   A 1 12 ? 1.898   7.874   6.559   1.00 39.18 ? 12 G   A "O4'"  1 
ATOM   357  C "C3'"  . G   A 1 12 ? 3.555   9.236   5.620   1.00 37.01 ? 12 G   A "C3'"  1 
ATOM   358  O "O3'"  . G   A 1 12 ? 4.366   10.361  5.798   1.00 33.70 ? 12 G   A "O3'"  1 
ATOM   359  C "C2'"  . G   A 1 12 ? 4.220   7.958   6.085   1.00 37.32 ? 12 G   A "C2'"  1 
ATOM   360  O "O2'"  . G   A 1 12 ? 4.834   8.152   7.334   1.00 36.08 ? 12 G   A "O2'"  1 
ATOM   361  C "C1'"  . G   A 1 12 ? 3.009   7.048   6.245   1.00 39.18 ? 12 G   A "C1'"  1 
ATOM   362  N N9     . G   A 1 12 ? 2.743   6.311   4.981   1.00 39.57 ? 12 G   A N9     1 
ATOM   363  C C8     . G   A 1 12 ? 1.927   6.626   3.900   1.00 40.74 ? 12 G   A C8     1 
ATOM   364  N N7     . G   A 1 12 ? 2.025   5.784   2.877   1.00 41.08 ? 12 G   A N7     1 
ATOM   365  C C5     . G   A 1 12 ? 2.994   4.863   3.321   1.00 39.57 ? 12 G   A C5     1 
ATOM   366  C C6     . G   A 1 12 ? 3.531   3.694   2.653   1.00 39.74 ? 12 G   A C6     1 
ATOM   367  O O6     . G   A 1 12 ? 3.152   3.284   1.476   1.00 37.93 ? 12 G   A O6     1 
ATOM   368  N N1     . G   A 1 12 ? 4.544   3.051   3.503   1.00 36.93 ? 12 G   A N1     1 
ATOM   369  C C2     . G   A 1 12 ? 4.900   3.482   4.765   1.00 37.04 ? 12 G   A C2     1 
ATOM   370  N N2     . G   A 1 12 ? 5.844   2.798   5.467   1.00 35.21 ? 12 G   A N2     1 
ATOM   371  N N3     . G   A 1 12 ? 4.358   4.595   5.353   1.00 38.63 ? 12 G   A N3     1 
ATOM   372  C C4     . G   A 1 12 ? 3.436   5.200   4.594   1.00 38.14 ? 12 G   A C4     1 
ATOM   373  H "H5'"  . G   A 1 12 ? 0.298   9.860   6.304   1.00 46.91 ? 12 G   A "H5'"  1 
ATOM   374  H "H5''" . G   A 1 12 ? 1.314   11.011  5.871   1.00 46.91 ? 12 G   A "H5''" 1 
ATOM   375  H "H4'"  . G   A 1 12 ? 2.455   9.639   7.315   1.00 45.70 ? 12 G   A "H4'"  1 
ATOM   376  H "H3'"  . G   A 1 12 ? 3.334   9.151   4.669   1.00 44.22 ? 12 G   A "H3'"  1 
ATOM   377  H "H2'"  . G   A 1 12 ? 4.846   7.611   5.417   1.00 44.59 ? 12 G   A "H2'"  1 
ATOM   378  H "HO2'" . G   A 1 12 ? 5.588   7.530   7.418   1.00 43.10 ? 12 G   A "HO2'" 1 
ATOM   379  H "H1'"  . G   A 1 12 ? 3.165   6.412   6.974   1.00 46.81 ? 12 G   A "H1'"  1 
ATOM   380  H H8     . G   A 1 12 ? 1.324   7.398   3.897   1.00 48.68 ? 12 G   A H8     1 
ATOM   381  H H1     . G   A 1 12 ? 4.964   2.239   3.174   1.00 42.16 ? 12 G   A H1     1 
ATOM   382  H H21    . G   A 1 12 ? 5.701   2.596   6.415   1.00 42.05 ? 12 G   A H21    1 
ATOM   383  H H22    . G   A 1 12 ? 6.669   2.506   5.022   1.00 41.26 ? 12 G   A H22    1 
ATOM   384  P P      . C   A 1 13 ? 5.242   10.889  4.566   1.00 35.37 ? 13 C   A P      1 
ATOM   385  O OP1    . C   A 1 13 ? 5.812   12.173  4.996   1.00 36.76 ? 13 C   A OP1    1 
ATOM   386  O OP2    . C   A 1 13 ? 4.413   10.849  3.393   1.00 33.74 ? 13 C   A OP2    1 
ATOM   387  O "O5'"  . C   A 1 13 ? 6.413   9.777   4.438   1.00 34.43 ? 13 C   A "O5'"  1 
ATOM   388  C "C5'"  . C   A 1 13 ? 7.097   9.363   5.574   1.00 33.31 ? 13 C   A "C5'"  1 
ATOM   389  C "C4'"  . C   A 1 13 ? 8.203   8.430   5.242   1.00 34.44 ? 13 C   A "C4'"  1 
ATOM   390  O "O4'"  . C   A 1 13 ? 7.715   7.064   5.253   1.00 34.46 ? 13 C   A "O4'"  1 
ATOM   391  C "C3'"  . C   A 1 13 ? 8.869   8.610   3.875   1.00 32.72 ? 13 C   A "C3'"  1 
ATOM   392  O "O3'"  . C   A 1 13 ? 9.905   9.589   3.901   1.00 31.58 ? 13 C   A "O3'"  1 
ATOM   393  C "C2'"  . C   A 1 13 ? 9.413   7.249   3.622   1.00 33.06 ? 13 C   A "C2'"  1 
ATOM   394  O "O2'"  . C   A 1 13 ? 10.578  7.070   4.387   1.00 32.29 ? 13 C   A "O2'"  1 
ATOM   395  C "C1'"  . C   A 1 13 ? 8.321   6.357   4.209   1.00 34.49 ? 13 C   A "C1'"  1 
ATOM   396  N N1     . C   A 1 13 ? 7.320   6.046   3.181   1.00 36.99 ? 13 C   A N1     1 
ATOM   397  C C2     . C   A 1 13 ? 7.634   4.904   2.419   1.00 37.29 ? 13 C   A C2     1 
ATOM   398  O O2     . C   A 1 13 ? 8.619   4.172   2.692   1.00 34.27 ? 13 C   A O2     1 
ATOM   399  N N3     . C   A 1 13 ? 6.806   4.619   1.400   1.00 36.59 ? 13 C   A N3     1 
ATOM   400  C C4     . C   A 1 13 ? 5.772   5.359   1.090   1.00 37.87 ? 13 C   A C4     1 
ATOM   401  N N4     . C   A 1 13 ? 5.043   4.902   0.029   1.00 37.90 ? 13 C   A N4     1 
ATOM   402  C C5     . C   A 1 13 ? 5.450   6.550   1.842   1.00 37.94 ? 13 C   A C5     1 
ATOM   403  C C6     . C   A 1 13 ? 6.253   6.879   2.841   1.00 36.42 ? 13 C   A C6     1 
ATOM   404  H "H5'"  . C   A 1 13 ? 6.470   8.914   6.178   1.00 39.77 ? 13 C   A "H5'"  1 
ATOM   405  H "H5''" . C   A 1 13 ? 7.468   10.150  6.027   1.00 39.77 ? 13 C   A "H5''" 1 
ATOM   406  H "H4'"  . C   A 1 13 ? 8.892   8.516   5.932   1.00 41.12 ? 13 C   A "H4'"  1 
ATOM   407  H "H3'"  . C   A 1 13 ? 8.199   8.839   3.197   1.00 39.06 ? 13 C   A "H3'"  1 
ATOM   408  H "H2'"  . C   A 1 13 ? 9.560   7.078   2.668   1.00 39.47 ? 13 C   A "H2'"  1 
ATOM   409  H "HO2'" . C   A 1 13 ? 10.395  6.422   5.101   1.00 38.55 ? 13 C   A "HO2'" 1 
ATOM   410  H "H1'"  . C   A 1 13 ? 8.716   5.529   4.550   1.00 41.19 ? 13 C   A "H1'"  1 
ATOM   411  H H41    . C   A 1 13 ? 4.294   5.432   -0.315  1.00 45.28 ? 13 C   A H41    1 
ATOM   412  H H42    . C   A 1 13 ? 5.268   4.043   -0.390  1.00 45.49 ? 13 C   A H42    1 
ATOM   413  H H5     . C   A 1 13 ? 4.680   7.107   1.605   1.00 45.33 ? 13 C   A H5     1 
ATOM   414  H H6     . C   A 1 13 ? 6.073   7.685   3.369   1.00 43.50 ? 13 C   A H6     1 
ATOM   415  P P      . U   A 1 14 ? 10.358  10.363  2.549   1.00 33.57 ? 14 U   A P      1 
ATOM   416  O OP1    . U   A 1 14 ? 11.425  11.274  2.926   1.00 29.45 ? 14 U   A OP1    1 
ATOM   417  O OP2    . U   A 1 14 ? 9.117   10.910  1.919   1.00 32.99 ? 14 U   A OP2    1 
ATOM   418  O "O5'"  . U   A 1 14 ? 10.923  9.151   1.611   1.00 30.84 ? 14 U   A "O5'"  1 
ATOM   419  C "C5'"  . U   A 1 14 ? 12.229  8.626   1.784   1.00 28.35 ? 14 U   A "C5'"  1 
ATOM   420  C "C4'"  . U   A 1 14 ? 12.451  7.424   0.892   1.00 30.88 ? 14 U   A "C4'"  1 
ATOM   421  O "O4'"  . U   A 1 14 ? 11.422  6.422   1.092   1.00 30.17 ? 14 U   A "O4'"  1 
ATOM   422  C "C3'"  . U   A 1 14 ? 12.411  7.671   -0.599  1.00 28.66 ? 14 U   A "C3'"  1 
ATOM   423  O "O3'"  . U   A 1 14 ? 13.611  8.252   -1.045  1.00 27.28 ? 14 U   A "O3'"  1 
ATOM   424  C "C2'"  . U   A 1 14 ? 12.226  6.273   -1.109  1.00 30.21 ? 14 U   A "C2'"  1 
ATOM   425  O "O2'"  . U   A 1 14 ? 13.420  5.546   -0.936  1.00 28.21 ? 14 U   A "O2'"  1 
ATOM   426  C "C1'"  . U   A 1 14 ? 11.219  5.724   -0.111  1.00 32.57 ? 14 U   A "C1'"  1 
ATOM   427  N N1     . U   A 1 14 ? 9.800   5.911   -0.611  1.00 34.75 ? 14 U   A N1     1 
ATOM   428  C C2     . U   A 1 14 ? 9.312   4.984   -1.565  1.00 34.68 ? 14 U   A C2     1 
ATOM   429  O O2     . U   A 1 14 ? 9.941   4.042   -1.935  1.00 32.49 ? 14 U   A O2     1 
ATOM   430  N N3     . U   A 1 14 ? 8.031   5.247   -2.091  1.00 38.19 ? 14 U   A N3     1 
ATOM   431  C C4     . U   A 1 14 ? 7.179   6.318   -1.697  1.00 38.64 ? 14 U   A C4     1 
ATOM   432  O O4     . U   A 1 14 ? 6.015   6.484   -2.181  1.00 42.25 ? 14 U   A O4     1 
ATOM   433  C C5     . U   A 1 14 ? 7.760   7.188   -0.736  1.00 35.47 ? 14 U   A C5     1 
ATOM   434  C C6     . U   A 1 14 ? 8.997   6.988   -0.271  1.00 34.05 ? 14 U   A C6     1 
ATOM   435  H "H5'"  . U   A 1 14 ? 12.347  8.358   2.719   1.00 33.82 ? 14 U   A "H5'"  1 
ATOM   436  H "H5''" . U   A 1 14 ? 12.887  9.317   1.561   1.00 33.82 ? 14 U   A "H5''" 1 
ATOM   437  H "H4'"  . U   A 1 14 ? 13.319  7.028   1.117   1.00 36.85 ? 14 U   A "H4'"  1 
ATOM   438  H "H3'"  . U   A 1 14 ? 11.643  8.232   -0.837  1.00 34.19 ? 14 U   A "H3'"  1 
ATOM   439  H "H2'"  . U   A 1 14 ? 11.893  6.247   -2.030  1.00 36.04 ? 14 U   A "H2'"  1 
ATOM   440  H "HO2'" . U   A 1 14 ? 13.291  4.884   -0.225  1.00 33.65 ? 14 U   A "HO2'" 1 
ATOM   441  H "H1'"  . U   A 1 14 ? 11.390  4.769   0.033   1.00 38.88 ? 14 U   A "H1'"  1 
ATOM   442  H H3     . U   A 1 14 ? 7.664   4.592   -2.720  1.00 45.62 ? 14 U   A H3     1 
ATOM   443  H H5     . U   A 1 14 ? 7.258   7.974   -0.435  1.00 42.36 ? 14 U   A H5     1 
ATOM   444  H H6     . U   A 1 14 ? 9.348   7.628   0.382   1.00 40.66 ? 14 U   A H6     1 
ATOM   445  P P      . G   A 1 15 ? 13.627  9.240   -2.266  1.00 25.26 ? 15 G   A P      1 
ATOM   446  O OP1    . G   A 1 15 ? 14.994  9.876   -2.252  1.00 29.17 ? 15 G   A OP1    1 
ATOM   447  O OP2    . G   A 1 15 ? 12.427  10.072  -2.146  1.00 28.28 ? 15 G   A OP2    1 
ATOM   448  O "O5'"  . G   A 1 15 ? 13.474  8.276   -3.519  1.00 25.43 ? 15 G   A "O5'"  1 
ATOM   449  C "C5'"  . G   A 1 15 ? 14.570  7.486   -3.957  1.00 27.50 ? 15 G   A "C5'"  1 
ATOM   450  C "C4'"  . G   A 1 15 ? 14.147  6.399   -4.896  1.00 27.10 ? 15 G   A "C4'"  1 
ATOM   451  O "O4'"  . G   A 1 15 ? 13.045  5.660   -4.336  1.00 28.28 ? 15 G   A "O4'"  1 
ATOM   452  C "C3'"  . G   A 1 15 ? 13.635  6.838   -6.223  1.00 26.35 ? 15 G   A "C3'"  1 
ATOM   453  O "O3'"  . G   A 1 15 ? 14.665  7.221   -7.086  1.00 27.65 ? 15 G   A "O3'"  1 
ATOM   454  C "C2'"  . G   A 1 15 ? 12.877  5.615   -6.677  1.00 28.64 ? 15 G   A "C2'"  1 
ATOM   455  O "O2'"  . G   A 1 15 ? 13.732  4.576   -7.124  1.00 26.69 ? 15 G   A "O2'"  1 
ATOM   456  C "C1'"  . G   A 1 15 ? 12.228  5.195   -5.363  1.00 29.16 ? 15 G   A "C1'"  1 
ATOM   457  N N9     . G   A 1 15 ? 10.899  5.818   -5.207  1.00 32.30 ? 15 G   A N9     1 
ATOM   458  C C8     . G   A 1 15 ? 10.561  6.882   -4.414  1.00 31.88 ? 15 G   A C8     1 
ATOM   459  N N7     . G   A 1 15 ? 9.288   7.193   -4.466  1.00 34.62 ? 15 G   A N7     1 
ATOM   460  C C5     . G   A 1 15 ? 8.799   6.305   -5.418  1.00 36.08 ? 15 G   A C5     1 
ATOM   461  C C6     . G   A 1 15 ? 7.489   6.227   -5.899  1.00 39.05 ? 15 G   A C6     1 
ATOM   462  O O6     . G   A 1 15 ? 6.621   7.039   -5.468  1.00 42.34 ? 15 G   A O6     1 
ATOM   463  N N1     . G   A 1 15 ? 7.325   5.173   -6.893  1.00 37.91 ? 15 G   A N1     1 
ATOM   464  C C2     . G   A 1 15 ? 8.424   4.331   -7.291  1.00 37.37 ? 15 G   A C2     1 
ATOM   465  N N2     . G   A 1 15 ? 8.192   3.346   -8.220  1.00 35.34 ? 15 G   A N2     1 
ATOM   466  N N3     . G   A 1 15 ? 9.677   4.464   -6.802  1.00 31.96 ? 15 G   A N3     1 
ATOM   467  C C4     . G   A 1 15 ? 9.769   5.450   -5.910  1.00 33.57 ? 15 G   A C4     1 
ATOM   468  H "H5'"  . G   A 1 15 ? 15.001  7.081   -3.177  1.00 32.80 ? 15 G   A "H5'"  1 
ATOM   469  H "H5''" . G   A 1 15 ? 15.216  8.065   -4.413  1.00 32.80 ? 15 G   A "H5''" 1 
ATOM   470  H "H4'"  . G   A 1 15 ? 14.901  5.788   -5.034  1.00 32.32 ? 15 G   A "H4'"  1 
ATOM   471  H "H3'"  . G   A 1 15 ? 13.012  7.585   -6.103  1.00 31.42 ? 15 G   A "H3'"  1 
ATOM   472  H "H2'"  . G   A 1 15 ? 12.203  5.842   -7.350  1.00 34.16 ? 15 G   A "H2'"  1 
ATOM   473  H "HO2'" . G   A 1 15 ? 14.348  4.937   -7.796  1.00 31.83 ? 15 G   A "HO2'" 1 
ATOM   474  H "H1'"  . G   A 1 15 ? 12.152  4.219   -5.319  1.00 34.79 ? 15 G   A "H1'"  1 
ATOM   475  H H8     . G   A 1 15 ? 11.194  7.318   -3.806  1.00 38.05 ? 15 G   A H8     1 
ATOM   476  H H1     . G   A 1 15 ? 6.441   5.023   -7.288  1.00 45.29 ? 15 G   A H1     1 
ATOM   477  H H21    . G   A 1 15 ? 7.293   3.225   -8.592  1.00 42.21 ? 15 G   A H21    1 
ATOM   478  H H22    . G   A 1 15 ? 8.925   2.763   -8.509  1.00 42.21 ? 15 G   A H22    1 
ATOM   479  P P      . G   A 1 16 ? 14.395  8.299   -8.223  1.00 28.24 ? 16 G   A P      1 
ATOM   480  O OP1    . G   A 1 16 ? 15.697  8.683   -8.750  1.00 24.89 ? 16 G   A OP1    1 
ATOM   481  O OP2    . G   A 1 16 ? 13.510  9.363   -7.647  1.00 25.25 ? 16 G   A OP2    1 
ATOM   482  O "O5'"  . G   A 1 16 ? 13.592  7.427   -9.304  1.00 28.39 ? 16 G   A "O5'"  1 
ATOM   483  C "C5'"  . G   A 1 16 ? 14.227  6.318   -9.961  1.00 29.88 ? 16 G   A "C5'"  1 
ATOM   484  C "C4'"  . G   A 1 16 ? 13.243  5.479   -10.730 1.00 31.18 ? 16 G   A "C4'"  1 
ATOM   485  O "O4'"  . G   A 1 16 ? 12.134  5.080   -9.887  1.00 31.74 ? 16 G   A "O4'"  1 
ATOM   486  C "C3'"  . G   A 1 16 ? 12.569  6.168   -11.883 1.00 32.42 ? 16 G   A "C3'"  1 
ATOM   487  O "O3'"  . G   A 1 16 ? 13.392  6.244   -13.009 1.00 31.06 ? 16 G   A "O3'"  1 
ATOM   488  C "C2'"  . G   A 1 16 ? 11.349  5.315   -12.099 1.00 34.01 ? 16 G   A "C2'"  1 
ATOM   489  O "O2'"  . G   A 1 16 ? 11.717  4.093   -12.750 1.00 30.94 ? 16 G   A "O2'"  1 
ATOM   490  C "C1'"  . G   A 1 16 ? 10.956  5.019   -10.661 1.00 32.82 ? 16 G   A "C1'"  1 
ATOM   491  N N9     . G   A 1 16 ? 9.962   5.978   -10.111 1.00 34.70 ? 16 G   A N9     1 
ATOM   492  C C8     . G   A 1 16 ? 10.098  6.935   -9.104  1.00 32.76 ? 16 G   A C8     1 
ATOM   493  N N7     . G   A 1 16 ? 8.971   7.568   -8.836  1.00 36.15 ? 16 G   A N7     1 
ATOM   494  C C5     . G   A 1 16 ? 7.990   7.036   -9.727  1.00 36.23 ? 16 G   A C5     1 
ATOM   495  C C6     . G   A 1 16 ? 6.571   7.318   -9.921  1.00 38.72 ? 16 G   A C6     1 
ATOM   496  O O6     . G   A 1 16 ? 5.836   8.143   -9.308  1.00 40.34 ? 16 G   A O6     1 
ATOM   497  N N1     . G   A 1 16 ? 5.941   6.549   -10.936 1.00 36.16 ? 16 G   A N1     1 
ATOM   498  C C2     . G   A 1 16 ? 6.669   5.591   -11.641 1.00 37.54 ? 16 G   A C2     1 
ATOM   499  N N2     . G   A 1 16 ? 5.949   4.915   -12.568 1.00 34.06 ? 16 G   A N2     1 
ATOM   500  N N3     . G   A 1 16 ? 8.014   5.314   -11.456 1.00 35.52 ? 16 G   A N3     1 
ATOM   501  C C4     . G   A 1 16 ? 8.598   6.067   -10.509 1.00 35.83 ? 16 G   A C4     1 
ATOM   502  H "H5'"  . G   A 1 16 ? 14.666  5.758   -9.287  1.00 35.65 ? 16 G   A "H5'"  1 
ATOM   503  H "H5''" . G   A 1 16 ? 14.905  6.661   -10.580 1.00 35.65 ? 16 G   A "H5''" 1 
ATOM   504  H "H4'"  . G   A 1 16 ? 13.698  4.676   -11.060 1.00 37.22 ? 16 G   A "H4'"  1 
ATOM   505  H "H3'"  . G   A 1 16 ? 12.296  7.070   -11.612 1.00 38.70 ? 16 G   A "H3'"  1 
ATOM   506  H "H2'"  . G   A 1 16 ? 10.645  5.797   -12.581 1.00 40.62 ? 16 G   A "H2'"  1 
ATOM   507  H "HO2'" . G   A 1 16 ? 11.347  4.091   -13.657 1.00 36.93 ? 16 G   A "HO2'" 1 
ATOM   508  H "H1'"  . G   A 1 16 ? 10.587  4.113   -10.611 1.00 39.18 ? 16 G   A "H1'"  1 
ATOM   509  H H8     . G   A 1 16 ? 10.936  7.098   -8.623  1.00 39.11 ? 16 G   A H8     1 
ATOM   510  H H1     . G   A 1 16 ? 5.012   6.657   -11.133 1.00 44.27 ? 16 G   A H1     1 
ATOM   511  H H21    . G   A 1 16 ? 6.394   4.538   -13.356 1.00 40.67 ? 16 G   A H21    1 
ATOM   512  H H22    . G   A 1 16 ? 4.982   4.801   -12.450 1.00 39.79 ? 16 G   A H22    1 
ATOM   513  P P      . U   A 1 17 ? 13.455  7.601   -13.816 1.00 34.53 ? 17 U   A P      1 
ATOM   514  O OP1    . U   A 1 17 ? 14.741  7.601   -14.585 1.00 35.15 ? 17 U   A OP1    1 
ATOM   515  O OP2    . U   A 1 17 ? 13.198  8.717   -12.816 1.00 36.62 ? 17 U   A OP2    1 
ATOM   516  O "O5'"  . U   A 1 17 ? 12.201  7.501   -14.824 1.00 38.40 ? 17 U   A "O5'"  1 
ATOM   517  C "C5'"  . U   A 1 17 ? 11.681  6.260   -15.258 1.00 36.22 ? 17 U   A "C5'"  1 
ATOM   518  C "C4'"  . U   A 1 17 ? 10.313  6.446   -15.830 1.00 38.42 ? 17 U   A "C4'"  1 
ATOM   519  O "O4'"  . U   A 1 17 ? 9.304   6.190   -14.834 1.00 36.90 ? 17 U   A "O4'"  1 
ATOM   520  C "C3'"  . U   A 1 17 ? 9.946   7.832   -16.357 1.00 39.76 ? 17 U   A "C3'"  1 
ATOM   521  O "O3'"  . U   A 1 17 ? 10.506  8.112   -17.631 1.00 41.58 ? 17 U   A "O3'"  1 
ATOM   522  C "C2'"  . U   A 1 17 ? 8.443   7.724   -16.404 1.00 39.47 ? 17 U   A "C2'"  1 
ATOM   523  O "O2'"  . U   A 1 17 ? 8.047   6.870   -17.490 1.00 38.05 ? 17 U   A "O2'"  1 
ATOM   524  C "C1'"  . U   A 1 17 ? 8.186   7.004   -15.080 1.00 38.31 ? 17 U   A "C1'"  1 
ATOM   525  N N1     . U   A 1 17 ? 8.054   7.963   -13.931 1.00 37.97 ? 17 U   A N1     1 
ATOM   526  C C2     . U   A 1 17 ? 6.772   8.454   -13.713 1.00 38.79 ? 17 U   A C2     1 
ATOM   527  O O2     . U   A 1 17 ? 5.854   8.127   -14.488 1.00 38.24 ? 17 U   A O2     1 
ATOM   528  N N3     . U   A 1 17 ? 6.671   9.326   -12.628 1.00 37.63 ? 17 U   A N3     1 
ATOM   529  C C4     . U   A 1 17 ? 7.711   9.721   -11.791 1.00 38.01 ? 17 U   A C4     1 
ATOM   530  O O4     . U   A 1 17 ? 7.469   10.486  -10.863 1.00 38.17 ? 17 U   A O4     1 
ATOM   531  C C5     . U   A 1 17 ? 9.012   9.143   -12.072 1.00 37.01 ? 17 U   A C5     1 
ATOM   532  C C6     . U   A 1 17 ? 9.128   8.315   -13.106 1.00 36.86 ? 17 U   A C6     1 
ATOM   533  H "H5'"  . U   A 1 17 ? 11.633  5.645   -14.496 1.00 43.26 ? 17 U   A "H5'"  1 
ATOM   534  H "H5''" . U   A 1 17 ? 12.271  5.883   -15.943 1.00 43.26 ? 17 U   A "H5''" 1 
ATOM   535  H "H4'"  . U   A 1 17 ? 10.196  5.801   -16.559 1.00 45.90 ? 17 U   A "H4'"  1 
ATOM   536  H "H3'"  . U   A 1 17 ? 10.214  8.518   -15.710 1.00 47.51 ? 17 U   A "H3'"  1 
ATOM   537  H "H2'"  . U   A 1 17 ? 8.010   8.603   -16.437 1.00 47.16 ? 17 U   A "H2'"  1 
ATOM   538  H "HO2'" . U   A 1 17 ? 8.214   7.333   -18.337 1.00 45.45 ? 17 U   A "HO2'" 1 
ATOM   539  H "H1'"  . U   A 1 17 ? 7.380   6.452   -15.150 1.00 45.77 ? 17 U   A "H1'"  1 
ATOM   540  H H3     . U   A 1 17 ? 5.788   9.713   -12.450 1.00 44.95 ? 17 U   A H3     1 
ATOM   541  H H5     . U   A 1 17 ? 9.789   9.364   -11.518 1.00 44.21 ? 17 U   A H5     1 
ATOM   542  H H6     . U   A 1 17 ? 10.006  7.924   -13.294 1.00 44.03 ? 17 U   A H6     1 
ATOM   543  P P      . C   A 1 18 ? 10.685  9.652   -18.155 1.00 47.09 ? 18 C   A P      1 
ATOM   544  O OP1    . C   A 1 18 ? 11.473  9.532   -19.431 1.00 38.44 ? 18 C   A OP1    1 
ATOM   545  O OP2    . C   A 1 18 ? 11.254  10.486  -16.966 1.00 42.85 ? 18 C   A OP2    1 
ATOM   546  O "O5'"  . C   A 1 18 ? 9.157   10.154  -18.458 1.00 40.07 ? 18 C   A "O5'"  1 
ATOM   547  C "C5'"  . C   A 1 18 ? 8.483   9.778   -19.645 1.00 37.89 ? 18 C   A "C5'"  1 
ATOM   548  C "C4'"  . C   A 1 18 ? 7.050   10.173  -19.594 1.00 39.21 ? 18 C   A "C4'"  1 
ATOM   549  O "O4'"  . C   A 1 18 ? 6.458   9.749   -18.322 1.00 38.38 ? 18 C   A "O4'"  1 
ATOM   550  C "C3'"  . C   A 1 18 ? 6.785   11.665  -19.601 1.00 38.50 ? 18 C   A "C3'"  1 
ATOM   551  O "O3'"  . C   A 1 18 ? 6.926   12.257  -20.878 1.00 37.31 ? 18 C   A "O3'"  1 
ATOM   552  C "C2'"  . C   A 1 18 ? 5.386   11.723  -19.065 1.00 37.61 ? 18 C   A "C2'"  1 
ATOM   553  O "O2'"  . C   A 1 18 ? 4.489   11.231  -20.030 1.00 36.54 ? 18 C   A "O2'"  1 
ATOM   554  C "C1'"  . C   A 1 18 ? 5.473   10.698  -17.939 1.00 38.89 ? 18 C   A "C1'"  1 
ATOM   555  N N1     . C   A 1 18 ? 5.867   11.322  -16.636 1.00 39.41 ? 18 C   A N1     1 
ATOM   556  C C2     . C   A 1 18 ? 4.894   11.966  -15.840 1.00 38.72 ? 18 C   A C2     1 
ATOM   557  O O2     . C   A 1 18 ? 3.710   12.073  -16.203 1.00 36.69 ? 18 C   A O2     1 
ATOM   558  N N3     . C   A 1 18 ? 5.283   12.465  -14.647 1.00 39.59 ? 18 C   A N3     1 
ATOM   559  C C4     . C   A 1 18 ? 6.545   12.451  -14.225 1.00 40.47 ? 18 C   A C4     1 
ATOM   560  N N4     . C   A 1 18 ? 6.825   13.034  -13.016 1.00 40.91 ? 18 C   A N4     1 
ATOM   561  C C5     . C   A 1 18 ? 7.557   11.802  -15.016 1.00 40.45 ? 18 C   A C5     1 
ATOM   562  C C6     . C   A 1 18 ? 7.187   11.261  -16.201 1.00 40.29 ? 18 C   A C6     1 
ATOM   563  H "H5'"  . C   A 1 18 ? 8.546   8.806   -19.755 1.00 45.27 ? 18 C   A "H5'"  1 
ATOM   564  H "H5''" . C   A 1 18 ? 8.911   10.216  -20.410 1.00 45.27 ? 18 C   A "H5''" 1 
ATOM   565  H "H4'"  . C   A 1 18 ? 6.568   9.752   -20.335 1.00 46.85 ? 18 C   A "H4'"  1 
ATOM   566  H "H3'"  . C   A 1 18 ? 7.392   12.106  -18.971 1.00 46.00 ? 18 C   A "H3'"  1 
ATOM   567  H "H2'"  . C   A 1 18 ? 5.144   12.616  -18.741 1.00 44.94 ? 18 C   A "H2'"  1 
ATOM   568  H "HO2'" . C   A 1 18 ? 4.421   11.878  -20.762 1.00 43.64 ? 18 C   A "HO2'" 1 
ATOM   569  H "H1'"  . C   A 1 18 ? 4.609   10.248  -17.838 1.00 46.46 ? 18 C   A "H1'"  1 
ATOM   570  H H41    . C   A 1 18 ? 7.515   13.727  -12.953 1.00 48.89 ? 18 C   A H41    1 
ATOM   571  H H42    . C   A 1 18 ? 6.335   12.758  -12.213 1.00 48.74 ? 18 C   A H42    1 
ATOM   572  H H5     . C   A 1 18 ? 8.485   11.750  -14.705 1.00 48.34 ? 18 C   A H5     1 
ATOM   573  H H6     . C   A 1 18 ? 7.855   10.804  -16.753 1.00 48.15 ? 18 C   A H6     1 
ATOM   574  P P      . C   A 1 19 ? 7.498   13.769  -20.988 1.00 40.92 ? 19 C   A P      1 
ATOM   575  O OP1    . C   A 1 19 ? 7.801   13.965  -22.465 1.00 39.05 ? 19 C   A OP1    1 
ATOM   576  O OP2    . C   A 1 19 ? 8.621   13.954  -19.929 1.00 35.06 ? 19 C   A OP2    1 
ATOM   577  O "O5'"  . C   A 1 19 ? 6.241   14.676  -20.538 1.00 35.17 ? 19 C   A "O5'"  1 
ATOM   578  C "C5'"  . C   A 1 19 ? 5.021   14.596  -21.212 1.00 36.94 ? 19 C   A "C5'"  1 
ATOM   579  C "C4'"  . C   A 1 19 ? 3.924   15.301  -20.467 1.00 38.29 ? 19 C   A "C4'"  1 
ATOM   580  O "O4'"  . C   A 1 19 ? 3.730   14.727  -19.160 1.00 36.70 ? 19 C   A "O4'"  1 
ATOM   581  C "C3'"  . C   A 1 19 ? 4.132   16.764  -20.190 1.00 39.06 ? 19 C   A "C3'"  1 
ATOM   582  O "O3'"  . C   A 1 19 ? 3.871   17.545  -21.329 1.00 42.63 ? 19 C   A "O3'"  1 
ATOM   583  C "C2'"  . C   A 1 19 ? 3.134   17.008  -19.092 1.00 39.42 ? 19 C   A "C2'"  1 
ATOM   584  O "O2'"  . C   A 1 19 ? 1.843   17.126  -19.650 1.00 37.78 ? 19 C   A "O2'"  1 
ATOM   585  C "C1'"  . C   A 1 19 ? 3.224   15.704  -18.288 1.00 37.72 ? 19 C   A "C1'"  1 
ATOM   586  N N1     . C   A 1 19 ? 4.163   15.821  -17.096 1.00 39.13 ? 19 C   A N1     1 
ATOM   587  C C2     . C   A 1 19 ? 3.834   16.551  -15.907 1.00 39.85 ? 19 C   A C2     1 
ATOM   588  O O2     . C   A 1 19 ? 2.787   17.101  -15.841 1.00 39.34 ? 19 C   A O2     1 
ATOM   589  N N3     . C   A 1 19 ? 4.677   16.673  -14.826 1.00 41.36 ? 19 C   A N3     1 
ATOM   590  C C4     . C   A 1 19 ? 5.867   16.057  -14.937 1.00 41.41 ? 19 C   A C4     1 
ATOM   591  N N4     . C   A 1 19 ? 6.733   16.134  -13.926 1.00 42.30 ? 19 C   A N4     1 
ATOM   592  C C5     . C   A 1 19 ? 6.240   15.296  -16.129 1.00 39.38 ? 19 C   A C5     1 
ATOM   593  C C6     . C   A 1 19 ? 5.407   15.229  -17.161 1.00 37.33 ? 19 C   A C6     1 
ATOM   594  H "H5'"  . C   A 1 19 ? 4.778   13.652  -21.321 1.00 44.13 ? 19 C   A "H5'"  1 
ATOM   595  H "H5''" . C   A 1 19 ? 5.119   15.004  -22.099 1.00 44.13 ? 19 C   A "H5''" 1 
ATOM   596  H "H4'"  . C   A 1 19 ? 3.093   15.199  -20.977 1.00 45.75 ? 19 C   A "H4'"  1 
ATOM   597  H "H3'"  . C   A 1 19 ? 5.043   16.924  -19.865 1.00 46.67 ? 19 C   A "H3'"  1 
ATOM   598  H "HO3'" . C   A 1 19 ? 3.591   17.115  -22.163 1.00 50.96 ? 19 C   A "HO3'" 1 
ATOM   599  H "H2'"  . C   A 1 19 ? 3.374   17.789  -18.549 1.00 47.10 ? 19 C   A "H2'"  1 
ATOM   600  H "HO2'" . C   A 1 19 ? 1.791   17.960  -20.162 1.00 45.14 ? 19 C   A "HO2'" 1 
ATOM   601  H "H1'"  . C   A 1 19 ? 2.330   15.442  -17.981 1.00 45.06 ? 19 C   A "H1'"  1 
ATOM   602  H H41    . C   A 1 19 ? 7.605   15.692  -13.991 1.00 50.56 ? 19 C   A H41    1 
ATOM   603  H H42    . C   A 1 19 ? 6.497   16.635  -13.117 1.00 50.56 ? 19 C   A H42    1 
ATOM   604  H H5     . C   A 1 19 ? 7.119   14.864  -16.179 1.00 47.05 ? 19 C   A H5     1 
ATOM   605  H H6     . C   A 1 19 ? 5.655   14.709  -17.954 1.00 44.60 ? 19 C   A H6     1 
ATOM   606  P P      . U   B 1 1  ? 13.344  22.518  -4.904  1.00 47.17 ? 1  U   B P      1 
ATOM   607  O OP1    . U   B 1 1  ? 13.752  21.565  -6.037  1.00 43.77 ? 1  U   B OP1    1 
ATOM   608  O OP2    . U   B 1 1  ? 14.360  23.013  -3.927  1.00 40.10 ? 1  U   B OP2    1 
ATOM   609  O "O5'"  . U   B 1 1  ? 12.438  23.706  -5.469  1.00 45.35 ? 1  U   B "O5'"  1 
ATOM   610  C "C5'"  . U   B 1 1  ? 12.271  24.934  -4.775  1.00 42.17 ? 1  U   B "C5'"  1 
ATOM   611  C "C4'"  . U   B 1 1  ? 10.994  25.572  -5.197  1.00 43.10 ? 1  U   B "C4'"  1 
ATOM   612  O "O4'"  . U   B 1 1  ? 11.118  26.107  -6.550  1.00 42.14 ? 1  U   B "O4'"  1 
ATOM   613  C "C3'"  . U   B 1 1  ? 9.795   24.632  -5.271  1.00 45.22 ? 1  U   B "C3'"  1 
ATOM   614  O "O3'"  . U   B 1 1  ? 9.185   24.447  -4.005  1.00 45.46 ? 1  U   B "O3'"  1 
ATOM   615  C "C2'"  . U   B 1 1  ? 8.891   25.309  -6.299  1.00 43.58 ? 1  U   B "C2'"  1 
ATOM   616  O "O2'"  . U   B 1 1  ? 8.215   26.416  -5.713  1.00 41.81 ? 1  U   B "O2'"  1 
ATOM   617  C "C1'"  . U   B 1 1  ? 9.936   25.837  -7.294  1.00 42.61 ? 1  U   B "C1'"  1 
ATOM   618  N N1     . U   B 1 1  ? 10.272  24.821  -8.375  1.00 41.54 ? 1  U   B N1     1 
ATOM   619  C C2     . U   B 1 1  ? 9.480   24.828  -9.530  1.00 41.56 ? 1  U   B C2     1 
ATOM   620  O O2     . U   B 1 1  ? 8.516   25.609  -9.588  1.00 42.30 ? 1  U   B O2     1 
ATOM   621  N N3     . U   B 1 1  ? 9.837   23.884  -10.520 1.00 40.93 ? 1  U   B N3     1 
ATOM   622  C C4     . U   B 1 1  ? 10.914  22.979  -10.414 1.00 40.95 ? 1  U   B C4     1 
ATOM   623  O O4     . U   B 1 1  ? 11.177  22.203  -11.330 1.00 42.24 ? 1  U   B O4     1 
ATOM   624  C C5     . U   B 1 1  ? 11.708  23.075  -9.213  1.00 40.32 ? 1  U   B C5     1 
ATOM   625  C C6     . U   B 1 1  ? 11.373  23.958  -8.257  1.00 40.08 ? 1  U   B C6     1 
ATOM   626  H "H5'"  . U   B 1 1  ? 13.019  25.531  -4.984  1.00 50.40 ? 1  U   B "H5'"  1 
ATOM   627  H "H5''" . U   B 1 1  ? 12.248  24.764  -3.810  1.00 50.40 ? 1  U   B "H5''" 1 
ATOM   628  H "H4'"  . U   B 1 1  ? 10.786  26.305  -4.581  1.00 51.52 ? 1  U   B "H4'"  1 
ATOM   629  H "H3'"  . U   B 1 1  ? 10.087  23.763  -5.619  1.00 54.07 ? 1  U   B "H3'"  1 
ATOM   630  H "H2'"  . U   B 1 1  ? 8.273   24.676  -6.719  1.00 52.09 ? 1  U   B "H2'"  1 
ATOM   631  H "HO2'" . U   B 1 1  ? 7.548   26.083  -5.077  1.00 49.97 ? 1  U   B "HO2'" 1 
ATOM   632  H "H1'"  . U   B 1 1  ? 9.609   26.664  -7.707  1.00 50.93 ? 1  U   B "H1'"  1 
ATOM   633  H H3     . U   B 1 1  ? 9.287   23.845  -11.330 1.00 48.91 ? 1  U   B H3     1 
ATOM   634  H H5     . U   B 1 1  ? 12.473  22.477  -9.082  1.00 48.18 ? 1  U   B H5     1 
ATOM   635  H H6     . U   B 1 1  ? 11.917  23.998  -7.443  1.00 47.90 ? 1  U   B H6     1 
ATOM   636  P P      . U   B 1 2  ? 8.384   23.091  -3.667  1.00 50.95 ? 2  U   B P      1 
ATOM   637  O OP1    . U   B 1 2  ? 8.065   23.193  -2.207  1.00 44.53 ? 2  U   B OP1    1 
ATOM   638  O OP2    . U   B 1 2  ? 9.198   21.902  -4.170  1.00 53.04 ? 2  U   B OP2    1 
ATOM   639  O "O5'"  . U   B 1 2  ? 7.035   23.230  -4.561  1.00 43.26 ? 2  U   B "O5'"  1 
ATOM   640  C "C5'"  . U   B 1 2  ? 5.992   24.102  -4.158  1.00 40.01 ? 2  U   B "C5'"  1 
ATOM   641  C "C4'"  . U   B 1 2  ? 5.027   24.323  -5.262  1.00 41.06 ? 2  U   B "C4'"  1 
ATOM   642  O "O4'"  . U   B 1 2  ? 5.730   24.621  -6.516  1.00 43.38 ? 2  U   B "O4'"  1 
ATOM   643  C "C3'"  . U   B 1 2  ? 4.207   23.113  -5.645  1.00 40.36 ? 2  U   B "C3'"  1 
ATOM   644  O "O3'"  . U   B 1 2  ? 3.238   22.775  -4.689  1.00 38.93 ? 2  U   B "O3'"  1 
ATOM   645  C "C2'"  . U   B 1 2  ? 3.656   23.530  -6.993  1.00 40.38 ? 2  U   B "C2'"  1 
ATOM   646  O "O2'"  . U   B 1 2  ? 2.653   24.536  -6.843  1.00 37.17 ? 2  U   B "O2'"  1 
ATOM   647  C "C1'"  . U   B 1 2  ? 4.913   24.182  -7.614  1.00 41.32 ? 2  U   B "C1'"  1 
ATOM   648  N N1     . U   B 1 2  ? 5.694   23.229  -8.570  1.00 41.52 ? 2  U   B N1     1 
ATOM   649  C C2     . U   B 1 2  ? 5.097   23.110  -9.879  1.00 40.81 ? 2  U   B C2     1 
ATOM   650  O O2     . U   B 1 2  ? 4.080   23.654  -10.247 1.00 39.10 ? 2  U   B O2     1 
ATOM   651  N N3     . U   B 1 2  ? 5.663   22.313  -10.846 1.00 43.24 ? 2  U   B N3     1 
ATOM   652  C C4     . U   B 1 2  ? 6.795   21.550  -10.745 1.00 44.23 ? 2  U   B C4     1 
ATOM   653  O O4     . U   B 1 2  ? 7.100   20.884  -11.807 1.00 46.82 ? 2  U   B O4     1 
ATOM   654  C C5     . U   B 1 2  ? 7.398   21.653  -9.410  1.00 41.79 ? 2  U   B C5     1 
ATOM   655  C C6     . U   B 1 2  ? 6.872   22.457  -8.387  1.00 42.07 ? 2  U   B C6     1 
ATOM   656  H "H5'"  . U   B 1 2  ? 6.379   24.963  -3.892  1.00 47.80 ? 2  U   B "H5'"  1 
ATOM   657  H "H5''" . U   B 1 2  ? 5.522   23.711  -3.393  1.00 47.80 ? 2  U   B "H5''" 1 
ATOM   658  H "H4'"  . U   B 1 2  ? 4.431   25.067  -5.036  1.00 49.07 ? 2  U   B "H4'"  1 
ATOM   659  H "H3'"  . U   B 1 2  ? 4.808   22.350  -5.770  1.00 48.23 ? 2  U   B "H3'"  1 
ATOM   660  H "H2'"  . U   B 1 2  ? 3.343   22.764  -7.517  1.00 48.26 ? 2  U   B "H2'"  1 
ATOM   661  H "HO2'" . U   B 1 2  ? 1.852   24.132  -6.450  1.00 44.40 ? 2  U   B "HO2'" 1 
ATOM   662  H "H1'"  . U   B 1 2  ? 4.632   24.969  -8.125  1.00 49.39 ? 2  U   B "H1'"  1 
ATOM   663  H H3     . U   B 1 2  ? 5.193   22.279  -11.706 1.00 51.69 ? 2  U   B H3     1 
ATOM   664  H H5     . U   B 1 2  ? 8.223   21.155  -9.231  1.00 49.95 ? 2  U   B H5     1 
ATOM   665  H H6     . U   B 1 2  ? 7.336   22.493  -7.524  1.00 50.28 ? 2  U   B H6     1 
ATOM   666  P P      . G   B 1 3  ? 2.865   21.225  -4.477  1.00 41.90 ? 3  G   B P      1 
ATOM   667  O OP1    . G   B 1 3  ? 1.920   21.173  -3.278  1.00 39.34 ? 3  G   B OP1    1 
ATOM   668  O OP2    . G   B 1 3  ? 4.145   20.425  -4.452  1.00 36.61 ? 3  G   B OP2    1 
ATOM   669  O "O5'"  . G   B 1 3  ? 2.062   20.925  -5.843  1.00 37.54 ? 3  G   B "O5'"  1 
ATOM   670  C "C5'"  . G   B 1 3  ? 0.868   21.620  -6.113  1.00 37.41 ? 3  G   B "C5'"  1 
ATOM   671  C "C4'"  . G   B 1 3  ? 0.290   21.247  -7.439  1.00 39.18 ? 3  G   B "C4'"  1 
ATOM   672  O "O4'"  . G   B 1 3  ? 1.171   21.676  -8.502  1.00 37.83 ? 3  G   B "O4'"  1 
ATOM   673  C "C3'"  . G   B 1 3  ? 0.107   19.764  -7.711  1.00 38.93 ? 3  G   B "C3'"  1 
ATOM   674  O "O3'"  . G   B 1 3  ? -1.029  19.208  -7.070  1.00 41.26 ? 3  G   B "O3'"  1 
ATOM   675  C "C2'"  . G   B 1 3  ? -0.011  19.762  -9.197  1.00 39.24 ? 3  G   B "C2'"  1 
ATOM   676  O "O2'"  . G   B 1 3  ? -1.281  20.263  -9.578  1.00 36.86 ? 3  G   B "O2'"  1 
ATOM   677  C "C1'"  . G   B 1 3  ? 1.081   20.778  -9.561  1.00 38.95 ? 3  G   B "C1'"  1 
ATOM   678  N N9     . G   B 1 3  ? 2.400   20.125  -9.722  1.00 39.91 ? 3  G   B N9     1 
ATOM   679  C C8     . G   B 1 3  ? 3.528   19.987  -8.902  1.00 39.13 ? 3  G   B C8     1 
ATOM   680  N N7     . G   B 1 3  ? 4.523   19.329  -9.495  1.00 40.44 ? 3  G   B N7     1 
ATOM   681  C C5     . G   B 1 3  ? 4.008   18.979  -10.777 1.00 41.85 ? 3  G   B C5     1 
ATOM   682  C C6     . G   B 1 3  ? 4.478   18.263  -11.928 1.00 43.68 ? 3  G   B C6     1 
ATOM   683  O O6     . G   B 1 3  ? 5.523   17.671  -12.223 1.00 43.21 ? 3  G   B O6     1 
ATOM   684  N N1     . G   B 1 3  ? 3.512   18.233  -12.970 1.00 43.78 ? 3  G   B N1     1 
ATOM   685  C C2     . G   B 1 3  ? 2.260   18.809  -12.962 1.00 42.58 ? 3  G   B C2     1 
ATOM   686  N N2     . G   B 1 3  ? 1.508   18.616  -14.079 1.00 41.12 ? 3  G   B N2     1 
ATOM   687  N N3     . G   B 1 3  ? 1.806   19.447  -11.906 1.00 39.74 ? 3  G   B N3     1 
ATOM   688  C C4     . G   B 1 3  ? 2.697   19.476  -10.904 1.00 40.61 ? 3  G   B C4     1 
ATOM   689  H "H5'"  . G   B 1 3  ? 1.049   22.583  -6.104  1.00 44.69 ? 3  G   B "H5'"  1 
ATOM   690  H "H5''" . G   B 1 3  ? 0.214   21.412  -5.412  1.00 44.69 ? 3  G   B "H5''" 1 
ATOM   691  H "H4'"  . G   B 1 3  ? -0.574  21.696  -7.544  1.00 46.81 ? 3  G   B "H4'"  1 
ATOM   692  H "H3'"  . G   B 1 3  ? 0.913   19.276  -7.443  1.00 46.52 ? 3  G   B "H3'"  1 
ATOM   693  H "H2'"  . G   B 1 3  ? 0.170   18.876  -9.578  1.00 46.88 ? 3  G   B "H2'"  1 
ATOM   694  H "HO2'" . G   B 1 3  ? -1.686  20.720  -8.813  1.00 44.02 ? 3  G   B "HO2'" 1 
ATOM   695  H "H1'"  . G   B 1 3  ? 0.839   21.253  -10.384 1.00 46.54 ? 3  G   B "H1'"  1 
ATOM   696  H H8     . G   B 1 3  ? 3.589   20.364  -7.999  1.00 46.75 ? 3  G   B H8     1 
ATOM   697  H H1     . G   B 1 3  ? 3.771   17.764  -13.792 1.00 52.33 ? 3  G   B H1     1 
ATOM   698  H H21    . G   B 1 3  ? 1.883   18.134  -14.846 1.00 49.15 ? 3  G   B H21    1 
ATOM   699  H H22    . G   B 1 3  ? 0.590   18.959  -14.117 1.00 49.15 ? 3  G   B H22    1 
ATOM   700  P P      . G   B 1 4  ? -1.129  17.602  -6.909  1.00 46.77 ? 4  G   B P      1 
ATOM   701  O OP1    . G   B 1 4  ? -2.400  17.281  -6.160  1.00 40.79 ? 4  G   B OP1    1 
ATOM   702  O OP2    . G   B 1 4  ? 0.215   17.145  -6.339  1.00 47.43 ? 4  G   B OP2    1 
ATOM   703  O "O5'"  . G   B 1 4  ? -1.288  17.120  -8.412  1.00 40.65 ? 4  G   B "O5'"  1 
ATOM   704  C "C5'"  . G   B 1 4  ? -2.484  17.373  -9.105  1.00 38.88 ? 4  G   B "C5'"  1 
ATOM   705  C "C4'"  . G   B 1 4  ? -2.372  16.900  -10.488 1.00 39.40 ? 4  G   B "C4'"  1 
ATOM   706  O "O4'"  . G   B 1 4  ? -1.197  17.475  -11.103 1.00 39.19 ? 4  G   B "O4'"  1 
ATOM   707  C "C3'"  . G   B 1 4  ? -2.145  15.413  -10.640 1.00 40.25 ? 4  G   B "C3'"  1 
ATOM   708  O "O3'"  . G   B 1 4  ? -3.327  14.660  -10.428 1.00 39.78 ? 4  G   B "O3'"  1 
ATOM   709  C "C2'"  . G   B 1 4  ? -1.584  15.342  -12.055 1.00 39.65 ? 4  G   B "C2'"  1 
ATOM   710  O "O2'"  . G   B 1 4  ? -2.597  15.623  -13.036 1.00 37.12 ? 4  G   B "O2'"  1 
ATOM   711  C "C1'"  . G   B 1 4  ? -0.631  16.532  -11.997 1.00 39.97 ? 4  G   B "C1'"  1 
ATOM   712  N N9     . G   B 1 4  ? 0.712   16.145  -11.520 1.00 40.46 ? 4  G   B N9     1 
ATOM   713  C C8     . G   B 1 4  ? 1.411   16.311  -10.339 1.00 40.19 ? 4  G   B C8     1 
ATOM   714  N N7     . G   B 1 4  ? 2.623   15.778  -10.395 1.00 40.70 ? 4  G   B N7     1 
ATOM   715  C C5     . G   B 1 4  ? 2.695   15.190  -11.680 1.00 40.49 ? 4  G   B C5     1 
ATOM   716  C C6     . G   B 1 4  ? 3.726   14.414  -12.368 1.00 41.66 ? 4  G   B C6     1 
ATOM   717  O O6     . G   B 1 4  ? 4.912   14.103  -11.995 1.00 40.79 ? 4  G   B O6     1 
ATOM   718  N N1     . G   B 1 4  ? 3.287   14.015  -13.670 1.00 40.14 ? 4  G   B N1     1 
ATOM   719  C C2     . G   B 1 4  ? 2.044   14.332  -14.276 1.00 41.50 ? 4  G   B C2     1 
ATOM   720  N N2     . G   B 1 4  ? 1.833   13.858  -15.546 1.00 39.86 ? 4  G   B N2     1 
ATOM   721  N N3     . G   B 1 4  ? 1.077   15.034  -13.630 1.00 41.15 ? 4  G   B N3     1 
ATOM   722  C C4     . G   B 1 4  ? 1.501   15.407  -12.362 1.00 40.70 ? 4  G   B C4     1 
ATOM   723  H "H5'"  . G   B 1 4  ? -2.663  18.336  -9.104  1.00 46.45 ? 4  G   B "H5'"  1 
ATOM   724  H "H5''" . G   B 1 4  ? -3.222  16.906  -8.660  1.00 46.45 ? 4  G   B "H5''" 1 
ATOM   725  H "H4'"  . G   B 1 4  ? -3.170  17.163  -10.993 1.00 47.08 ? 4  G   B "H4'"  1 
ATOM   726  H "H3'"  . G   B 1 4  ? -1.457  15.124  -10.004 1.00 48.10 ? 4  G   B "H3'"  1 
ATOM   727  H "H2'"  . G   B 1 4  ? -1.115  14.499  -12.228 1.00 47.38 ? 4  G   B "H2'"  1 
ATOM   728  H "HO2'" . G   B 1 4  ? -2.228  15.464  -13.930 1.00 44.34 ? 4  G   B "HO2'" 1 
ATOM   729  H "H1'"  . G   B 1 4  ? -0.556  16.933  -12.889 1.00 47.76 ? 4  G   B "H1'"  1 
ATOM   730  H H8     . G   B 1 4  ? 1.076   16.825  -9.575  1.00 48.03 ? 4  G   B H8     1 
ATOM   731  H H1     . G   B 1 4  ? 3.895   13.535  -14.229 1.00 47.97 ? 4  G   B H1     1 
ATOM   732  H H21    . G   B 1 4  ? 0.921   13.671  -15.854 1.00 47.63 ? 4  G   B H21    1 
ATOM   733  H H22    . G   B 1 4  ? 2.593   13.707  -16.146 1.00 47.63 ? 4  G   B H22    1 
ATOM   734  P P      . G   B 1 5  ? -3.236  13.147  -9.888  1.00 40.13 ? 5  G   B P      1 
ATOM   735  O OP1    . G   B 1 5  ? -4.623  12.776  -9.421  1.00 42.11 ? 5  G   B OP1    1 
ATOM   736  O OP2    . G   B 1 5  ? -2.109  13.057  -8.903  1.00 40.35 ? 5  G   B OP2    1 
ATOM   737  O "O5'"  . G   B 1 5  ? -2.853  12.331  -11.243 1.00 41.95 ? 5  G   B "O5'"  1 
ATOM   738  C "C5'"  . G   B 1 5  ? -3.746  12.292  -12.365 1.00 36.90 ? 5  G   B "C5'"  1 
ATOM   739  C "C4'"  . G   B 1 5  ? -3.199  11.455  -13.481 1.00 38.37 ? 5  G   B "C4'"  1 
ATOM   740  O "O4'"  . G   B 1 5  ? -2.032  12.088  -14.072 1.00 39.02 ? 5  G   B "O4'"  1 
ATOM   741  C "C3'"  . G   B 1 5  ? -2.703  10.064  -13.110 1.00 36.10 ? 5  G   B "C3'"  1 
ATOM   742  O "O3'"  . G   B 1 5  ? -3.735  9.142   -13.008 1.00 33.32 ? 5  G   B "O3'"  1 
ATOM   743  C "C2'"  . G   B 1 5  ? -1.745  9.764   -14.230 1.00 34.78 ? 5  G   B "C2'"  1 
ATOM   744  O "O2'"  . G   B 1 5  ? -2.448  9.514   -15.438 1.00 35.01 ? 5  G   B "O2'"  1 
ATOM   745  C "C1'"  . G   B 1 5  ? -1.058  11.108  -14.361 1.00 37.02 ? 5  G   B "C1'"  1 
ATOM   746  N N9     . G   B 1 5  ? 0.069   11.267  -13.395 1.00 37.96 ? 5  G   B N9     1 
ATOM   747  C C8     . G   B 1 5  ? 0.181   11.997  -12.204 1.00 39.17 ? 5  G   B C8     1 
ATOM   748  N N7     . G   B 1 5  ? 1.372   11.928  -11.624 1.00 40.29 ? 5  G   B N7     1 
ATOM   749  C C5     . G   B 1 5  ? 2.093   11.083  -12.485 1.00 38.74 ? 5  G   B C5     1 
ATOM   750  C C6     . G   B 1 5  ? 3.414   10.596  -12.407 1.00 38.89 ? 5  G   B C6     1 
ATOM   751  O O6     . G   B 1 5  ? 4.251   10.868  -11.519 1.00 39.87 ? 5  G   B O6     1 
ATOM   752  N N1     . G   B 1 5  ? 3.712   9.757   -13.495 1.00 38.34 ? 5  G   B N1     1 
ATOM   753  C C2     . G   B 1 5  ? 2.817   9.418   -14.570 1.00 39.10 ? 5  G   B C2     1 
ATOM   754  N N2     . G   B 1 5  ? 3.186   8.573   -15.617 1.00 35.18 ? 5  G   B N2     1 
ATOM   755  N N3     . G   B 1 5  ? 1.565   9.910   -14.598 1.00 37.26 ? 5  G   B N3     1 
ATOM   756  C C4     . G   B 1 5  ? 1.298   10.696  -13.555 1.00 37.66 ? 5  G   B C4     1 
ATOM   757  H "H5'"  . G   B 1 5  ? -3.888  13.205  -12.691 1.00 44.07 ? 5  G   B "H5'"  1 
ATOM   758  H "H5''" . G   B 1 5  ? -4.604  11.919  -12.076 1.00 44.07 ? 5  G   B "H5''" 1 
ATOM   759  H "H4'"  . G   B 1 5  ? -3.890  11.368  -14.171 1.00 45.84 ? 5  G   B "H4'"  1 
ATOM   760  H "H3'"  . G   B 1 5  ? -2.214  10.104  -12.262 1.00 43.12 ? 5  G   B "H3'"  1 
ATOM   761  H "H2'"  . G   B 1 5  ? -1.116  9.047   -14.002 1.00 41.54 ? 5  G   B "H2'"  1 
ATOM   762  H "HO2'" . G   B 1 5  ? -1.805  9.467   -16.177 1.00 41.81 ? 5  G   B "HO2'" 1 
ATOM   763  H "H1'"  . G   B 1 5  ? -0.730  11.227  -15.277 1.00 44.22 ? 5  G   B "H1'"  1 
ATOM   764  H H8     . G   B 1 5  ? -0.550  12.544  -11.847 1.00 46.81 ? 5  G   B H8     1 
ATOM   765  H H1     . G   B 1 5  ? 4.617   9.383   -13.534 1.00 45.81 ? 5  G   B H1     1 
ATOM   766  H H21    . G   B 1 5  ? 4.087   8.188   -15.643 1.00 42.02 ? 5  G   B H21    1 
ATOM   767  H H22    . G   B 1 5  ? 2.544   8.363   -16.327 1.00 42.02 ? 5  G   B H22    1 
ATOM   768  P P      . C   B 1 6  ? -3.781  8.157   -11.762 1.00 36.77 ? 6  C   B P      1 
ATOM   769  O OP1    . C   B 1 6  ? -5.144  7.560   -11.781 1.00 34.22 ? 6  C   B OP1    1 
ATOM   770  O OP2    . C   B 1 6  ? -3.321  8.926   -10.551 1.00 35.10 ? 6  C   B OP2    1 
ATOM   771  O "O5'"  . C   B 1 6  ? -2.676  7.039   -12.164 1.00 33.36 ? 6  C   B "O5'"  1 
ATOM   772  C "C5'"  . C   B 1 6  ? -2.773  6.373   -13.413 1.00 31.49 ? 6  C   B "C5'"  1 
ATOM   773  C "C4'"  . C   B 1 6  ? -1.507  5.675   -13.767 1.00 32.19 ? 6  C   B "C4'"  1 
ATOM   774  O "O4'"  . C   B 1 6  ? -0.437  6.624   -13.956 1.00 32.33 ? 6  C   B "O4'"  1 
ATOM   775  C "C3'"  . C   B 1 6  ? -0.938  4.738   -12.727 1.00 31.14 ? 6  C   B "C3'"  1 
ATOM   776  O "O3'"  . C   B 1 6  ? -1.648  3.544   -12.632 1.00 30.54 ? 6  C   B "O3'"  1 
ATOM   777  C "C2'"  . C   B 1 6  ? 0.479   4.581   -13.235 1.00 29.68 ? 6  C   B "C2'"  1 
ATOM   778  O "O2'"  . C   B 1 6  ? 0.498   3.842   -14.428 1.00 28.88 ? 6  C   B "O2'"  1 
ATOM   779  C "C1'"  . C   B 1 6  ? 0.788   6.016   -13.593 1.00 32.43 ? 6  C   B "C1'"  1 
ATOM   780  N N1     . C   B 1 6  ? 1.372   6.773   -12.424 1.00 34.37 ? 6  C   B N1     1 
ATOM   781  C C2     . C   B 1 6  ? 2.751   6.638   -12.254 1.00 34.95 ? 6  C   B C2     1 
ATOM   782  O O2     . C   B 1 6  ? 3.447   5.922   -13.005 1.00 33.32 ? 6  C   B O2     1 
ATOM   783  N N3     . C   B 1 6  ? 3.320   7.302   -11.260 1.00 37.06 ? 6  C   B N3     1 
ATOM   784  C C4     . C   B 1 6  ? 2.687   8.063   -10.398 1.00 37.50 ? 6  C   B C4     1 
ATOM   785  N N4     . C   B 1 6  ? 3.531   8.592   -9.457  1.00 40.45 ? 6  C   B N4     1 
ATOM   786  C C5     . C   B 1 6  ? 1.276   8.258   -10.502 1.00 35.73 ? 6  C   B C5     1 
ATOM   787  C C6     . C   B 1 6  ? 0.664   7.594   -11.541 1.00 34.96 ? 6  C   B C6     1 
ATOM   788  H "H5'"  . C   B 1 6  ? -2.980  7.031   -14.110 1.00 37.59 ? 6  C   B "H5'"  1 
ATOM   789  H "H5''" . C   B 1 6  ? -3.499  5.716   -13.369 1.00 37.59 ? 6  C   B "H5''" 1 
ATOM   790  H "H4'"  . C   B 1 6  ? -1.640  5.177   -14.601 1.00 38.42 ? 6  C   B "H4'"  1 
ATOM   791  H "H3'"  . C   B 1 6  ? -0.925  5.186   -11.854 1.00 37.17 ? 6  C   B "H3'"  1 
ATOM   792  H "H2'"  . C   B 1 6  ? 1.088   4.227   -12.554 1.00 35.41 ? 6  C   B "H2'"  1 
ATOM   793  H "HO2'" . C   B 1 6  ? 0.706   4.444   -15.173 1.00 34.46 ? 6  C   B "HO2'" 1 
ATOM   794  H "H1'"  . C   B 1 6  ? 1.409   6.044   -14.351 1.00 38.72 ? 6  C   B "H1'"  1 
ATOM   795  H H41    . C   B 1 6  ? 3.726   9.552   -9.457  1.00 48.34 ? 6  C   B H41    1 
ATOM   796  H H42    . C   B 1 6  ? 3.939   8.008   -8.783  1.00 48.34 ? 6  C   B H42    1 
ATOM   797  H H5     . C   B 1 6  ? 0.779   8.829   -9.879  1.00 42.67 ? 6  C   B H5     1 
ATOM   798  H H6     . C   B 1 6  ? -0.304  7.694   -11.661 1.00 41.75 ? 6  C   B H6     1 
ATOM   799  P P      . C   B 1 7  ? -1.630  2.706   -11.263 1.00 32.21 ? 7  C   B P      1 
ATOM   800  O OP1    . C   B 1 7  ? -2.460  1.473   -11.512 1.00 31.14 ? 7  C   B OP1    1 
ATOM   801  O OP2    . C   B 1 7  ? -2.019  3.602   -10.191 1.00 28.85 ? 7  C   B OP2    1 
ATOM   802  O "O5'"  . C   B 1 7  ? -0.063  2.326   -11.119 1.00 30.78 ? 7  C   B "O5'"  1 
ATOM   803  C "C5'"  . C   B 1 7  ? 0.423   1.168   -11.727 1.00 29.48 ? 7  C   B "C5'"  1 
ATOM   804  C "C4'"  . C   B 1 7  ? 1.896   1.015   -11.576 1.00 29.85 ? 7  C   B "C4'"  1 
ATOM   805  O "O4'"  . C   B 1 7  ? 2.587   2.263   -11.743 1.00 29.34 ? 7  C   B "O4'"  1 
ATOM   806  C "C3'"  . C   B 1 7  ? 2.395   0.521   -10.254 1.00 30.29 ? 7  C   B "C3'"  1 
ATOM   807  O "O3'"  . C   B 1 7  ? 2.118   -0.827  -10.079 1.00 29.57 ? 7  C   B "O3'"  1 
ATOM   808  C "C2'"  . C   B 1 7  ? 3.857   0.780   -10.405 1.00 31.74 ? 7  C   B "C2'"  1 
ATOM   809  O "O2'"  . C   B 1 7  ? 4.407   -0.167  -11.307 1.00 29.96 ? 7  C   B "O2'"  1 
ATOM   810  C "C1'"  . C   B 1 7  ? 3.830   2.162   -11.076 1.00 31.37 ? 7  C   B "C1'"  1 
ATOM   811  N N1     . C   B 1 7  ? 3.922   3.249   -10.071 1.00 33.38 ? 7  C   B N1     1 
ATOM   812  C C2     . C   B 1 7  ? 5.197   3.517   -9.448  1.00 33.80 ? 7  C   B C2     1 
ATOM   813  O O2     . C   B 1 7  ? 6.238   2.928   -9.681  1.00 31.77 ? 7  C   B O2     1 
ATOM   814  N N3     . C   B 1 7  ? 5.296   4.485   -8.504  1.00 36.59 ? 7  C   B N3     1 
ATOM   815  C C4     . C   B 1 7  ? 4.222   5.182   -8.173  1.00 36.29 ? 7  C   B C4     1 
ATOM   816  N N4     . C   B 1 7  ? 4.516   6.089   -7.262  1.00 38.02 ? 7  C   B N4     1 
ATOM   817  C C5     . C   B 1 7  ? 2.898   4.967   -8.772  1.00 33.96 ? 7  C   B C5     1 
ATOM   818  C C6     . C   B 1 7  ? 2.790   3.987   -9.700  1.00 32.35 ? 7  C   B C6     1 
ATOM   819  H "H5'"  . C   B 1 7  ? 0.204   1.197   -12.681 1.00 35.17 ? 7  C   B "H5'"  1 
ATOM   820  H "H5''" . C   B 1 7  ? -0.018  0.391   -11.325 1.00 35.17 ? 7  C   B "H5''" 1 
ATOM   821  H "H4'"  . C   B 1 7  ? 2.209   0.397   -12.270 1.00 35.61 ? 7  C   B "H4'"  1 
ATOM   822  H "H3'"  . C   B 1 7  ? 2.022   1.055   -9.521  1.00 36.15 ? 7  C   B "H3'"  1 
ATOM   823  H "H2'"  . C   B 1 7  ? 4.323   0.795   -9.542  1.00 37.88 ? 7  C   B "H2'"  1 
ATOM   824  H "HO2'" . C   B 1 7  ? 4.423   -1.046  -10.875 1.00 35.75 ? 7  C   B "HO2'" 1 
ATOM   825  H "H1'"  . C   B 1 7  ? 4.564   2.238   -11.721 1.00 37.44 ? 7  C   B "H1'"  1 
ATOM   826  H H41    . C   B 1 7  ? 3.817   6.682   -6.917  1.00 45.42 ? 7  C   B H41    1 
ATOM   827  H H42    . C   B 1 7  ? 5.434   6.167   -6.927  1.00 45.42 ? 7  C   B H42    1 
ATOM   828  H H5     . C   B 1 7  ? 2.123   5.500   -8.498  1.00 40.55 ? 7  C   B H5     1 
ATOM   829  H H6     . C   B 1 7  ? 1.925   3.806   -10.123 1.00 38.62 ? 7  C   B H6     1 
ATOM   830  P P      . U   B 1 8  ? 2.071   -1.431  -8.623  1.00 31.07 ? 8  U   B P      1 
ATOM   831  O OP1    . U   B 1 8  ? 1.435   -2.752  -8.742  1.00 26.51 ? 8  U   B OP1    1 
ATOM   832  O OP2    . U   B 1 8  ? 1.416   -0.401  -7.750  1.00 33.02 ? 8  U   B OP2    1 
ATOM   833  O "O5'"  . U   B 1 8  ? 3.648   -1.556  -8.232  1.00 31.58 ? 8  U   B "O5'"  1 
ATOM   834  C "C5'"  . U   B 1 8  ? 4.543   -2.439  -8.917  1.00 32.45 ? 8  U   B "C5'"  1 
ATOM   835  C "C4'"  . U   B 1 8  ? 5.982   -2.232  -8.467  1.00 33.24 ? 8  U   B "C4'"  1 
ATOM   836  O "O4'"  . U   B 1 8  ? 6.330   -0.844  -8.587  1.00 34.36 ? 8  U   B "O4'"  1 
ATOM   837  C "C3'"  . U   B 1 8  ? 6.267   -2.524  -7.010  1.00 34.20 ? 8  U   B "C3'"  1 
ATOM   838  O "O3'"  . U   B 1 8  ? 6.410   -3.898  -6.729  1.00 32.08 ? 8  U   B "O3'"  1 
ATOM   839  C "C2'"  . U   B 1 8  ? 7.518   -1.696  -6.742  1.00 34.34 ? 8  U   B "C2'"  1 
ATOM   840  O "O2'"  . U   B 1 8  ? 8.682   -2.321  -7.267  1.00 32.66 ? 8  U   B "O2'"  1 
ATOM   841  C "C1'"  . U   B 1 8  ? 7.221   -0.462  -7.570  1.00 33.92 ? 8  U   B "C1'"  1 
ATOM   842  N N1     . U   B 1 8  ? 6.618   0.676   -6.762  1.00 33.74 ? 8  U   B N1     1 
ATOM   843  C C2     . U   B 1 8  ? 7.522   1.386   -5.918  1.00 36.05 ? 8  U   B C2     1 
ATOM   844  O O2     . U   B 1 8  ? 8.702   1.122   -5.774  1.00 37.05 ? 8  U   B O2     1 
ATOM   845  N N3     . U   B 1 8  ? 7.098   2.414   -5.143  1.00 36.63 ? 8  U   B N3     1 
ATOM   846  C C4     . U   B 1 8  ? 5.790   2.880   -5.130  1.00 38.59 ? 8  U   B C4     1 
ATOM   847  O O4     . U   B 1 8  ? 5.588   3.867   -4.359  1.00 44.51 ? 8  U   B O4     1 
ATOM   848  C C5     . U   B 1 8  ? 4.847   2.173   -5.976  1.00 35.90 ? 8  U   B C5     1 
ATOM   849  C C6     . U   B 1 8  ? 5.305   1.120   -6.773  1.00 34.52 ? 8  U   B C6     1 
ATOM   850  H "H5'"  . U   B 1 8  ? 4.482   -2.272  -9.881  1.00 38.74 ? 8  U   B "H5'"  1 
ATOM   851  H "H5''" . U   B 1 8  ? 4.280   -3.366  -8.736  1.00 38.74 ? 8  U   B "H5''" 1 
ATOM   852  H "H4'"  . U   B 1 8  ? 6.579   -2.767  -9.030  1.00 39.69 ? 8  U   B "H4'"  1 
ATOM   853  H "H3'"  . U   B 1 8  ? 5.533   -2.168  -6.469  1.00 40.84 ? 8  U   B "H3'"  1 
ATOM   854  H "H2'"  . U   B 1 8  ? 7.614   -1.479  -5.791  1.00 41.00 ? 8  U   B "H2'"  1 
ATOM   855  H "HO2'" . U   B 1 8  ? 9.005   -1.803  -8.033  1.00 38.99 ? 8  U   B "HO2'" 1 
ATOM   856  H "H1'"  . U   B 1 8  ? 8.053   -0.149  -7.981  1.00 40.50 ? 8  U   B "H1'"  1 
ATOM   857  H H3     . U   B 1 8  ? 7.755   2.868   -4.575  1.00 43.76 ? 8  U   B H3     1 
ATOM   858  H H5     . U   B 1 8  ? 3.911   2.462   -6.022  1.00 42.87 ? 8  U   B H5     1 
ATOM   859  H H6     . U   B 1 8  ? 4.661   0.654   -7.345  1.00 41.22 ? 8  U   B H6     1 
ATOM   860  P P      . G   B 1 9  ? 5.931   -4.432  -5.307  1.00 33.46 ? 9  G   B P      1 
ATOM   861  O OP1    . G   B 1 9  ? 5.886   -5.891  -5.372  1.00 31.79 ? 9  G   B OP1    1 
ATOM   862  O OP2    . G   B 1 9  ? 4.726   -3.706  -4.962  1.00 31.79 ? 9  G   B OP2    1 
ATOM   863  O "O5'"  . G   B 1 9  ? 7.111   -3.939  -4.309  1.00 35.69 ? 9  G   B "O5'"  1 
ATOM   864  C "C5'"  . G   B 1 9  ? 8.401   -4.493  -4.317  1.00 33.69 ? 9  G   B "C5'"  1 
ATOM   865  C "C4'"  . G   B 1 9  ? 9.265   -3.808  -3.305  1.00 33.57 ? 9  G   B "C4'"  1 
ATOM   866  O "O4'"  . G   B 1 9  ? 9.385   -2.409  -3.637  1.00 33.75 ? 9  G   B "O4'"  1 
ATOM   867  C "C3'"  . G   B 1 9  ? 8.741   -3.793  -1.899  1.00 32.45 ? 9  G   B "C3'"  1 
ATOM   868  O "O3'"  . G   B 1 9  ? 8.939   -4.999  -1.244  1.00 30.15 ? 9  G   B "O3'"  1 
ATOM   869  C "C2'"  . G   B 1 9  ? 9.495   -2.625  -1.289  1.00 33.99 ? 9  G   B "C2'"  1 
ATOM   870  O "O2'"  . G   B 1 9  ? 10.844  -2.946  -1.005  1.00 33.33 ? 9  G   B "O2'"  1 
ATOM   871  C "C1'"  . G   B 1 9  ? 9.467   -1.649  -2.452  1.00 34.33 ? 9  G   B "C1'"  1 
ATOM   872  N N9     . G   B 1 9  ? 8.286   -0.768  -2.379  1.00 36.26 ? 9  G   B N9     1 
ATOM   873  C C8     . G   B 1 9  ? 7.161   -0.881  -3.145  1.00 35.83 ? 9  G   B C8     1 
ATOM   874  N N7     . G   B 1 9  ? 6.273   0.037   -2.874  1.00 37.46 ? 9  G   B N7     1 
ATOM   875  C C5     . G   B 1 9  ? 6.857   0.785   -1.872  1.00 36.21 ? 9  G   B C5     1 
ATOM   876  C C6     . G   B 1 9  ? 6.298   1.915   -1.186  1.00 37.99 ? 9  G   B C6     1 
ATOM   877  O O6     . G   B 1 9  ? 5.177   2.387   -1.478  1.00 38.08 ? 9  G   B O6     1 
ATOM   878  N N1     . G   B 1 9  ? 7.193   2.431   -0.194  1.00 35.71 ? 9  G   B N1     1 
ATOM   879  C C2     . G   B 1 9  ? 8.485   1.854   0.060   1.00 36.76 ? 9  G   B C2     1 
ATOM   880  N N2     . G   B 1 9  ? 9.300   2.411   1.033   1.00 30.09 ? 9  G   B N2     1 
ATOM   881  N N3     . G   B 1 9  ? 8.931   0.743   -0.673  1.00 34.36 ? 9  G   B N3     1 
ATOM   882  C C4     . G   B 1 9  ? 8.095   0.301   -1.569  1.00 34.29 ? 9  G   B C4     1 
ATOM   883  H "H5'"  . G   B 1 9  ? 8.795   -4.383  -5.207  1.00 40.22 ? 9  G   B "H5'"  1 
ATOM   884  H "H5''" . G   B 1 9  ? 8.345   -5.447  -4.101  1.00 40.22 ? 9  G   B "H5''" 1 
ATOM   885  H "H4'"  . G   B 1 9  ? 10.155  -4.218  -3.313  1.00 40.08 ? 9  G   B "H4'"  1 
ATOM   886  H "H3'"  . G   B 1 9  ? 7.783   -3.587  -1.913  1.00 38.74 ? 9  G   B "H3'"  1 
ATOM   887  H "H2'"  . G   B 1 9  ? 9.031   -2.264  -0.504  1.00 40.58 ? 9  G   B "H2'"  1 
ATOM   888  H "HO2'" . G   B 1 9  ? 11.194  -2.306  -0.350  1.00 39.80 ? 9  G   B "HO2'" 1 
ATOM   889  H "H1'"  . G   B 1 9  ? 10.286  -1.111  -2.456  1.00 41.00 ? 9  G   B "H1'"  1 
ATOM   890  H H8     . G   B 1 9  ? 7.039   -1.567  -3.834  1.00 42.79 ? 9  G   B H8     1 
ATOM   891  H H1     . G   B 1 9  ? 6.908   3.197   0.297   1.00 42.65 ? 9  G   B H1     1 
ATOM   892  H H21    . G   B 1 9  ? 9.745   1.834   1.688   1.00 35.91 ? 9  G   B H21    1 
ATOM   893  H H22    . G   B 1 9  ? 9.434   3.382   1.066   1.00 35.91 ? 9  G   B H22    1 
ATOM   894  P P      . C   B 1 10 ? 7.842   -5.557  -0.212  1.00 34.52 ? 10 C   B P      1 
ATOM   895  O OP1    . C   B 1 10 ? 8.245   -6.936  0.071   1.00 32.61 ? 10 C   B OP1    1 
ATOM   896  O OP2    . C   B 1 10 ? 6.456   -5.305  -0.779  1.00 35.73 ? 10 C   B OP2    1 
ATOM   897  O "O5'"  . C   B 1 10 ? 8.044   -4.654  1.061   1.00 33.61 ? 10 C   B "O5'"  1 
ATOM   898  C "C5'"  . C   B 1 10 ? 9.317   -4.601  1.688   1.00 32.89 ? 10 C   B "C5'"  1 
ATOM   899  C "C4'"  . C   B 1 10 ? 9.348   -3.537  2.741   1.00 33.01 ? 10 C   B "C4'"  1 
ATOM   900  O "O4'"  . C   B 1 10 ? 9.261   -2.223  2.138   1.00 31.69 ? 10 C   B "O4'"  1 
ATOM   901  C "C3'"  . C   B 1 10 ? 8.197   -3.529  3.715   1.00 32.70 ? 10 C   B "C3'"  1 
ATOM   902  O "O3'"  . C   B 1 10 ? 8.276   -4.536  4.695   1.00 32.70 ? 10 C   B "O3'"  1 
ATOM   903  C "C2'"  . C   B 1 10 ? 8.324   -2.149  4.300   1.00 32.04 ? 10 C   B "C2'"  1 
ATOM   904  O "O2'"  . C   B 1 10 ? 9.461   -2.103  5.133   1.00 30.34 ? 10 C   B "O2'"  1 
ATOM   905  C "C1'"  . C   B 1 10 ? 8.607   -1.351  3.040   1.00 33.45 ? 10 C   B "C1'"  1 
ATOM   906  N N1     . C   B 1 10 ? 7.364   -0.881  2.397   1.00 33.82 ? 10 C   B N1     1 
ATOM   907  C C2     . C   B 1 10 ? 6.738   0.316   2.854   1.00 35.25 ? 10 C   B C2     1 
ATOM   908  O O2     . C   B 1 10 ? 7.191   0.998   3.843   1.00 34.55 ? 10 C   B O2     1 
ATOM   909  N N3     . C   B 1 10 ? 5.599   0.705   2.199   1.00 35.30 ? 10 C   B N3     1 
ATOM   910  C C4     . C   B 1 10 ? 5.094   0.001   1.154   1.00 35.87 ? 10 C   B C4     1 
ATOM   911  N N4     . C   B 1 10 ? 3.997   0.515   0.609   1.00 38.32 ? 10 C   B N4     1 
ATOM   912  C C5     . C   B 1 10 ? 5.706   -1.250  0.657   1.00 36.41 ? 10 C   B C5     1 
ATOM   913  C C6     . C   B 1 10 ? 6.867   -1.644  1.313   1.00 34.20 ? 10 C   B C6     1 
ATOM   914  H "H5'"  . C   B 1 10 ? 10.001  -4.409  1.014   1.00 39.27 ? 10 C   B "H5'"  1 
ATOM   915  H "H5''" . C   B 1 10 ? 9.509   -5.470  2.102   1.00 39.27 ? 10 C   B "H5''" 1 
ATOM   916  H "H4'"  . C   B 1 10 ? 10.188  -3.604  3.239   1.00 39.41 ? 10 C   B "H4'"  1 
ATOM   917  H "H3'"  . C   B 1 10 ? 7.350   -3.606  3.228   1.00 39.03 ? 10 C   B "H3'"  1 
ATOM   918  H "H2'"  . C   B 1 10 ? 7.506   -1.856  4.753   1.00 38.25 ? 10 C   B "H2'"  1 
ATOM   919  H "HO2'" . C   B 1 10 ? 9.281   -2.618  5.947   1.00 36.21 ? 10 C   B "HO2'" 1 
ATOM   920  H "H1'"  . C   B 1 10 ? 9.187   -0.589  3.249   1.00 39.94 ? 10 C   B "H1'"  1 
ATOM   921  H H41    . C   B 1 10 ? 3.496   0.004   -0.062  1.00 45.79 ? 10 C   B H41    1 
ATOM   922  H H42    . C   B 1 10 ? 3.685   1.413   0.882   1.00 45.79 ? 10 C   B H42    1 
ATOM   923  H H5     . C   B 1 10 ? 5.342   -1.745  -0.106  1.00 43.49 ? 10 C   B H5     1 
ATOM   924  H H6     . C   B 1 10 ? 7.337   -2.456  1.030   1.00 40.84 ? 10 C   B H6     1 
ATOM   925  P P      . U   B 1 11 ? 6.906   -5.080  5.367   1.00 33.99 ? 11 U   B P      1 
ATOM   926  O OP1    . U   B 1 11 ? 7.302   -6.163  6.336   1.00 31.80 ? 11 U   B OP1    1 
ATOM   927  O OP2    . U   B 1 11 ? 6.001   -5.380  4.250   1.00 30.51 ? 11 U   B OP2    1 
ATOM   928  O "O5'"  . U   B 1 11 ? 6.371   -3.783  6.184   1.00 32.20 ? 11 U   B "O5'"  1 
ATOM   929  C "C5'"  . U   B 1 11 ? 6.955   -3.439  7.427   1.00 32.00 ? 11 U   B "C5'"  1 
ATOM   930  C "C4'"  . U   B 1 11 ? 6.384   -2.163  8.033   1.00 33.07 ? 11 U   B "C4'"  1 
ATOM   931  O "O4'"  . U   B 1 11 ? 6.403   -1.078  7.090   1.00 33.29 ? 11 U   B "O4'"  1 
ATOM   932  C "C3'"  . U   B 1 11 ? 4.953   -2.199  8.527   1.00 33.33 ? 11 U   B "C3'"  1 
ATOM   933  O "O3'"  . U   B 1 11 ? 4.873   -2.819  9.757   1.00 34.08 ? 11 U   B "O3'"  1 
ATOM   934  C "C2'"  . U   B 1 11 ? 4.636   -0.746  8.616   1.00 34.87 ? 11 U   B "C2'"  1 
ATOM   935  O "O2'"  . U   B 1 11 ? 5.307   -0.201  9.756   1.00 33.09 ? 11 U   B "O2'"  1 
ATOM   936  C "C1'"  . U   B 1 11 ? 5.329   -0.217  7.358   1.00 33.79 ? 11 U   B "C1'"  1 
ATOM   937  N N1     . U   B 1 11 ? 4.459   -0.235  6.192   1.00 35.79 ? 11 U   B N1     1 
ATOM   938  C C2     . U   B 1 11 ? 3.507   0.755   6.057   1.00 36.97 ? 11 U   B C2     1 
ATOM   939  O O2     . U   B 1 11 ? 3.417   1.544   6.942   1.00 36.11 ? 11 U   B O2     1 
ATOM   940  N N3     . U   B 1 11 ? 2.700   0.705   4.915   1.00 36.90 ? 11 U   B N3     1 
ATOM   941  C C4     . U   B 1 11 ? 2.849   -0.233  3.920   1.00 37.49 ? 11 U   B C4     1 
ATOM   942  O O4     . U   B 1 11 ? 2.129   -0.227  2.908   1.00 40.10 ? 11 U   B O4     1 
ATOM   943  C C5     . U   B 1 11 ? 3.877   -1.209  4.109   1.00 35.68 ? 11 U   B C5     1 
ATOM   944  C C6     . U   B 1 11 ? 4.631   -1.168  5.184   1.00 34.67 ? 11 U   B C6     1 
ATOM   945  H "H5'"  . U   B 1 11 ? 7.918   -3.320  7.299   1.00 38.19 ? 11 U   B "H5'"  1 
ATOM   946  H "H5''" . U   B 1 11 ? 6.810   -4.175  8.056   1.00 38.19 ? 11 U   B "H5''" 1 
ATOM   947  H "H4'"  . U   B 1 11 ? 6.954   -1.913  8.790   1.00 39.48 ? 11 U   B "H4'"  1 
ATOM   948  H "H3'"  . U   B 1 11 ? 4.372   -2.641  7.872   1.00 39.80 ? 11 U   B "H3'"  1 
ATOM   949  H "H2'"  . U   B 1 11 ? 3.672   -0.568  8.618   1.00 41.64 ? 11 U   B "H2'"  1 
ATOM   950  H "HO2'" . U   B 1 11 ? 6.042   0.373   9.451   1.00 39.51 ? 11 U   B "HO2'" 1 
ATOM   951  H "H1'"  . U   B 1 11 ? 5.660   0.692   7.515   1.00 40.35 ? 11 U   B "H1'"  1 
ATOM   952  H H3     . U   B 1 11 ? 2.009   1.392   4.806   1.00 44.08 ? 11 U   B H3     1 
ATOM   953  H H5     . U   B 1 11 ? 4.025   -1.903  3.432   1.00 42.62 ? 11 U   B H5     1 
ATOM   954  H H6     . U   B 1 11 ? 5.323   -1.852  5.295   1.00 41.40 ? 11 U   B H6     1 
ATOM   955  P P      . G   B 1 12 ? 3.582   -3.611  10.168  1.00 35.31 ? 12 G   B P      1 
ATOM   956  O OP1    . G   B 1 12 ? 3.865   -4.293  11.434  1.00 34.22 ? 12 G   B OP1    1 
ATOM   957  O OP2    . G   B 1 12 ? 3.218   -4.455  9.009   1.00 35.63 ? 12 G   B OP2    1 
ATOM   958  O "O5'"  . G   B 1 12 ? 2.530   -2.434  10.368  1.00 37.52 ? 12 G   B "O5'"  1 
ATOM   959  C "C5'"  . G   B 1 12 ? 2.622   -1.532  11.473  1.00 37.39 ? 12 G   B "C5'"  1 
ATOM   960  C "C4'"  . G   B 1 12 ? 1.558   -0.443  11.402  1.00 39.08 ? 12 G   B "C4'"  1 
ATOM   961  O "O4'"  . G   B 1 12 ? 1.756   0.409   10.231  1.00 36.17 ? 12 G   B "O4'"  1 
ATOM   962  C "C3'"  . G   B 1 12 ? 0.118   -0.921  11.268  1.00 40.72 ? 12 G   B "C3'"  1 
ATOM   963  O "O3'"  . G   B 1 12 ? -0.469  -1.275  12.499  1.00 42.13 ? 12 G   B "O3'"  1 
ATOM   964  C "C2'"  . G   B 1 12 ? -0.567  0.247   10.611  1.00 42.38 ? 12 G   B "C2'"  1 
ATOM   965  O "O2'"  . G   B 1 12 ? -0.807  1.296   11.547  1.00 44.19 ? 12 G   B "O2'"  1 
ATOM   966  C "C1'"  . G   B 1 12 ? 0.494   0.694   9.636   1.00 39.95 ? 12 G   B "C1'"  1 
ATOM   967  N N9     . G   B 1 12 ? 0.379   -0.042  8.333   1.00 40.32 ? 12 G   B N9     1 
ATOM   968  C C8     . G   B 1 12 ? 1.055   -1.132  7.871   1.00 38.33 ? 12 G   B C8     1 
ATOM   969  N N7     . G   B 1 12 ? 0.733   -1.489  6.654   1.00 40.21 ? 12 G   B N7     1 
ATOM   970  C C5     . G   B 1 12 ? -0.198  -0.541  6.254   1.00 41.51 ? 12 G   B C5     1 
ATOM   971  C C6     . G   B 1 12 ? -0.940  -0.366  5.051   1.00 40.88 ? 12 G   B C6     1 
ATOM   972  O O6     . G   B 1 12 ? -0.865  -1.058  4.038   1.00 41.33 ? 12 G   B O6     1 
ATOM   973  N N1     . G   B 1 12 ? -1.807  0.727   5.119   1.00 41.00 ? 12 G   B N1     1 
ATOM   974  C C2     . G   B 1 12 ? -1.932  1.562   6.228   1.00 41.87 ? 12 G   B C2     1 
ATOM   975  N N2     . G   B 1 12 ? -2.753  2.641   6.303   1.00 42.83 ? 12 G   B N2     1 
ATOM   976  N N3     . G   B 1 12 ? -1.252  1.375   7.303   1.00 42.06 ? 12 G   B N3     1 
ATOM   977  C C4     . G   B 1 12 ? -0.410  0.339   7.278   1.00 41.38 ? 12 G   B C4     1 
ATOM   978  H "H5'"  . G   B 1 12 ? 3.507   -1.113  11.471  1.00 44.66 ? 12 G   B "H5'"  1 
ATOM   979  H "H5''" . G   B 1 12 ? 2.507   -2.035  12.306  1.00 44.66 ? 12 G   B "H5''" 1 
ATOM   980  H "H4'"  . G   B 1 12 ? 1.628   0.111   12.206  1.00 46.69 ? 12 G   B "H4'"  1 
ATOM   981  H "H3'"  . G   B 1 12 ? 0.090   -1.693  10.666  1.00 48.67 ? 12 G   B "H3'"  1 
ATOM   982  H "H2'"  . G   B 1 12 ? -1.388  -0.027  10.150  1.00 50.66 ? 12 G   B "H2'"  1 
ATOM   983  H "HO2'" . G   B 1 12 ? -1.199  2.060   11.076  1.00 52.83 ? 12 G   B "HO2'" 1 
ATOM   984  H "H1'"  . G   B 1 12 ? 0.413   1.657   9.479   1.00 47.74 ? 12 G   B "H1'"  1 
ATOM   985  H H8     . G   B 1 12 ? 1.716   -1.615  8.409   1.00 45.80 ? 12 G   B H8     1 
ATOM   986  H H1     . G   B 1 12 ? -2.325  0.915   4.344   1.00 49.00 ? 12 G   B H1     1 
ATOM   987  H H21    . G   B 1 12 ? -2.385  3.523   6.522   1.00 51.20 ? 12 G   B H21    1 
ATOM   988  H H22    . G   B 1 12 ? -3.715  2.539   6.141   1.00 51.20 ? 12 G   B H22    1 
ATOM   989  P P      . C   B 1 13 ? -1.458  -2.514  12.561  1.00 44.53 ? 13 C   B P      1 
ATOM   990  O OP1    . C   B 1 13 ? -1.526  -2.985  13.951  1.00 41.55 ? 13 C   B OP1    1 
ATOM   991  O OP2    . C   B 1 13 ? -0.976  -3.467  11.510  1.00 45.58 ? 13 C   B OP2    1 
ATOM   992  O "O5'"  . C   B 1 13 ? -2.871  -1.868  12.122  1.00 47.03 ? 13 C   B "O5'"  1 
ATOM   993  C "C5'"  . C   B 1 13 ? -3.345  -0.640  12.684  1.00 45.84 ? 13 C   B "C5'"  1 
ATOM   994  C "C4'"  . C   B 1 13 ? -4.352  0.074   11.781  1.00 47.17 ? 13 C   B "C4'"  1 
ATOM   995  O "O4'"  . C   B 1 13 ? -3.705  0.538   10.566  1.00 44.99 ? 13 C   B "O4'"  1 
ATOM   996  C "C3'"  . C   B 1 13 ? -5.517  -0.756  11.271  1.00 47.95 ? 13 C   B "C3'"  1 
ATOM   997  O "O3'"  . C   B 1 13 ? -6.546  -0.904  12.205  1.00 48.56 ? 13 C   B "O3'"  1 
ATOM   998  C "C2'"  . C   B 1 13 ? -5.945  -0.009  10.018  1.00 48.55 ? 13 C   B "C2'"  1 
ATOM   999  O "O2'"  . C   B 1 13 ? -6.721  1.158   10.330  1.00 45.71 ? 13 C   B "O2'"  1 
ATOM   1000 C "C1'"  . C   B 1 13 ? -4.589  0.407   9.466   1.00 45.79 ? 13 C   B "C1'"  1 
ATOM   1001 N N1     . C   B 1 13 ? -4.019  -0.626  8.495   1.00 44.65 ? 13 C   B N1     1 
ATOM   1002 C C2     . C   B 1 13 ? -4.473  -0.645  7.169   1.00 43.35 ? 13 C   B C2     1 
ATOM   1003 O O2     . C   B 1 13 ? -5.345  0.184   6.885   1.00 42.49 ? 13 C   B O2     1 
ATOM   1004 N N3     . C   B 1 13 ? -3.968  -1.541  6.255   1.00 42.65 ? 13 C   B N3     1 
ATOM   1005 C C4     . C   B 1 13 ? -3.069  -2.433  6.598   1.00 42.58 ? 13 C   B C4     1 
ATOM   1006 N N4     . C   B 1 13 ? -2.623  -3.249  5.662   1.00 43.36 ? 13 C   B N4     1 
ATOM   1007 C C5     . C   B 1 13 ? -2.577  -2.464  7.938   1.00 44.33 ? 13 C   B C5     1 
ATOM   1008 C C6     . C   B 1 13 ? -3.066  -1.556  8.828   1.00 44.05 ? 13 C   B C6     1 
ATOM   1009 H "H5'"  . C   B 1 13 ? -2.580  -0.047  12.838  1.00 54.81 ? 13 C   B "H5'"  1 
ATOM   1010 H "H5''" . C   B 1 13 ? -3.773  -0.832  13.545  1.00 54.81 ? 13 C   B "H5''" 1 
ATOM   1011 H "H4'"  . C   B 1 13 ? -4.708  0.850   12.262  1.00 56.40 ? 13 C   B "H4'"  1 
ATOM   1012 H "H3'"  . C   B 1 13 ? -5.189  -1.643  11.017  1.00 57.34 ? 13 C   B "H3'"  1 
ATOM   1013 H "H2'"  . C   B 1 13 ? -6.416  -0.600  9.394   1.00 58.06 ? 13 C   B "H2'"  1 
ATOM   1014 H "HO2'" . C   B 1 13 ? -6.197  1.957   10.115  1.00 54.65 ? 13 C   B "HO2'" 1 
ATOM   1015 H "H1'"  . C   B 1 13 ? -4.673  1.271   9.010   1.00 54.74 ? 13 C   B "H1'"  1 
ATOM   1016 H H41    . C   B 1 13 ? -2.034  -3.998  5.890   1.00 51.83 ? 13 C   B H41    1 
ATOM   1017 H H42    . C   B 1 13 ? -2.901  -3.084  4.707   1.00 51.83 ? 13 C   B H42    1 
ATOM   1018 H H5     . C   B 1 13 ? -1.882  -3.103  8.204   1.00 52.99 ? 13 C   B H5     1 
ATOM   1019 H H6     . C   B 1 13 ? -2.726  -1.570  9.746   1.00 52.65 ? 13 C   B H6     1 
ATOM   1020 P P      . U   B 1 14 ? -7.309  -2.313  12.310  1.00 56.05 ? 14 U   B P      1 
ATOM   1021 O OP1    . U   B 1 14 ? -7.853  -2.401  13.706  1.00 56.42 ? 14 U   B OP1    1 
ATOM   1022 O OP2    . U   B 1 14 ? -6.356  -3.364  11.855  1.00 54.35 ? 14 U   B OP2    1 
ATOM   1023 O "O5'"  . U   B 1 14 ? -8.494  -2.178  11.210  1.00 47.92 ? 14 U   B "O5'"  1 
ATOM   1024 C "C5'"  . U   B 1 14 ? -9.354  -1.050  11.172  1.00 47.14 ? 14 U   B "C5'"  1 
ATOM   1025 C "C4'"  . U   B 1 14 ? -10.048 -0.880  9.820   1.00 46.09 ? 14 U   B "C4'"  1 
ATOM   1026 O "O4'"  . U   B 1 14 ? -9.079  -0.609  8.784   1.00 48.00 ? 14 U   B "O4'"  1 
ATOM   1027 C "C3'"  . U   B 1 14 ? -10.799 -2.062  9.246   1.00 43.37 ? 14 U   B "C3'"  1 
ATOM   1028 O "O3'"  . U   B 1 14 ? -12.008 -2.358  9.905   1.00 41.85 ? 14 U   B "O3'"  1 
ATOM   1029 C "C2'"  . U   B 1 14 ? -11.005 -1.606  7.820   1.00 44.73 ? 14 U   B "C2'"  1 
ATOM   1030 O "O2'"  . U   B 1 14 ? -12.077 -0.681  7.736   1.00 43.35 ? 14 U   B "O2'"  1 
ATOM   1031 C "C1'"  . U   B 1 14 ? -9.678  -0.883  7.531   1.00 45.93 ? 14 U   B "C1'"  1 
ATOM   1032 N N1     . U   B 1 14 ? -8.758  -1.738  6.693   1.00 44.69 ? 14 U   B N1     1 
ATOM   1033 C C2     . U   B 1 14 ? -9.177  -1.787  5.341   1.00 45.19 ? 14 U   B C2     1 
ATOM   1034 O O2     . U   B 1 14 ? -10.171 -1.149  4.862   1.00 44.41 ? 14 U   B O2     1 
ATOM   1035 N N3     . U   B 1 14 ? -8.407  -2.623  4.560   1.00 43.21 ? 14 U   B N3     1 
ATOM   1036 C C4     . U   B 1 14 ? -7.294  -3.377  4.971   1.00 42.97 ? 14 U   B C4     1 
ATOM   1037 O O4     . U   B 1 14 ? -6.744  -4.059  4.077   1.00 43.29 ? 14 U   B O4     1 
ATOM   1038 C C5     . U   B 1 14 ? -6.935  -3.297  6.356   1.00 43.41 ? 14 U   B C5     1 
ATOM   1039 C C6     . U   B 1 14 ? -7.697  -2.499  7.145   1.00 45.15 ? 14 U   B C6     1 
ATOM   1040 H "H5'"  . U   B 1 14 ? -8.827  -0.244  11.360  1.00 56.36 ? 14 U   B "H5'"  1 
ATOM   1041 H "H5''" . U   B 1 14 ? -10.037 -1.149  11.867  1.00 56.36 ? 14 U   B "H5''" 1 
ATOM   1042 H "H4'"  . U   B 1 14 ? -10.662 -0.119  9.879   1.00 55.11 ? 14 U   B "H4'"  1 
ATOM   1043 H "H3'"  . U   B 1 14 ? -10.219 -2.853  9.255   1.00 51.84 ? 14 U   B "H3'"  1 
ATOM   1044 H "H2'"  . U   B 1 14 ? -11.137 -2.367  7.216   1.00 53.48 ? 14 U   B "H2'"  1 
ATOM   1045 H "HO2'" . U   B 1 14 ? -11.717 0.203   7.515   1.00 51.82 ? 14 U   B "HO2'" 1 
ATOM   1046 H "H1'"  . U   B 1 14 ? -9.859  -0.041  7.064   1.00 54.92 ? 14 U   B "H1'"  1 
ATOM   1047 H H3     . U   B 1 14 ? -8.643  -2.674  3.610   1.00 51.65 ? 14 U   B H3     1 
ATOM   1048 H H5     . U   B 1 14 ? -6.177  -3.802  6.718   1.00 51.90 ? 14 U   B H5     1 
ATOM   1049 H H6     . U   B 1 14 ? -7.461  -2.437  8.094   1.00 53.98 ? 14 U   B H6     1 
ATOM   1050 P P      . G   B 1 15 ? -12.534 -3.859  9.943   1.00 42.28 ? 15 G   B P      1 
ATOM   1051 O OP1    . G   B 1 15 ? -13.793 -3.871  10.683  1.00 45.62 ? 15 G   B OP1    1 
ATOM   1052 O OP2    . G   B 1 15 ? -11.413 -4.694  10.438  1.00 43.29 ? 15 G   B OP2    1 
ATOM   1053 O "O5'"  . G   B 1 15 ? -12.840 -4.177  8.384   1.00 39.94 ? 15 G   B "O5'"  1 
ATOM   1054 C "C5'"  . G   B 1 15 ? -13.904 -3.536  7.704   1.00 38.76 ? 15 G   B "C5'"  1 
ATOM   1055 C "C4'"  . G   B 1 15 ? -14.063 -4.006  6.268   1.00 38.59 ? 15 G   B "C4'"  1 
ATOM   1056 O "O4'"  . G   B 1 15 ? -12.968 -3.510  5.460   1.00 38.89 ? 15 G   B "O4'"  1 
ATOM   1057 C "C3'"  . G   B 1 15 ? -14.066 -5.520  6.026   1.00 36.97 ? 15 G   B "C3'"  1 
ATOM   1058 O "O3'"  . G   B 1 15 ? -15.336 -6.098  6.221   1.00 35.38 ? 15 G   B "O3'"  1 
ATOM   1059 C "C2'"  . G   B 1 15 ? -13.590 -5.622  4.576   1.00 36.87 ? 15 G   B "C2'"  1 
ATOM   1060 O "O2'"  . G   B 1 15 ? -14.640 -5.304  3.671   1.00 35.76 ? 15 G   B "O2'"  1 
ATOM   1061 C "C1'"  . G   B 1 15 ? -12.549 -4.508  4.537   1.00 38.72 ? 15 G   B "C1'"  1 
ATOM   1062 N N9     . G   B 1 15 ? -11.186 -5.016  4.938   1.00 40.79 ? 15 G   B N9     1 
ATOM   1063 C C8     . G   B 1 15 ? -10.556 -4.956  6.141   1.00 39.82 ? 15 G   B C8     1 
ATOM   1064 N N7     . G   B 1 15 ? -9.408  -5.583  6.149   1.00 41.41 ? 15 G   B N7     1 
ATOM   1065 C C5     . G   B 1 15 ? -9.239  -6.115  4.891   1.00 39.64 ? 15 G   B C5     1 
ATOM   1066 C C6     . G   B 1 15 ? -8.142  -6.874  4.343   1.00 38.91 ? 15 G   B C6     1 
ATOM   1067 O O6     . G   B 1 15 ? -7.081  -7.178  4.978   1.00 36.55 ? 15 G   B O6     1 
ATOM   1068 N N1     . G   B 1 15 ? -8.451  -7.240  2.968   1.00 36.37 ? 15 G   B N1     1 
ATOM   1069 C C2     . G   B 1 15 ? -9.622  -6.837  2.336   1.00 38.09 ? 15 G   B C2     1 
ATOM   1070 N N2     . G   B 1 15 ? -9.905  -7.175  1.051   1.00 36.89 ? 15 G   B N2     1 
ATOM   1071 N N3     . G   B 1 15 ? -10.597 -6.096  2.905   1.00 38.77 ? 15 G   B N3     1 
ATOM   1072 C C4     . G   B 1 15 ? -10.341 -5.789  4.162   1.00 38.41 ? 15 G   B C4     1 
ATOM   1073 H "H5'"  . G   B 1 15 ? -13.741 -2.570  7.703   1.00 46.32 ? 15 G   B "H5'"  1 
ATOM   1074 H "H5''" . G   B 1 15 ? -14.738 -3.714  8.187   1.00 46.32 ? 15 G   B "H5''" 1 
ATOM   1075 H "H4'"  . G   B 1 15 ? -14.899 -3.637  5.915   1.00 46.11 ? 15 G   B "H4'"  1 
ATOM   1076 H "H3'"  . G   B 1 15 ? -13.412 -5.950  6.618   1.00 44.16 ? 15 G   B "H3'"  1 
ATOM   1077 H "H2'"  . G   B 1 15 ? -13.191 -6.496  4.384   1.00 44.04 ? 15 G   B "H2'"  1 
ATOM   1078 H "HO2'" . G   B 1 15 ? -15.166 -4.564  4.040   1.00 42.71 ? 15 G   B "HO2'" 1 
ATOM   1079 H "H1'"  . G   B 1 15 ? -12.508 -4.126  3.635   1.00 46.26 ? 15 G   B "H1'"  1 
ATOM   1080 H H8     . G   B 1 15 ? -10.915 -4.477  6.916   1.00 47.58 ? 15 G   B H8     1 
ATOM   1081 H H1     . G   B 1 15 ? -7.796  -7.752  2.460   1.00 43.44 ? 15 G   B H1     1 
ATOM   1082 H H21    . G   B 1 15 ? -10.789 -6.977  0.676   1.00 44.07 ? 15 G   B H21    1 
ATOM   1083 H H22    . G   B 1 15 ? -9.226  -7.616  0.500   1.00 44.07 ? 15 G   B H22    1 
ATOM   1084 P P      . G   B 1 16 ? -15.497 -7.618  6.742   1.00 34.96 ? 16 G   B P      1 
ATOM   1085 O OP1    . G   B 1 16 ? -16.938 -7.818  6.952   1.00 36.30 ? 16 G   B OP1    1 
ATOM   1086 O OP2    . G   B 1 16 ? -14.570 -7.819  7.881   1.00 34.51 ? 16 G   B OP2    1 
ATOM   1087 O "O5'"  . G   B 1 16 ? -15.004 -8.496  5.489   1.00 34.90 ? 16 G   B "O5'"  1 
ATOM   1088 C "C5'"  . G   B 1 16 ? -15.605 -8.326  4.254   1.00 33.33 ? 16 G   B "C5'"  1 
ATOM   1089 C "C4'"  . G   B 1 16 ? -15.066 -9.270  3.275   1.00 33.52 ? 16 G   B "C4'"  1 
ATOM   1090 O "O4'"  . G   B 1 16 ? -13.855 -8.725  2.688   1.00 35.09 ? 16 G   B "O4'"  1 
ATOM   1091 C "C3'"  . G   B 1 16 ? -14.655 -10.627 3.822   1.00 31.92 ? 16 G   B "C3'"  1 
ATOM   1092 O "O3'"  . G   B 1 16 ? -15.753 -11.500 3.962   1.00 29.71 ? 16 G   B "O3'"  1 
ATOM   1093 C "C2'"  . G   B 1 16 ? -13.678 -11.073 2.760   1.00 33.50 ? 16 G   B "C2'"  1 
ATOM   1094 O "O2'"  . G   B 1 16 ? -14.370 -11.458 1.576   1.00 31.97 ? 16 G   B "O2'"  1 
ATOM   1095 C "C1'"  . G   B 1 16 ? -12.933 -9.766  2.486   1.00 33.52 ? 16 G   B "C1'"  1 
ATOM   1096 N N9     . G   B 1 16 ? -11.811 -9.616  3.436   1.00 35.38 ? 16 G   B N9     1 
ATOM   1097 C C8     . G   B 1 16 ? -11.770 -8.917  4.652   1.00 36.24 ? 16 G   B C8     1 
ATOM   1098 N N7     . G   B 1 16 ? -10.631 -9.063  5.252   1.00 36.73 ? 16 G   B N7     1 
ATOM   1099 C C5     . G   B 1 16 ? -9.890  -9.907  4.391   1.00 36.05 ? 16 G   B C5     1 
ATOM   1100 C C6     . G   B 1 16 ? -8.564  -10.422 4.542   1.00 37.51 ? 16 G   B C6     1 
ATOM   1101 O O6     . G   B 1 16 ? -7.867  -10.130 5.565   1.00 37.09 ? 16 G   B O6     1 
ATOM   1102 N N1     . G   B 1 16 ? -8.126  -11.282 3.434   1.00 35.76 ? 16 G   B N1     1 
ATOM   1103 C C2     . G   B 1 16 ? -8.948  -11.637 2.322   1.00 36.65 ? 16 G   B C2     1 
ATOM   1104 N N2     . G   B 1 16 ? -8.432  -12.462 1.324   1.00 31.52 ? 16 G   B N2     1 
ATOM   1105 N N3     . G   B 1 16 ? -10.222 -11.091 2.215   1.00 34.35 ? 16 G   B N3     1 
ATOM   1106 C C4     . G   B 1 16 ? -10.590 -10.268 3.264   1.00 35.07 ? 16 G   B C4     1 
ATOM   1107 H "H5'"  . G   B 1 16 ? -15.443 -7.412  3.942   1.00 39.79 ? 16 G   B "H5'"  1 
ATOM   1108 H "H5''" . G   B 1 16 ? -16.569 -8.471  4.343   1.00 39.79 ? 16 G   B "H5''" 1 
ATOM   1109 H "H4'"  . G   B 1 16 ? -15.730 -9.402  2.566   1.00 40.03 ? 16 G   B "H4'"  1 
ATOM   1110 H "H3'"  . G   B 1 16 ? -14.195 -10.518 4.681   1.00 38.10 ? 16 G   B "H3'"  1 
ATOM   1111 H "H2'"  . G   B 1 16 ? -13.077 -11.775 3.086   1.00 39.99 ? 16 G   B "H2'"  1 
ATOM   1112 H "HO2'" . G   B 1 16 ? -13.720 -11.782 0.917   1.00 38.16 ? 16 G   B "HO2'" 1 
ATOM   1113 H "H1'"  . G   B 1 16 ? -12.603 -9.752  1.564   1.00 40.03 ? 16 G   B "H1'"  1 
ATOM   1114 H H8     . G   B 1 16 ? -12.508 -8.372  4.998   1.00 43.29 ? 16 G   B H8     1 
ATOM   1115 H H1     . G   B 1 16 ? -7.228  -11.671 3.485   1.00 42.71 ? 16 G   B H1     1 
ATOM   1116 H H21    . G   B 1 16 ? -7.532  -12.838 1.416   1.00 37.62 ? 16 G   B H21    1 
ATOM   1117 H H22    . G   B 1 16 ? -8.969  -12.666 0.530   1.00 37.62 ? 16 G   B H22    1 
ATOM   1118 P P      . U   B 1 17 ? -15.761 -12.712 5.042   1.00 30.97 ? 17 U   B P      1 
ATOM   1119 O OP1    . U   B 1 17 ? -17.033 -13.368 4.901   1.00 31.60 ? 17 U   B OP1    1 
ATOM   1120 O OP2    . U   B 1 17 ? -15.389 -12.166 6.363   1.00 28.72 ? 17 U   B OP2    1 
ATOM   1121 O "O5'"  . U   B 1 17 ? -14.596 -13.697 4.486   1.00 30.92 ? 17 U   B "O5'"  1 
ATOM   1122 C "C5'"  . U   B 1 17 ? -14.841 -14.604 3.400   1.00 28.48 ? 17 U   B "C5'"  1 
ATOM   1123 C "C4'"  . U   B 1 17 ? -13.569 -15.323 2.986   1.00 30.46 ? 17 U   B "C4'"  1 
ATOM   1124 O "O4'"  . U   B 1 17 ? -12.489 -14.361 2.789   1.00 30.12 ? 17 U   B "O4'"  1 
ATOM   1125 C "C3'"  . U   B 1 17 ? -12.967 -16.296 4.017   1.00 28.91 ? 17 U   B "C3'"  1 
ATOM   1126 O "O3'"  . U   B 1 17 ? -13.625 -17.540 4.050   1.00 27.51 ? 17 U   B "O3'"  1 
ATOM   1127 C "C2'"  . U   B 1 17 ? -11.544 -16.397 3.566   1.00 28.73 ? 17 U   B "C2'"  1 
ATOM   1128 O "O2'"  . U   B 1 17 ? -11.465 -17.169 2.417   1.00 27.62 ? 17 U   B "O2'"  1 
ATOM   1129 C "C1'"  . U   B 1 17 ? -11.259 -14.966 3.167   1.00 31.46 ? 17 U   B "C1'"  1 
ATOM   1130 N N1     . U   B 1 17 ? -10.706 -14.230 4.268   1.00 33.49 ? 17 U   B N1     1 
ATOM   1131 C C2     . U   B 1 17 ? -9.350  -14.189 4.459   1.00 34.14 ? 17 U   B C2     1 
ATOM   1132 O O2     . U   B 1 17 ? -8.603  -14.803 3.754   1.00 34.03 ? 17 U   B O2     1 
ATOM   1133 N N3     . U   B 1 17 ? -8.967  -13.477 5.579   1.00 34.93 ? 17 U   B N3     1 
ATOM   1134 C C4     . U   B 1 17 ? -9.796  -12.764 6.462   1.00 36.49 ? 17 U   B C4     1 
ATOM   1135 O O4     . U   B 1 17 ? -9.389  -12.088 7.449   1.00 38.95 ? 17 U   B O4     1 
ATOM   1136 C C5     . U   B 1 17 ? -11.192 -12.858 6.173   1.00 34.94 ? 17 U   B C5     1 
ATOM   1137 C C6     . U   B 1 17 ? -11.581 -13.595 5.129   1.00 34.14 ? 17 U   B C6     1 
ATOM   1138 H "H5'"  . U   B 1 17 ? -15.189 -14.101 2.634   1.00 33.98 ? 17 U   B "H5'"  1 
ATOM   1139 H "H5''" . U   B 1 17 ? -15.508 -15.266 3.678   1.00 33.98 ? 17 U   B "H5''" 1 
ATOM   1140 H "H4'"  . U   B 1 17 ? -13.730 -15.803 2.148   1.00 36.35 ? 17 U   B "H4'"  1 
ATOM   1141 H "H3'"  . U   B 1 17 ? -12.998 -15.887 4.908   1.00 34.50 ? 17 U   B "H3'"  1 
ATOM   1142 H "H2'"  . U   B 1 17 ? -10.947 -16.713 4.276   1.00 34.27 ? 17 U   B "H2'"  1 
ATOM   1143 H "HO2'" . U   B 1 17 ? -11.647 -18.104 2.648   1.00 32.94 ? 17 U   B "HO2'" 1 
ATOM   1144 H "H1'"  . U   B 1 17 ? -10.635 -14.951 2.411   1.00 37.55 ? 17 U   B "H1'"  1 
ATOM   1145 H H3     . U   B 1 17 ? -8.023  -13.426 5.722   1.00 41.72 ? 17 U   B H3     1 
ATOM   1146 H H5     . U   B 1 17 ? -11.851 -12.405 6.738   1.00 41.73 ? 17 U   B H5     1 
ATOM   1147 H H6     . U   B 1 17 ? -12.538 -13.633 4.924   1.00 40.77 ? 17 U   B H6     1 
ATOM   1148 P P      . C   B 1 18 ? -13.624 -18.384 5.396   1.00 25.75 ? 18 C   B P      1 
ATOM   1149 O OP1    . C   B 1 18 ? -14.505 -19.564 5.162   1.00 28.58 ? 18 C   B OP1    1 
ATOM   1150 O OP2    . C   B 1 18 ? -13.933 -17.420 6.487   1.00 27.93 ? 18 C   B OP2    1 
ATOM   1151 O "O5'"  . C   B 1 18 ? -12.116 -18.880 5.503   1.00 27.25 ? 18 C   B "O5'"  1 
ATOM   1152 C "C5'"  . C   B 1 18 ? -11.659 -19.933 4.648   1.00 27.82 ? 18 C   B "C5'"  1 
ATOM   1153 C "C4'"  . C   B 1 18 ? -10.193 -20.097 4.726   1.00 27.59 ? 18 C   B "C4'"  1 
ATOM   1154 O "O4'"  . C   B 1 18 ? -9.557  -18.805 4.598   1.00 28.57 ? 18 C   B "O4'"  1 
ATOM   1155 C "C3'"  . C   B 1 18 ? -9.658  -20.592 6.053   1.00 27.33 ? 18 C   B "C3'"  1 
ATOM   1156 O "O3'"  . C   B 1 18 ? -9.876  -21.967 6.259   1.00 26.95 ? 18 C   B "O3'"  1 
ATOM   1157 C "C2'"  . C   B 1 18 ? -8.199  -20.221 5.924   1.00 30.36 ? 18 C   B "C2'"  1 
ATOM   1158 O "O2'"  . C   B 1 18 ? -7.502  -21.115 5.048   1.00 27.65 ? 18 C   B "O2'"  1 
ATOM   1159 C "C1'"  . C   B 1 18 ? -8.318  -18.835 5.262   1.00 29.58 ? 18 C   B "C1'"  1 
ATOM   1160 N N1     . C   B 1 18 ? -8.282  -17.758 6.278   1.00 32.21 ? 18 C   B N1     1 
ATOM   1161 C C2     . C   B 1 18 ? -7.047  -17.568 6.976   1.00 32.95 ? 18 C   B C2     1 
ATOM   1162 O O2     . C   B 1 18 ? -6.030  -18.187 6.757   1.00 31.68 ? 18 C   B O2     1 
ATOM   1163 N N3     . C   B 1 18 ? -6.960  -16.618 7.914   1.00 35.10 ? 18 C   B N3     1 
ATOM   1164 C C4     . C   B 1 18 ? -8.026  -15.857 8.243   1.00 35.97 ? 18 C   B C4     1 
ATOM   1165 N N4     . C   B 1 18 ? -7.764  -14.972 9.248   1.00 38.53 ? 18 C   B N4     1 
ATOM   1166 C C5     . C   B 1 18 ? -9.326  -16.006 7.598   1.00 32.93 ? 18 C   B C5     1 
ATOM   1167 C C6     . C   B 1 18 ? -9.395  -16.974 6.647   1.00 32.35 ? 18 C   B C6     1 
ATOM   1168 H "H5'"  . C   B 1 18 ? -11.909 -19.725 3.724   1.00 33.19 ? 18 C   B "H5'"  1 
ATOM   1169 H "H5''" . C   B 1 18 ? -12.089 -20.771 4.915   1.00 33.19 ? 18 C   B "H5''" 1 
ATOM   1170 H "H4'"  . C   B 1 18 ? -9.888  -20.687 4.005   1.00 32.90 ? 18 C   B "H4'"  1 
ATOM   1171 H "H3'"  . C   B 1 18 ? -10.064 -20.080 6.783   1.00 32.60 ? 18 C   B "H3'"  1 
ATOM   1172 H "H2'"  . C   B 1 18 ? -7.766  -20.161 6.802   1.00 36.23 ? 18 C   B "H2'"  1 
ATOM   1173 H "HO2'" . C   B 1 18 ? -7.431  -21.993 5.478   1.00 32.98 ? 18 C   B "HO2'" 1 
ATOM   1174 H "H1'"  . C   B 1 18 ? -7.591  -18.709 4.616   1.00 35.30 ? 18 C   B "H1'"  1 
ATOM   1175 H H41    . C   B 1 18 ? -8.468  -14.369 9.566   1.00 46.04 ? 18 C   B H41    1 
ATOM   1176 H H42    . C   B 1 18 ? -6.870  -14.938 9.651   1.00 46.04 ? 18 C   B H42    1 
ATOM   1177 H H5     . C   B 1 18 ? -10.099 -15.456 7.845   1.00 39.31 ? 18 C   B H5     1 
ATOM   1178 H H6     . C   B 1 18 ? -10.243 -17.110 6.177   1.00 38.62 ? 18 C   B H6     1 
ATOM   1179 P P      . C   B 1 19 ? -10.091 -22.529 7.746   1.00 29.07 ? 19 C   B P      1 
ATOM   1180 O OP1    . C   B 1 19 ? -10.620 -23.895 7.650   1.00 24.40 ? 19 C   B OP1    1 
ATOM   1181 O OP2    . C   B 1 19 ? -10.887 -21.516 8.484   1.00 28.22 ? 19 C   B OP2    1 
ATOM   1182 O "O5'"  . C   B 1 19 ? -8.582  -22.583 8.280   1.00 28.25 ? 19 C   B "O5'"  1 
ATOM   1183 C "C5'"  . C   B 1 19 ? -7.622  -23.397 7.632   1.00 29.39 ? 19 C   B "C5'"  1 
ATOM   1184 C "C4'"  . C   B 1 19 ? -6.232  -23.081 8.096   1.00 33.08 ? 19 C   B "C4'"  1 
ATOM   1185 O "O4'"  . C   B 1 19 ? -5.956  -21.661 7.951   1.00 32.28 ? 19 C   B "O4'"  1 
ATOM   1186 C "C3'"  . C   B 1 19 ? -5.956  -23.357 9.543   1.00 35.32 ? 19 C   B "C3'"  1 
ATOM   1187 O "O3'"  . C   B 1 19 ? -5.710  -24.717 9.780   1.00 33.98 ? 19 C   B "O3'"  1 
ATOM   1188 C "C2'"  . C   B 1 19 ? -4.771  -22.439 9.842   1.00 36.01 ? 19 C   B "C2'"  1 
ATOM   1189 O "O2'"  . C   B 1 19 ? -3.554  -23.012 9.393   1.00 33.59 ? 19 C   B "O2'"  1 
ATOM   1190 C "C1'"  . C   B 1 19 ? -5.111  -21.223 8.980   1.00 33.60 ? 19 C   B "C1'"  1 
ATOM   1191 N N1     . C   B 1 19 ? -5.827  -20.147 9.740   1.00 34.35 ? 19 C   B N1     1 
ATOM   1192 C C2     . C   B 1 19 ? -5.169  -19.311 10.660  1.00 37.13 ? 19 C   B C2     1 
ATOM   1193 O O2     . C   B 1 19 ? -3.946  -19.456 10.863  1.00 36.36 ? 19 C   B O2     1 
ATOM   1194 N N3     . C   B 1 19 ? -5.894  -18.361 11.316  1.00 38.02 ? 19 C   B N3     1 
ATOM   1195 C C4     . C   B 1 19 ? -7.215  -18.181 11.119  1.00 39.11 ? 19 C   B C4     1 
ATOM   1196 N N4     . C   B 1 19 ? -7.897  -17.210 11.800  1.00 41.09 ? 19 C   B N4     1 
ATOM   1197 C C5     . C   B 1 19 ? -7.903  -19.027 10.212  1.00 35.03 ? 19 C   B C5     1 
ATOM   1198 C C6     . C   B 1 19 ? -7.168  -19.967 9.603   1.00 34.02 ? 19 C   B C6     1 
ATOM   1199 H "H5'"  . C   B 1 19 ? -7.678  -23.249 6.665   1.00 35.07 ? 19 C   B "H5'"  1 
ATOM   1200 H "H5''" . C   B 1 19 ? -7.817  -24.338 7.825   1.00 35.07 ? 19 C   B "H5''" 1 
ATOM   1201 H "H4'"  . C   B 1 19 ? -5.593  -23.584 7.549   1.00 39.50 ? 19 C   B "H4'"  1 
ATOM   1202 H "H3'"  . C   B 1 19 ? -6.727  -23.071 10.077  1.00 42.19 ? 19 C   B "H3'"  1 
ATOM   1203 H "HO3'" . C   B 1 19 ? -5.733  -25.355 9.036   1.00 40.58 ? 19 C   B "HO3'" 1 
ATOM   1204 H "H2'"  . C   B 1 19 ? -4.732  -22.204 10.793  1.00 43.01 ? 19 C   B "H2'"  1 
ATOM   1205 H "HO2'" . C   B 1 19 ? -3.216  -22.492 8.634   1.00 40.11 ? 19 C   B "HO2'" 1 
ATOM   1206 H "H1'"  . C   B 1 19 ? -4.288  -20.857 8.594   1.00 40.12 ? 19 C   B "H1'"  1 
ATOM   1207 H H41    . C   B 1 19 ? -8.832  -17.357 12.053  1.00 49.10 ? 19 C   B H41    1 
ATOM   1208 H H42    . C   B 1 19 ? -7.452  -16.370 12.035  1.00 49.10 ? 19 C   B H42    1 
ATOM   1209 H H5     . C   B 1 19 ? -8.864  -18.934 10.045  1.00 41.84 ? 19 C   B H5     1 
ATOM   1210 H H6     . C   B 1 19 ? -7.628  -20.538 8.953   1.00 40.62 ? 19 C   B H6     1 
HETATM 1211 O O      . HOH C 2 .  ? 4.417   -14.498 15.451  0.33 27.20 ? 20 HOH A O      1 
HETATM 1212 O O      . HOH C 2 .  ? -1.961  -0.950  -0.839  1.00 38.14 ? 21 HOH A O      1 
HETATM 1213 O O      . HOH C 2 .  ? 12.700  12.405  -0.823  1.00 25.83 ? 22 HOH A O      1 
HETATM 1214 O O      . HOH C 2 .  ? -11.002 2.960   -2.633  1.00 34.20 ? 23 HOH A O      1 
HETATM 1215 O O      . HOH C 2 .  ? 4.709   11.735  -23.097 0.33 25.35 ? 24 HOH A O      1 
HETATM 1216 O O      . HOH C 2 .  ? -7.371  -9.394  -6.469  0.33 44.18 ? 25 HOH A O      1 
HETATM 1217 O O      . HOH C 2 .  ? 5.554   -12.509 13.886  0.33 28.85 ? 26 HOH A O      1 
HETATM 1218 O O      . HOH C 2 .  ? 4.514   4.371   8.149   1.00 29.27 ? 27 HOH A O      1 
HETATM 1219 O O      . HOH C 2 .  ? 1.112   -8.456  15.190  1.00 33.83 ? 28 HOH A O      1 
HETATM 1220 O O      . HOH C 2 .  ? -10.226 -10.199 -1.136  1.00 30.51 ? 29 HOH A O      1 
HETATM 1221 O O      . HOH C 2 .  ? 14.135  3.509   -14.116 1.00 29.52 ? 30 HOH A O      1 
HETATM 1222 O O      . HOH C 2 .  ? 5.979   13.957  -24.845 0.33 30.57 ? 31 HOH A O      1 
HETATM 1223 O O      . HOH C 2 .  ? -10.188 -3.250  -5.358  1.00 37.36 ? 32 HOH A O      1 
HETATM 1224 O O      . HOH C 2 .  ? 10.940  12.173  5.792   1.00 30.00 ? 33 HOH A O      1 
HETATM 1225 O O      . HOH C 2 .  ? 10.776  13.100  -15.678 1.00 35.68 ? 34 HOH A O      1 
HETATM 1226 O O      . HOH C 2 .  ? -3.186  -18.994 5.030   1.00 38.28 ? 35 HOH A O      1 
HETATM 1227 O O      . HOH C 2 .  ? 2.069   -17.838 2.389   1.00 33.92 ? 36 HOH A O      1 
HETATM 1228 O O      . HOH C 2 .  ? 16.387  6.440   -1.026  0.33 25.20 ? 37 HOH A O      1 
HETATM 1229 O O      . HOH C 2 .  ? 0.313   0.912   -1.404  1.00 39.35 ? 38 HOH A O      1 
HETATM 1230 O O      . HOH C 2 .  ? -6.031  -7.051  -8.313  0.33 30.21 ? 39 HOH A O      1 
HETATM 1231 O O      . HOH C 2 .  ? 17.553  8.478   -2.630  0.33 27.67 ? 41 HOH A O      1 
HETATM 1232 O O      . HOH C 2 .  ? 4.443   -11.629 3.254   1.00 37.22 ? 42 HOH A O      1 
HETATM 1233 O O      . HOH C 2 .  ? -1.727  -4.945  -3.288  1.00 45.89 ? 44 HOH A O      1 
HETATM 1234 O O      . HOH C 2 .  ? -9.559  -11.782 19.007  1.00 35.67 ? 45 HOH A O      1 
HETATM 1235 O O      . HOH C 2 .  ? 11.617  10.418  -13.721 1.00 33.82 ? 46 HOH A O      1 
HETATM 1236 O O      . HOH C 2 .  ? 14.058  13.824  -2.156  1.00 52.34 ? 47 HOH A O      1 
HETATM 1237 O O      . HOH D 2 .  ? -3.549  -26.175 8.399   1.00 32.24 ? 20 HOH B O      1 
HETATM 1238 O O      . HOH D 2 .  ? -1.191  1.416   -14.976 0.33 26.72 ? 21 HOH B O      1 
HETATM 1239 O O      . HOH D 2 .  ? 2.685   -1.515  -1.375  1.00 47.21 ? 22 HOH B O      1 
HETATM 1240 O O      . HOH D 2 .  ? -16.744 -17.297 7.135   1.00 23.15 ? 23 HOH B O      1 
HETATM 1241 O O      . HOH D 2 .  ? 8.865   -5.148  -8.301  1.00 35.94 ? 24 HOH B O      1 
HETATM 1242 O O      . HOH D 2 .  ? 10.540  -3.788  7.023   0.33 24.22 ? 25 HOH B O      1 
HETATM 1243 O O      . HOH D 2 .  ? -16.583 -19.406 7.847   1.00 33.57 ? 26 HOH B O      1 
HETATM 1244 O O      . HOH D 2 .  ? 0.534   24.549  -4.445  0.33 28.76 ? 27 HOH B O      1 
HETATM 1245 O O      . HOH D 2 .  ? -14.358 -21.616 3.148   0.33 26.99 ? 28 HOH B O      1 
HETATM 1246 O O      . HOH D 2 .  ? -13.162 -19.523 1.501   0.33 40.98 ? 29 HOH B O      1 
HETATM 1247 O O      . HOH D 2 .  ? 9.466   -5.666  8.501   0.33 18.69 ? 30 HOH B O      1 
HETATM 1248 O O      . HOH D 2 .  ? 6.341   -1.205  12.064  1.00 33.69 ? 31 HOH B O      1 
HETATM 1249 O O      . HOH D 2 .  ? -1.817  3.193   -7.328  1.00 34.91 ? 32 HOH B O      1 
HETATM 1250 O O      . HOH D 2 .  ? -4.550  3.722   -9.344  1.00 29.06 ? 33 HOH B O      1 
HETATM 1251 O O      . HOH D 2 .  ? -0.677  22.432  -2.779  0.33 23.64 ? 34 HOH B O      1 
HETATM 1252 O O      . HOH D 2 .  ? -2.273  -0.477  -13.487 0.33 34.19 ? 35 HOH B O      1 
HETATM 1253 O O      . HOH D 2 .  ? 3.281   -6.836  4.862   1.00 37.14 ? 36 HOH B O      1 
HETATM 1254 O O      . HOH D 2 .  ? -12.138 -4.289  1.042   1.00 35.72 ? 37 HOH B O      1 
HETATM 1255 O O      . HOH D 2 .  ? 2.452   11.514  -8.841  1.00 46.01 ? 39 HOH B O      1 
HETATM 1256 O O      . HOH D 2 .  ? -0.428  16.756  -15.722 1.00 39.46 ? 40 HOH B O      1 
HETATM 1257 O O      . HOH D 2 .  ? -6.907  7.887   -9.346  1.00 50.21 ? 43 HOH B O      1 
HETATM 1258 O O      . HOH D 2 .  ? 3.461   4.877   -15.678 1.00 38.02 ? 48 HOH B O      1 
# 
